data_5L05
#
_entry.id   5L05
#
_cell.length_a   100.940
_cell.length_b   115.620
_cell.length_c   175.200
_cell.angle_alpha   90.00
_cell.angle_beta   90.00
_cell.angle_gamma   90.00
#
_symmetry.space_group_name_H-M   'P 21 21 21'
#
loop_
_entity.id
_entity.type
_entity.pdbx_description
1 polymer Catalase-peroxidase
2 non-polymer 'Peroxidized Heme Form 2'
3 non-polymer 'SODIUM ION'
4 non-polymer 'OXYGEN MOLECULE'
5 non-polymer (4S)-2-METHYL-2,4-PENTANEDIOL
6 water water
#
_entity_poly.entity_id   1
_entity_poly.type   'polypeptide(L)'
_entity_poly.pdbx_seq_one_letter_code
;MSNEAKCPFHQAAGNGTSNRDWWPNQLDLSILHRHSSLSDPMGKDFNYAQAFEKLDLAAVKRDLHALMTTSQDWWPADFG
HYGGLFIRMAWHSAGTYRTADGRGGAGEGQQRFAPLNSWPDNANLDKARRLLWPIKQKYGRAISWADLLILTGNVALESM
GFKTFGFAGGRADTWEPEDVYWGSEKIWLELSGGPNSRYSGDRQLENPLAAVQMGLIYVNPEGPDGNPDPVAAARDIRDT
FARMAMNDEETVALIAGGHTFGKTHGAGPASNVGAEPEAAGIEAQGLGWKSAYRTGKGADAITSGLEVTWTTTPTQWSHN
FFENLFGYEWELTKSPAGAHQWVAKGADAVIPDAFDPSKKHRPTMLTTDLSLRFDPAYEKISRRFHENPEQFADAFARAW
FKLTHRDMGPRARYLGPEVPAEVLLWQDPIPAVDHPLIDAADAAELKAKVLASGLTVSQLVSTAWAAASTFRGSDKRGGA
NGARIRLAPQKDWEANQPEQLAAVLETLEAIRTAFNGAQRGGKQVSLADLIVLAGCAGVEQAAKNAGHAVTVPFAPGRAD
ASQEQTDVESMAVLEPVADGFRNYLKGKYRVPAEVLLVDKAQLLTLSAPEMTVLLGGLRVLGANVGQSRHGVFTAREQAL
TNDFFVNLLDMGTEWKPTAADADVFEGRDRATGELKWTGTRVDLVFGSHSQLRALAEVYGSADAQEKFVRDFVAVWNKVM
NLDRFDLA
;
_entity_poly.pdbx_strand_id   A,B
#
# COMPACT_ATOMS: atom_id res chain seq x y z
N GLY A 16 6.67 -14.93 5.67
CA GLY A 16 5.38 -15.24 4.97
C GLY A 16 5.58 -15.06 3.46
N THR A 17 5.09 -15.98 2.65
CA THR A 17 5.23 -15.88 1.22
C THR A 17 4.11 -14.93 0.73
N SER A 18 4.44 -14.05 -0.20
CA SER A 18 3.57 -12.99 -0.64
C SER A 18 3.24 -13.15 -2.12
N ASN A 19 2.23 -12.39 -2.61
CA ASN A 19 1.95 -12.45 -4.06
C ASN A 19 3.13 -12.14 -4.96
N ARG A 20 3.90 -11.14 -4.52
CA ARG A 20 5.17 -10.79 -5.28
C ARG A 20 6.16 -11.95 -5.37
N ASP A 21 6.20 -12.80 -4.37
CA ASP A 21 7.06 -13.98 -4.38
C ASP A 21 6.54 -14.96 -5.46
N TRP A 22 5.18 -15.23 -5.43
CA TRP A 22 4.64 -16.24 -6.35
C TRP A 22 4.65 -15.78 -7.85
N TRP A 23 4.39 -14.50 -8.09
CA TRP A 23 4.17 -13.93 -9.42
C TRP A 23 5.06 -12.67 -9.49
N PRO A 24 6.36 -12.88 -9.62
CA PRO A 24 7.27 -11.74 -9.47
C PRO A 24 7.17 -10.78 -10.63
N ASN A 25 6.59 -11.15 -11.74
CA ASN A 25 6.53 -10.24 -12.85
C ASN A 25 5.20 -9.56 -13.02
N GLN A 26 4.27 -9.70 -12.09
CA GLN A 26 2.83 -9.31 -12.30
C GLN A 26 2.91 -7.83 -11.93
N LEU A 27 1.94 -7.07 -12.35
CA LEU A 27 2.03 -5.59 -12.37
C LEU A 27 1.77 -5.14 -10.96
N ASP A 28 2.43 -4.09 -10.48
CA ASP A 28 2.13 -3.57 -9.15
C ASP A 28 1.30 -2.29 -9.02
N LEU A 29 0.01 -2.41 -8.65
CA LEU A 29 -0.84 -1.32 -8.59
C LEU A 29 -0.71 -0.54 -7.28
N SER A 30 0.04 -1.10 -6.27
CA SER A 30 0.14 -0.39 -4.94
CA SER A 30 0.19 -0.41 -4.95
C SER A 30 0.81 0.99 -5.11
N ILE A 31 1.66 1.11 -6.16
CA ILE A 31 2.30 2.41 -6.41
C ILE A 31 1.26 3.52 -6.67
N LEU A 32 0.06 3.19 -7.11
CA LEU A 32 -0.95 4.18 -7.34
C LEU A 32 -1.77 4.58 -6.10
N HIS A 33 -1.56 3.84 -5.01
CA HIS A 33 -2.45 4.02 -3.82
C HIS A 33 -1.62 4.40 -2.53
N ARG A 34 -0.49 5.02 -2.73
CA ARG A 34 0.28 5.63 -1.60
C ARG A 34 -0.24 6.97 -1.25
N HIS A 35 0.24 7.54 -0.15
CA HIS A 35 -0.17 8.88 0.25
C HIS A 35 -1.63 8.91 0.57
N SER A 36 -2.24 7.80 1.03
CA SER A 36 -3.66 7.90 1.46
C SER A 36 -3.72 8.71 2.70
N SER A 37 -4.90 9.23 2.93
CA SER A 37 -5.11 10.04 4.08
C SER A 37 -4.90 9.10 5.33
N LEU A 38 -4.98 7.77 5.16
CA LEU A 38 -4.77 6.83 6.29
C LEU A 38 -3.36 6.95 6.92
N SER A 39 -2.34 7.06 6.10
CA SER A 39 -0.99 6.98 6.51
C SER A 39 -0.51 8.38 7.04
N ASP A 40 -1.28 9.42 6.81
CA ASP A 40 -0.80 10.80 7.10
C ASP A 40 -1.25 11.21 8.48
N PRO A 41 -0.38 11.59 9.42
CA PRO A 41 -0.79 11.93 10.73
C PRO A 41 -1.44 13.31 10.84
N MET A 42 -1.38 14.12 9.80
CA MET A 42 -1.88 15.47 9.92
C MET A 42 -3.35 15.45 9.60
N GLY A 43 -4.06 16.39 10.05
CA GLY A 43 -5.58 16.23 9.71
C GLY A 43 -5.91 16.30 8.21
N LYS A 44 -7.15 15.89 7.79
CA LYS A 44 -7.36 15.91 6.33
C LYS A 44 -7.37 17.39 5.81
N ASP A 45 -7.60 18.33 6.69
CA ASP A 45 -7.62 19.71 6.24
C ASP A 45 -6.25 20.43 6.35
N PHE A 46 -5.22 19.74 6.83
CA PHE A 46 -3.92 20.41 6.98
C PHE A 46 -3.39 21.00 5.68
N ASN A 47 -3.00 22.22 5.75
CA ASN A 47 -2.42 22.91 4.57
C ASN A 47 -1.01 23.41 5.00
N TYR A 48 -0.03 22.69 4.46
CA TYR A 48 1.41 23.08 4.85
C TYR A 48 1.72 24.50 4.52
N ALA A 49 1.32 24.95 3.33
CA ALA A 49 1.64 26.38 3.00
C ALA A 49 1.10 27.39 3.98
N GLN A 50 -0.10 27.18 4.47
CA GLN A 50 -0.69 28.05 5.51
C GLN A 50 0.16 28.04 6.79
N ALA A 51 0.66 26.85 7.20
CA ALA A 51 1.52 26.77 8.37
C ALA A 51 2.84 27.44 8.18
N PHE A 52 3.49 27.21 7.02
CA PHE A 52 4.75 27.79 6.80
C PHE A 52 4.70 29.32 6.75
N GLU A 53 3.67 29.80 6.09
CA GLU A 53 3.63 31.24 5.82
C GLU A 53 3.58 31.99 7.14
N LYS A 54 3.16 31.40 8.27
CA LYS A 54 3.29 32.07 9.51
C LYS A 54 4.59 31.64 10.39
N LEU A 55 5.42 30.73 9.94
CA LEU A 55 6.73 30.42 10.53
C LEU A 55 7.52 31.73 10.64
N ASP A 56 8.19 31.92 11.77
CA ASP A 56 9.19 33.00 11.87
C ASP A 56 10.57 32.48 11.28
N LEU A 57 10.74 32.58 9.96
CA LEU A 57 11.83 31.97 9.31
C LEU A 57 13.15 32.55 9.87
N ALA A 58 13.17 33.87 10.14
CA ALA A 58 14.41 34.44 10.69
C ALA A 58 14.78 33.80 12.03
N ALA A 59 13.81 33.48 12.90
CA ALA A 59 14.13 32.82 14.13
C ALA A 59 14.70 31.39 13.91
N VAL A 60 14.09 30.69 12.96
CA VAL A 60 14.62 29.35 12.59
C VAL A 60 16.10 29.46 12.16
N LYS A 61 16.38 30.49 11.33
CA LYS A 61 17.78 30.63 10.82
C LYS A 61 18.74 31.00 11.95
N ARG A 62 18.31 31.78 12.93
CA ARG A 62 19.17 32.12 14.05
C ARG A 62 19.48 30.86 14.89
N ASP A 63 18.50 29.97 15.06
CA ASP A 63 18.71 28.70 15.76
C ASP A 63 19.67 27.83 15.01
N LEU A 64 19.51 27.78 13.67
CA LEU A 64 20.39 26.93 12.81
C LEU A 64 21.83 27.46 12.87
N HIS A 65 22.01 28.77 12.88
CA HIS A 65 23.32 29.43 12.89
C HIS A 65 24.00 29.00 14.24
N ALA A 66 23.28 29.11 15.34
CA ALA A 66 23.84 28.65 16.65
C ALA A 66 24.26 27.16 16.69
N LEU A 67 23.45 26.31 16.02
CA LEU A 67 23.73 24.94 15.98
C LEU A 67 25.07 24.64 15.28
N MET A 68 25.41 25.40 14.30
CA MET A 68 26.56 25.15 13.48
C MET A 68 27.85 24.95 14.37
N THR A 69 27.91 25.72 15.42
CA THR A 69 29.10 25.60 16.31
C THR A 69 28.78 25.11 17.66
N THR A 70 27.74 24.28 17.85
CA THR A 70 27.44 23.64 19.13
C THR A 70 27.57 22.16 19.05
N SER A 71 28.79 21.67 19.26
CA SER A 71 29.09 20.27 19.08
C SER A 71 28.40 19.36 20.11
N GLN A 72 27.86 18.26 19.66
CA GLN A 72 27.34 17.18 20.50
C GLN A 72 28.42 16.10 20.61
N ASP A 73 28.60 15.55 21.80
CA ASP A 73 29.68 14.54 21.98
C ASP A 73 29.41 13.23 21.35
N TRP A 74 28.15 12.89 21.05
CA TRP A 74 27.90 11.68 20.33
C TRP A 74 28.28 11.76 18.80
N TRP A 75 28.53 13.00 18.28
CA TRP A 75 29.05 13.14 16.89
C TRP A 75 29.73 14.45 16.83
N PRO A 76 30.98 14.49 17.38
CA PRO A 76 31.63 15.83 17.51
C PRO A 76 31.87 16.53 16.19
N ALA A 77 31.71 17.82 16.21
CA ALA A 77 31.88 18.64 15.01
C ALA A 77 33.33 18.80 14.53
N ASP A 78 33.58 18.45 13.30
CA ASP A 78 34.91 18.71 12.65
C ASP A 78 35.24 20.16 12.73
N PHE A 79 36.46 20.57 13.19
CA PHE A 79 36.82 21.95 13.26
C PHE A 79 35.92 22.84 14.11
N GLY A 80 35.14 22.26 14.96
CA GLY A 80 34.12 22.91 15.75
C GLY A 80 32.91 23.42 14.95
N HIS A 81 32.73 22.94 13.71
CA HIS A 81 31.69 23.52 12.85
C HIS A 81 31.05 22.42 11.98
N TYR A 82 29.74 22.29 12.13
CA TYR A 82 28.95 21.26 11.37
C TYR A 82 28.59 21.71 9.93
N GLY A 83 29.15 22.79 9.44
CA GLY A 83 28.65 23.38 8.18
C GLY A 83 28.89 22.43 7.00
N GLY A 84 30.10 21.85 6.86
CA GLY A 84 30.40 20.93 5.76
C GLY A 84 29.46 19.73 5.82
N LEU A 85 29.22 19.18 7.03
CA LEU A 85 28.36 17.98 7.14
C LEU A 85 26.96 18.39 6.58
N PHE A 86 26.43 19.52 7.04
CA PHE A 86 25.10 19.94 6.59
C PHE A 86 25.01 20.29 5.11
N ILE A 87 26.04 20.86 4.56
CA ILE A 87 26.06 21.08 3.09
C ILE A 87 25.99 19.77 2.33
N ARG A 88 26.79 18.78 2.76
CA ARG A 88 26.71 17.43 2.18
C ARG A 88 25.30 16.87 2.33
N MET A 89 24.71 16.99 3.52
CA MET A 89 23.34 16.52 3.78
C MET A 89 22.34 17.10 2.74
N ALA A 90 22.38 18.41 2.51
CA ALA A 90 21.47 19.08 1.63
C ALA A 90 21.70 18.73 0.18
N TRP A 91 22.98 18.62 -0.20
CA TRP A 91 23.38 18.21 -1.53
C TRP A 91 22.81 16.78 -1.83
N HIS A 92 23.07 15.87 -0.88
CA HIS A 92 22.49 14.50 -1.08
C HIS A 92 21.01 14.45 -1.13
N SER A 93 20.34 15.29 -0.30
CA SER A 93 18.87 15.30 -0.36
C SER A 93 18.41 15.66 -1.81
N ALA A 94 19.01 16.67 -2.45
CA ALA A 94 18.70 17.07 -3.77
C ALA A 94 19.29 16.18 -4.85
N GLY A 95 20.38 15.44 -4.51
CA GLY A 95 21.22 14.83 -5.56
C GLY A 95 20.64 13.50 -6.11
N THR A 96 19.52 13.05 -5.64
CA THR A 96 18.94 11.82 -6.16
C THR A 96 18.12 12.07 -7.43
N TYR A 97 17.86 13.33 -7.74
CA TYR A 97 17.01 13.76 -8.85
C TYR A 97 17.43 13.23 -10.20
N ARG A 98 16.47 12.73 -11.05
CA ARG A 98 16.75 12.32 -12.38
C ARG A 98 15.79 13.14 -13.28
N THR A 99 16.30 13.70 -14.34
CA THR A 99 15.46 14.45 -15.29
CA THR A 99 15.46 14.50 -15.26
C THR A 99 14.56 13.52 -16.08
N ALA A 100 14.94 12.25 -16.24
CA ALA A 100 14.20 11.33 -17.11
C ALA A 100 12.79 11.13 -16.66
N ASP A 101 12.56 11.01 -15.39
CA ASP A 101 11.20 10.86 -14.83
C ASP A 101 10.80 11.89 -13.82
N GLY A 102 11.77 12.77 -13.44
CA GLY A 102 11.53 13.73 -12.38
C GLY A 102 11.57 13.21 -10.94
N ARG A 103 11.83 11.91 -10.80
CA ARG A 103 11.76 11.26 -9.49
C ARG A 103 13.09 11.58 -8.74
N GLY A 104 13.06 11.30 -7.47
CA GLY A 104 14.16 11.74 -6.59
C GLY A 104 14.10 13.26 -6.35
N GLY A 105 15.19 13.79 -5.76
CA GLY A 105 15.25 15.21 -5.39
C GLY A 105 14.81 15.43 -3.94
N ALA A 106 14.96 16.66 -3.52
CA ALA A 106 14.79 17.05 -2.11
C ALA A 106 13.35 17.41 -1.74
N GLY A 107 12.45 17.46 -2.73
CA GLY A 107 11.17 18.02 -2.53
C GLY A 107 10.16 17.31 -1.68
N GLU A 108 10.41 16.04 -1.35
CA GLU A 108 9.55 15.28 -0.42
C GLU A 108 10.23 14.80 0.82
N GLY A 109 11.47 15.29 1.12
CA GLY A 109 12.20 14.87 2.26
C GLY A 109 12.45 13.37 2.41
N GLN A 110 12.55 12.70 1.27
CA GLN A 110 12.67 11.24 1.24
C GLN A 110 14.00 10.68 1.83
N GLN A 111 15.03 11.50 2.08
CA GLN A 111 16.29 11.03 2.70
C GLN A 111 16.00 10.46 4.11
N ARG A 112 14.90 10.77 4.77
CA ARG A 112 14.64 10.20 6.09
C ARG A 112 13.95 8.82 6.08
N PHE A 113 13.64 8.33 4.89
CA PHE A 113 12.89 7.05 4.72
C PHE A 113 13.85 6.05 3.99
N ALA A 114 13.48 4.74 4.00
CA ALA A 114 14.15 3.78 3.16
C ALA A 114 13.84 3.95 1.70
N PRO A 115 14.75 3.65 0.77
CA PRO A 115 16.06 3.16 1.01
C PRO A 115 17.10 4.27 1.26
N LEU A 116 16.74 5.50 0.91
CA LEU A 116 17.76 6.53 0.90
C LEU A 116 18.44 6.78 2.24
N ASN A 117 17.70 6.63 3.35
CA ASN A 117 18.30 6.81 4.61
C ASN A 117 19.47 5.83 4.90
N SER A 118 19.54 4.76 4.07
CA SER A 118 20.55 3.72 4.29
C SER A 118 21.44 3.48 3.12
N TRP A 119 21.43 4.34 2.09
CA TRP A 119 22.37 4.20 0.99
C TRP A 119 23.77 4.40 1.53
N PRO A 120 24.75 3.66 1.01
CA PRO A 120 26.12 3.90 1.48
C PRO A 120 26.59 5.34 1.25
N ASP A 121 26.21 5.98 0.15
CA ASP A 121 26.55 7.42 0.00
C ASP A 121 25.92 8.35 1.03
N ASN A 122 24.90 7.91 1.80
CA ASN A 122 24.32 8.71 2.84
C ASN A 122 24.78 8.37 4.19
N ALA A 123 25.88 7.57 4.28
CA ALA A 123 26.36 7.23 5.59
C ALA A 123 26.71 8.43 6.44
N ASN A 124 26.33 8.36 7.71
CA ASN A 124 26.47 9.42 8.70
C ASN A 124 25.64 10.64 8.50
N LEU A 125 24.84 10.69 7.44
CA LEU A 125 23.79 11.78 7.39
C LEU A 125 22.65 11.52 8.29
N ASP A 126 22.54 10.28 8.79
CA ASP A 126 21.67 10.01 9.89
C ASP A 126 22.02 10.86 11.13
N LYS A 127 23.34 11.08 11.36
CA LYS A 127 23.77 11.87 12.47
C LYS A 127 23.35 13.38 12.21
N ALA A 128 23.58 13.84 11.01
CA ALA A 128 23.21 15.23 10.66
C ALA A 128 21.72 15.50 10.86
N ARG A 129 20.88 14.55 10.44
CA ARG A 129 19.45 14.75 10.63
C ARG A 129 19.02 14.71 12.09
N ARG A 130 19.70 13.87 12.90
CA ARG A 130 19.44 13.81 14.34
C ARG A 130 19.80 15.11 15.08
N LEU A 131 20.89 15.75 14.62
CA LEU A 131 21.29 17.05 15.14
C LEU A 131 20.25 18.15 14.97
N LEU A 132 19.39 17.94 13.98
CA LEU A 132 18.31 18.91 13.65
C LEU A 132 16.97 18.60 14.35
N TRP A 133 16.87 17.51 15.09
CA TRP A 133 15.63 17.22 15.79
C TRP A 133 15.21 18.28 16.79
N PRO A 134 16.10 18.87 17.56
CA PRO A 134 15.62 19.89 18.46
C PRO A 134 14.94 21.09 17.81
N ILE A 135 15.51 21.53 16.68
CA ILE A 135 14.88 22.63 15.94
C ILE A 135 13.59 22.15 15.31
N LYS A 136 13.51 20.95 14.72
CA LYS A 136 12.28 20.48 14.09
C LYS A 136 11.18 20.39 15.18
N GLN A 137 11.58 19.88 16.36
CA GLN A 137 10.67 19.74 17.49
C GLN A 137 10.13 21.11 17.94
N LYS A 138 11.00 22.10 18.03
CA LYS A 138 10.60 23.43 18.44
C LYS A 138 9.55 24.06 17.52
N TYR A 139 9.72 23.95 16.22
CA TYR A 139 8.90 24.63 15.22
C TYR A 139 7.76 23.80 14.77
N GLY A 140 7.83 22.49 14.98
CA GLY A 140 6.73 21.56 14.67
C GLY A 140 6.27 21.61 13.21
N ARG A 141 4.97 21.65 12.97
CA ARG A 141 4.39 21.51 11.69
C ARG A 141 4.63 22.72 10.75
N ALA A 142 5.12 23.79 11.32
CA ALA A 142 5.35 25.03 10.48
C ALA A 142 6.59 25.00 9.63
N ILE A 143 7.50 24.01 9.87
CA ILE A 143 8.60 23.75 8.93
C ILE A 143 8.70 22.24 8.74
N SER A 144 8.62 21.82 7.48
CA SER A 144 8.72 20.43 7.09
C SER A 144 10.19 19.96 7.21
N TRP A 145 10.38 18.64 7.40
CA TRP A 145 11.71 18.10 7.29
C TRP A 145 12.32 18.44 5.93
N ALA A 146 11.54 18.29 4.85
CA ALA A 146 12.01 18.55 3.50
C ALA A 146 12.57 19.98 3.38
N ASP A 147 11.82 20.96 3.84
CA ASP A 147 12.30 22.36 3.79
C ASP A 147 13.50 22.56 4.71
N LEU A 148 13.48 21.95 5.90
CA LEU A 148 14.49 22.15 6.91
C LEU A 148 15.85 21.64 6.34
N LEU A 149 15.85 20.52 5.69
CA LEU A 149 17.12 20.00 5.22
C LEU A 149 17.84 20.94 4.23
N ILE A 150 17.06 21.63 3.40
CA ILE A 150 17.61 22.57 2.47
C ILE A 150 17.99 23.84 3.17
N LEU A 151 17.09 24.34 4.01
CA LEU A 151 17.35 25.55 4.77
C LEU A 151 18.69 25.43 5.54
N THR A 152 18.91 24.27 6.19
CA THR A 152 20.10 24.08 7.00
C THR A 152 21.33 24.15 6.08
N GLY A 153 21.30 23.61 4.90
CA GLY A 153 22.44 23.79 4.00
C GLY A 153 22.70 25.25 3.63
N ASN A 154 21.62 26.01 3.38
CA ASN A 154 21.77 27.42 3.13
C ASN A 154 22.37 28.16 4.36
N VAL A 155 21.91 27.89 5.55
CA VAL A 155 22.41 28.56 6.72
C VAL A 155 23.92 28.17 6.92
N ALA A 156 24.25 26.93 6.67
CA ALA A 156 25.67 26.52 6.73
C ALA A 156 26.53 27.40 5.81
N LEU A 157 26.13 27.50 4.53
CA LEU A 157 26.81 28.34 3.58
C LEU A 157 26.91 29.81 4.08
N GLU A 158 25.79 30.39 4.51
CA GLU A 158 25.80 31.77 5.03
C GLU A 158 26.70 31.94 6.18
N SER A 159 26.66 31.05 7.15
CA SER A 159 27.47 31.12 8.36
C SER A 159 28.95 31.12 8.05
N MET A 160 29.35 30.57 6.90
CA MET A 160 30.75 30.41 6.50
C MET A 160 31.12 31.45 5.51
N GLY A 161 30.31 32.48 5.29
CA GLY A 161 30.74 33.63 4.46
C GLY A 161 30.25 33.60 3.00
N PHE A 162 29.35 32.66 2.60
CA PHE A 162 28.89 32.57 1.24
C PHE A 162 27.45 33.14 1.11
N LYS A 163 27.27 34.01 0.20
CA LYS A 163 25.99 34.61 -0.12
C LYS A 163 25.19 33.71 -1.02
N THR A 164 24.08 33.20 -0.49
CA THR A 164 23.22 32.35 -1.30
C THR A 164 22.34 33.23 -2.22
N PHE A 165 21.75 32.55 -3.26
CA PHE A 165 20.84 33.17 -4.18
C PHE A 165 19.46 33.32 -3.65
N GLY A 166 19.14 32.68 -2.57
CA GLY A 166 17.78 32.74 -1.96
C GLY A 166 17.27 31.35 -1.60
N PHE A 167 16.03 31.28 -1.20
CA PHE A 167 15.45 30.03 -0.64
C PHE A 167 13.92 30.16 -0.72
N ALA A 168 13.29 29.09 -1.14
CA ALA A 168 11.81 29.02 -1.06
C ALA A 168 11.42 27.83 -0.18
N GLY A 169 10.44 28.04 0.69
CA GLY A 169 9.76 26.96 1.33
C GLY A 169 8.59 26.46 0.49
N GLY A 170 7.91 25.45 1.03
CA GLY A 170 6.76 24.82 0.44
C GLY A 170 6.89 23.37 0.13
N ARG A 171 7.99 22.67 0.46
CA ARG A 171 8.10 21.21 0.25
C ARG A 171 7.32 20.53 1.41
N ALA A 172 6.11 20.04 1.15
CA ALA A 172 5.40 19.33 2.22
C ALA A 172 5.99 18.02 2.54
N ASP A 173 5.92 17.69 3.83
CA ASP A 173 6.51 16.31 4.19
C ASP A 173 5.63 15.18 3.65
N THR A 174 6.26 14.05 3.41
CA THR A 174 5.58 12.79 3.05
C THR A 174 5.81 11.81 4.19
N TRP A 175 5.10 10.69 4.16
CA TRP A 175 5.02 9.84 5.35
C TRP A 175 5.35 8.35 5.07
N GLU A 176 5.71 8.06 3.85
CA GLU A 176 6.15 6.74 3.43
C GLU A 176 7.15 6.84 2.28
N PRO A 177 7.91 5.79 2.06
CA PRO A 177 8.82 5.80 0.90
C PRO A 177 8.15 5.96 -0.47
N GLU A 178 8.77 6.71 -1.35
CA GLU A 178 8.35 6.94 -2.73
C GLU A 178 8.67 5.62 -3.51
N ASP A 179 7.95 5.28 -4.56
CA ASP A 179 8.27 4.05 -5.34
C ASP A 179 9.09 4.51 -6.48
N VAL A 180 10.38 4.24 -6.39
CA VAL A 180 11.31 4.68 -7.46
C VAL A 180 12.10 3.44 -7.98
N TYR A 181 12.32 3.36 -9.28
CA TYR A 181 13.27 2.35 -9.82
C TYR A 181 14.66 2.92 -9.65
N TRP A 182 15.44 2.34 -8.72
CA TRP A 182 16.84 2.83 -8.53
C TRP A 182 17.85 1.92 -9.20
N GLY A 183 17.38 0.87 -9.86
CA GLY A 183 18.26 -0.13 -10.57
C GLY A 183 17.83 -1.57 -10.11
N SER A 184 18.46 -2.55 -10.73
CA SER A 184 18.10 -3.99 -10.55
C SER A 184 19.19 -4.78 -9.84
N GLU A 185 20.31 -4.15 -9.47
CA GLU A 185 21.32 -4.85 -8.70
C GLU A 185 20.83 -5.28 -7.33
N LYS A 186 21.31 -6.45 -6.87
CA LYS A 186 20.97 -7.01 -5.54
C LYS A 186 22.07 -6.87 -4.53
N ILE A 187 23.16 -6.17 -4.89
CA ILE A 187 24.26 -5.96 -4.03
C ILE A 187 24.61 -4.44 -3.98
N TRP A 188 24.77 -3.90 -2.79
CA TRP A 188 25.04 -2.50 -2.68
C TRP A 188 26.37 -2.21 -3.45
N LEU A 189 26.44 -1.09 -4.19
CA LEU A 189 27.64 -0.61 -4.85
C LEU A 189 28.22 -1.58 -5.91
N GLU A 190 27.42 -2.49 -6.44
CA GLU A 190 28.03 -3.53 -7.30
C GLU A 190 28.70 -2.84 -8.50
N LEU A 191 29.93 -3.26 -8.84
CA LEU A 191 30.58 -2.77 -10.05
C LEU A 191 29.88 -3.17 -11.29
N SER A 192 30.07 -2.36 -12.35
CA SER A 192 29.36 -2.56 -13.58
C SER A 192 29.73 -3.95 -14.24
N GLY A 193 28.82 -4.43 -15.09
CA GLY A 193 29.09 -5.66 -15.85
C GLY A 193 28.63 -6.93 -15.12
N GLY A 194 27.91 -6.83 -14.00
CA GLY A 194 27.29 -8.00 -13.36
C GLY A 194 26.04 -8.44 -14.05
N PRO A 195 25.31 -9.39 -13.44
CA PRO A 195 24.10 -9.92 -14.15
C PRO A 195 22.97 -8.92 -14.26
N ASN A 196 22.99 -7.90 -13.39
CA ASN A 196 21.99 -6.82 -13.45
C ASN A 196 22.64 -5.44 -13.81
N SER A 197 23.69 -5.48 -14.65
CA SER A 197 24.41 -4.31 -15.03
C SER A 197 23.51 -3.18 -15.45
N ARG A 198 23.73 -1.95 -14.91
CA ARG A 198 23.01 -0.78 -15.38
C ARG A 198 23.73 -0.13 -16.59
N TYR A 199 24.78 -0.74 -17.09
CA TYR A 199 25.52 -0.23 -18.23
C TYR A 199 25.47 -1.31 -19.39
N SER A 200 25.47 -0.79 -20.61
CA SER A 200 25.57 -1.67 -21.80
C SER A 200 26.29 -0.86 -22.88
N GLY A 201 26.79 -1.55 -23.90
CA GLY A 201 27.32 -0.81 -25.05
C GLY A 201 28.59 -0.07 -24.63
N ASP A 202 28.79 1.13 -25.13
CA ASP A 202 30.03 1.88 -24.76
C ASP A 202 29.69 2.79 -23.53
N ARG A 203 29.61 2.13 -22.37
CA ARG A 203 29.36 2.81 -21.10
C ARG A 203 28.07 3.63 -21.16
N GLN A 204 27.00 3.04 -21.68
CA GLN A 204 25.72 3.76 -21.78
C GLN A 204 24.94 3.35 -20.55
N LEU A 205 24.53 4.38 -19.77
CA LEU A 205 23.84 4.13 -18.51
C LEU A 205 22.38 3.96 -18.83
N GLU A 206 21.68 2.99 -18.27
CA GLU A 206 20.24 2.81 -18.65
C GLU A 206 19.34 3.93 -18.07
N ASN A 207 18.48 4.42 -18.89
CA ASN A 207 17.38 5.31 -18.46
C ASN A 207 16.42 4.55 -17.60
N PRO A 208 15.85 5.11 -16.55
CA PRO A 208 15.96 6.48 -16.10
C PRO A 208 17.07 6.73 -15.08
N LEU A 209 18.09 5.90 -14.99
CA LEU A 209 19.04 5.98 -13.86
C LEU A 209 20.00 7.17 -14.05
N ALA A 210 20.53 7.67 -12.93
CA ALA A 210 21.42 8.82 -12.96
C ALA A 210 22.57 8.75 -12.07
N ALA A 211 22.91 7.52 -11.64
CA ALA A 211 24.05 7.20 -10.81
C ALA A 211 24.73 5.95 -11.39
N VAL A 212 26.02 5.86 -11.11
CA VAL A 212 26.87 4.85 -11.75
C VAL A 212 26.84 3.47 -11.05
N GLN A 213 26.42 3.45 -9.79
CA GLN A 213 26.43 2.26 -8.92
C GLN A 213 25.26 2.39 -7.91
N MET A 214 24.63 1.23 -7.56
CA MET A 214 23.52 1.21 -6.71
C MET A 214 23.94 1.73 -5.31
N GLY A 215 23.26 2.80 -4.88
CA GLY A 215 23.53 3.33 -3.56
C GLY A 215 24.45 4.58 -3.58
N LEU A 216 24.93 4.97 -4.78
CA LEU A 216 25.64 6.22 -4.98
C LEU A 216 24.68 7.32 -5.47
N ILE A 217 25.09 8.58 -5.14
CA ILE A 217 24.38 9.77 -5.61
C ILE A 217 24.62 10.09 -7.07
N TYR A 218 25.87 10.21 -7.47
CA TYR A 218 26.22 10.38 -8.88
C TYR A 218 27.34 9.38 -9.26
N VAL A 219 28.54 9.69 -8.87
CA VAL A 219 29.73 8.94 -9.33
C VAL A 219 30.54 8.37 -8.18
N ASN A 220 31.52 7.49 -8.55
CA ASN A 220 32.38 6.87 -7.58
C ASN A 220 33.62 7.79 -7.33
N PRO A 221 33.89 8.20 -6.09
CA PRO A 221 34.92 9.16 -5.85
C PRO A 221 36.35 8.62 -6.15
N GLU A 222 36.47 7.29 -6.22
CA GLU A 222 37.78 6.71 -6.59
C GLU A 222 37.97 6.63 -8.08
N GLY A 223 36.92 6.86 -8.90
CA GLY A 223 37.01 6.69 -10.32
C GLY A 223 36.06 5.59 -10.80
N PRO A 224 35.93 5.44 -12.11
CA PRO A 224 34.90 4.50 -12.66
C PRO A 224 35.17 3.10 -12.26
N ASP A 225 34.15 2.50 -11.57
CA ASP A 225 34.33 1.13 -10.98
C ASP A 225 35.61 1.01 -10.17
N GLY A 226 36.03 2.11 -9.54
CA GLY A 226 37.20 2.10 -8.68
C GLY A 226 38.53 2.40 -9.35
N ASN A 227 38.56 2.68 -10.61
CA ASN A 227 39.84 2.93 -11.35
C ASN A 227 40.18 4.39 -11.29
N PRO A 228 41.28 4.75 -10.67
CA PRO A 228 41.57 6.18 -10.37
C PRO A 228 42.18 6.97 -11.52
N ASP A 229 41.38 7.15 -12.56
CA ASP A 229 41.73 7.86 -13.72
C ASP A 229 40.79 9.13 -13.83
N PRO A 230 41.35 10.31 -13.61
CA PRO A 230 40.52 11.53 -13.60
C PRO A 230 39.88 11.80 -14.90
N VAL A 231 40.51 11.41 -16.03
CA VAL A 231 39.93 11.70 -17.37
C VAL A 231 38.70 10.82 -17.60
N ALA A 232 38.80 9.54 -17.21
CA ALA A 232 37.65 8.66 -17.30
C ALA A 232 36.57 9.03 -16.29
N ALA A 233 36.97 9.45 -15.10
CA ALA A 233 35.98 9.85 -14.13
C ALA A 233 35.18 11.03 -14.67
N ALA A 234 35.84 11.93 -15.38
CA ALA A 234 35.16 13.06 -15.92
C ALA A 234 34.00 12.70 -16.84
N ARG A 235 34.16 11.61 -17.59
CA ARG A 235 33.09 11.14 -18.43
C ARG A 235 31.81 10.77 -17.63
N ASP A 236 32.00 10.05 -16.52
CA ASP A 236 30.91 9.65 -15.66
C ASP A 236 30.30 10.87 -14.95
N ILE A 237 31.12 11.85 -14.58
CA ILE A 237 30.59 13.10 -13.99
C ILE A 237 29.74 13.82 -14.95
N ARG A 238 30.19 13.98 -16.19
CA ARG A 238 29.45 14.73 -17.14
C ARG A 238 28.08 14.06 -17.45
N ASP A 239 28.11 12.74 -17.61
CA ASP A 239 26.90 11.98 -17.94
C ASP A 239 25.85 12.03 -16.79
N THR A 240 26.30 11.74 -15.60
CA THR A 240 25.39 11.73 -14.47
C THR A 240 24.84 13.09 -14.11
N PHE A 241 25.74 14.14 -14.13
CA PHE A 241 25.22 15.49 -13.88
C PHE A 241 24.24 15.91 -15.02
N ALA A 242 24.50 15.56 -16.28
CA ALA A 242 23.54 15.90 -17.32
C ALA A 242 22.15 15.24 -17.06
N ARG A 243 22.20 14.07 -16.49
CA ARG A 243 20.97 13.33 -16.14
C ARG A 243 20.30 13.88 -14.91
N MET A 244 20.99 14.84 -14.23
CA MET A 244 20.39 15.61 -13.10
C MET A 244 20.11 17.09 -13.50
N ALA A 245 20.19 17.38 -14.80
CA ALA A 245 19.87 18.65 -15.43
C ALA A 245 20.95 19.70 -15.30
N MET A 246 22.18 19.29 -15.06
CA MET A 246 23.27 20.28 -14.92
C MET A 246 24.27 20.16 -16.08
N ASN A 247 24.68 21.32 -16.54
CA ASN A 247 25.62 21.48 -17.65
C ASN A 247 27.09 21.59 -17.08
N ASP A 248 28.07 21.69 -17.98
CA ASP A 248 29.42 21.75 -17.52
C ASP A 248 29.75 22.90 -16.54
N GLU A 249 29.31 24.07 -16.78
CA GLU A 249 29.56 25.23 -15.89
C GLU A 249 28.96 24.97 -14.51
N GLU A 250 27.73 24.50 -14.48
CA GLU A 250 27.04 24.26 -13.22
C GLU A 250 27.72 23.13 -12.45
N THR A 251 28.16 22.08 -13.19
CA THR A 251 28.86 20.94 -12.60
C THR A 251 30.17 21.37 -11.89
N VAL A 252 31.00 22.12 -12.58
CA VAL A 252 32.25 22.56 -12.00
C VAL A 252 31.99 23.46 -10.81
N ALA A 253 31.02 24.38 -10.96
CA ALA A 253 30.68 25.26 -9.85
C ALA A 253 30.25 24.52 -8.59
N LEU A 254 29.37 23.51 -8.77
CA LEU A 254 28.91 22.75 -7.65
C LEU A 254 30.00 21.94 -6.93
N ILE A 255 30.81 21.24 -7.71
CA ILE A 255 31.80 20.34 -7.13
C ILE A 255 32.86 21.15 -6.39
N ALA A 256 33.39 22.15 -7.04
CA ALA A 256 34.43 22.97 -6.44
C ALA A 256 33.85 23.78 -5.28
N GLY A 257 32.61 24.25 -5.43
CA GLY A 257 31.91 25.00 -4.38
C GLY A 257 31.72 24.17 -3.17
N GLY A 258 31.21 22.98 -3.31
CA GLY A 258 31.00 22.05 -2.18
C GLY A 258 32.28 21.72 -1.44
N HIS A 259 33.28 21.36 -2.30
CA HIS A 259 34.58 20.90 -1.76
C HIS A 259 35.44 22.00 -1.30
N THR A 260 34.95 23.25 -1.33
CA THR A 260 35.61 24.34 -0.56
C THR A 260 35.50 24.04 0.95
N PHE A 261 34.50 23.30 1.38
CA PHE A 261 34.15 23.14 2.79
C PHE A 261 34.40 21.73 3.32
N GLY A 262 34.77 21.67 4.58
CA GLY A 262 34.72 20.44 5.33
C GLY A 262 35.78 19.38 4.96
N LYS A 263 35.47 18.12 5.10
CA LYS A 263 36.40 17.04 4.88
C LYS A 263 35.68 15.72 4.68
N THR A 264 36.43 14.72 4.22
CA THR A 264 35.93 13.34 4.11
C THR A 264 36.40 12.59 5.39
N HIS A 265 35.87 11.39 5.55
CA HIS A 265 36.18 10.58 6.80
C HIS A 265 36.57 9.14 6.44
N GLY A 266 37.81 8.80 6.75
CA GLY A 266 38.36 7.46 6.40
C GLY A 266 39.48 7.03 7.39
N ALA A 267 39.23 7.16 8.67
CA ALA A 267 40.40 7.16 9.61
C ALA A 267 40.91 5.71 9.82
N GLY A 268 40.13 4.69 9.48
CA GLY A 268 40.48 3.26 9.66
C GLY A 268 39.73 2.41 8.70
N PRO A 269 39.98 1.11 8.72
CA PRO A 269 39.36 0.22 7.74
C PRO A 269 37.87 0.18 7.80
N ALA A 270 37.25 0.02 6.65
CA ALA A 270 35.83 0.03 6.54
C ALA A 270 35.18 -1.15 7.19
N SER A 271 35.93 -2.26 7.38
CA SER A 271 35.35 -3.40 8.10
C SER A 271 34.96 -3.03 9.53
N ASN A 272 35.49 -1.99 10.13
CA ASN A 272 35.00 -1.51 11.41
C ASN A 272 33.52 -0.96 11.46
N VAL A 273 32.95 -0.71 10.29
CA VAL A 273 31.60 -0.02 10.26
C VAL A 273 30.52 -1.05 10.18
N GLY A 274 29.58 -1.01 11.10
CA GLY A 274 28.40 -1.93 11.17
C GLY A 274 27.19 -1.50 10.30
N ALA A 275 26.07 -2.07 10.64
CA ALA A 275 24.89 -2.10 9.80
C ALA A 275 24.33 -0.68 9.51
N GLU A 276 23.92 -0.49 8.29
CA GLU A 276 23.20 0.69 7.88
C GLU A 276 21.91 0.83 8.72
N PRO A 277 21.28 2.05 8.75
CA PRO A 277 20.16 2.23 9.63
C PRO A 277 19.01 1.23 9.53
N GLU A 278 18.57 0.88 8.32
CA GLU A 278 17.41 -0.04 8.14
C GLU A 278 17.76 -1.46 8.64
N ALA A 279 19.03 -1.77 8.81
CA ALA A 279 19.47 -3.13 9.29
C ALA A 279 19.88 -3.17 10.67
N ALA A 280 20.08 -2.02 11.27
CA ALA A 280 20.56 -1.91 12.63
C ALA A 280 19.60 -2.41 13.71
N GLY A 281 20.14 -2.69 14.91
CA GLY A 281 19.28 -3.13 16.00
C GLY A 281 18.34 -1.97 16.46
N ILE A 282 17.29 -2.40 17.10
CA ILE A 282 16.27 -1.46 17.58
C ILE A 282 16.88 -0.43 18.57
N GLU A 283 17.90 -0.81 19.35
CA GLU A 283 18.48 0.06 20.29
C GLU A 283 19.21 1.24 19.67
N ALA A 284 19.63 1.10 18.37
CA ALA A 284 20.31 2.18 17.65
C ALA A 284 19.35 3.38 17.41
N GLN A 285 18.04 3.19 17.59
CA GLN A 285 17.03 4.27 17.51
C GLN A 285 17.18 5.10 16.25
N GLY A 286 17.25 4.40 15.15
CA GLY A 286 17.21 4.99 13.86
C GLY A 286 18.52 5.47 13.30
N LEU A 287 19.62 5.26 14.01
CA LEU A 287 20.91 5.56 13.51
C LEU A 287 21.61 4.28 13.06
N GLY A 288 22.68 4.43 12.36
CA GLY A 288 23.42 3.27 11.83
C GLY A 288 24.95 3.58 11.61
N TRP A 289 25.57 2.61 10.90
CA TRP A 289 27.04 2.70 10.66
C TRP A 289 27.86 2.89 11.89
N LYS A 290 27.45 2.17 12.96
CA LYS A 290 28.19 2.26 14.22
C LYS A 290 29.59 1.65 13.99
N SER A 291 30.58 2.39 14.40
CA SER A 291 31.98 2.03 14.09
C SER A 291 32.77 1.51 15.34
N ALA A 292 33.49 0.39 15.10
CA ALA A 292 34.33 -0.16 16.20
C ALA A 292 35.70 0.46 16.20
N TYR A 293 36.01 1.35 15.27
CA TYR A 293 37.35 1.92 15.16
C TYR A 293 37.59 3.01 16.17
N ARG A 294 38.49 2.75 17.16
CA ARG A 294 38.79 3.70 18.18
C ARG A 294 37.54 4.32 18.84
N THR A 295 37.35 5.63 18.91
CA THR A 295 36.14 6.22 19.53
C THR A 295 34.87 6.11 18.60
N GLY A 296 35.05 5.71 17.36
CA GLY A 296 33.90 5.53 16.47
C GLY A 296 33.31 6.82 15.88
N LYS A 297 33.93 7.94 16.14
CA LYS A 297 33.42 9.28 15.79
C LYS A 297 34.51 10.32 15.83
N GLY A 298 34.17 11.56 15.44
CA GLY A 298 35.09 12.65 15.50
C GLY A 298 36.39 12.47 14.76
N ALA A 299 37.54 12.60 15.47
CA ALA A 299 38.82 12.28 14.84
C ALA A 299 38.94 10.90 14.28
N ASP A 300 38.17 9.92 14.77
CA ASP A 300 38.23 8.56 14.31
C ASP A 300 37.09 8.18 13.32
N ALA A 301 36.33 9.17 12.83
CA ALA A 301 35.22 8.81 11.97
C ALA A 301 35.57 8.14 10.70
N ILE A 302 34.71 7.21 10.28
CA ILE A 302 34.77 6.57 8.97
C ILE A 302 33.35 6.69 8.30
N THR A 303 33.37 7.31 7.12
CA THR A 303 32.13 7.53 6.34
C THR A 303 32.32 6.89 4.98
N SER A 304 33.07 7.53 4.11
CA SER A 304 33.34 7.04 2.80
C SER A 304 34.57 6.07 2.77
N GLY A 305 35.46 6.20 3.73
CA GLY A 305 36.74 5.55 3.62
C GLY A 305 37.85 6.38 3.06
N LEU A 306 37.58 7.58 2.52
CA LEU A 306 38.58 8.48 2.04
C LEU A 306 38.96 9.42 3.11
N GLU A 307 40.17 9.94 3.04
CA GLU A 307 40.64 10.88 4.09
C GLU A 307 41.31 12.07 3.41
N VAL A 308 40.45 13.04 3.03
CA VAL A 308 40.88 14.25 2.29
C VAL A 308 40.26 15.47 2.96
N THR A 309 41.02 16.55 3.05
CA THR A 309 40.60 17.85 3.52
C THR A 309 41.08 18.82 2.45
N TRP A 310 40.19 19.50 1.73
CA TRP A 310 40.51 20.20 0.53
C TRP A 310 41.18 21.59 0.70
N THR A 311 40.78 22.38 1.72
CA THR A 311 41.27 23.72 1.83
C THR A 311 41.92 24.04 3.17
N THR A 312 42.66 25.16 3.15
CA THR A 312 43.32 25.60 4.41
C THR A 312 42.39 26.24 5.40
N THR A 313 41.15 26.50 4.99
CA THR A 313 40.09 27.07 5.86
C THR A 313 38.76 26.35 5.66
N PRO A 314 38.63 25.14 6.15
CA PRO A 314 37.49 24.31 5.76
C PRO A 314 36.18 24.88 6.28
N THR A 315 36.20 25.86 7.17
CA THR A 315 34.97 26.43 7.74
C THR A 315 34.74 27.88 7.21
N GLN A 316 35.35 28.24 6.12
CA GLN A 316 35.15 29.56 5.54
C GLN A 316 35.19 29.51 4.03
N TRP A 317 34.26 30.23 3.38
CA TRP A 317 34.30 30.36 1.93
C TRP A 317 35.66 30.97 1.49
N SER A 318 36.21 30.52 0.40
CA SER A 318 37.48 30.95 -0.11
C SER A 318 37.56 30.58 -1.55
N HIS A 319 38.68 30.88 -2.23
CA HIS A 319 38.95 30.34 -3.52
C HIS A 319 40.19 29.41 -3.42
N ASN A 320 40.36 28.76 -2.26
CA ASN A 320 41.50 27.89 -2.04
C ASN A 320 41.38 26.52 -2.71
N PHE A 321 40.17 26.05 -3.05
CA PHE A 321 40.08 24.82 -3.78
C PHE A 321 40.82 24.88 -5.13
N PHE A 322 40.54 25.92 -5.93
CA PHE A 322 41.22 26.03 -7.19
C PHE A 322 42.70 26.43 -7.01
N GLU A 323 43.00 27.20 -5.99
CA GLU A 323 44.47 27.53 -5.76
C GLU A 323 45.22 26.25 -5.59
N ASN A 324 44.66 25.31 -4.82
CA ASN A 324 45.35 24.06 -4.59
C ASN A 324 45.31 23.18 -5.79
N LEU A 325 44.15 23.09 -6.47
CA LEU A 325 44.07 22.17 -7.61
C LEU A 325 45.12 22.48 -8.70
N PHE A 326 45.27 23.77 -8.95
CA PHE A 326 46.16 24.25 -10.00
C PHE A 326 47.61 24.51 -9.45
N GLY A 327 47.76 24.73 -8.15
CA GLY A 327 49.08 25.18 -7.60
C GLY A 327 49.98 23.98 -7.28
N TYR A 328 49.53 22.76 -7.34
CA TYR A 328 50.26 21.55 -7.00
C TYR A 328 50.18 20.50 -8.07
N GLU A 329 51.17 19.55 -8.09
CA GLU A 329 51.06 18.34 -8.82
C GLU A 329 50.65 17.23 -7.90
N TRP A 330 49.92 16.22 -8.39
CA TRP A 330 49.25 15.30 -7.52
C TRP A 330 49.74 13.83 -7.60
N GLU A 331 49.88 13.17 -6.47
CA GLU A 331 50.32 11.78 -6.39
C GLU A 331 49.31 10.80 -5.91
N LEU A 332 49.14 9.68 -6.59
CA LEU A 332 48.23 8.69 -6.18
C LEU A 332 48.66 7.99 -4.92
N THR A 333 47.75 7.88 -3.98
CA THR A 333 48.02 7.41 -2.61
C THR A 333 46.77 6.65 -2.08
N LYS A 334 46.88 6.14 -0.85
CA LYS A 334 45.81 5.35 -0.25
C LYS A 334 45.46 5.96 1.08
N SER A 335 44.15 5.93 1.39
CA SER A 335 43.75 6.41 2.71
C SER A 335 44.03 5.30 3.73
N PRO A 336 43.83 5.56 5.02
CA PRO A 336 43.94 4.46 5.99
C PRO A 336 42.98 3.33 5.82
N ALA A 337 41.85 3.51 5.10
CA ALA A 337 40.94 2.45 4.80
C ALA A 337 41.28 1.76 3.51
N GLY A 338 42.32 2.19 2.80
CA GLY A 338 42.62 1.53 1.53
C GLY A 338 42.06 2.12 0.28
N ALA A 339 41.40 3.27 0.35
CA ALA A 339 40.82 3.85 -0.84
C ALA A 339 41.79 4.74 -1.62
N HIS A 340 41.61 4.75 -2.94
CA HIS A 340 42.52 5.58 -3.70
C HIS A 340 42.17 7.12 -3.56
N GLN A 341 43.15 7.95 -3.37
CA GLN A 341 43.05 9.38 -3.33
C GLN A 341 44.39 10.03 -3.63
N TRP A 342 44.52 11.36 -3.62
CA TRP A 342 45.68 12.04 -4.14
C TRP A 342 46.20 13.02 -3.14
N VAL A 343 47.54 13.23 -3.11
CA VAL A 343 48.18 14.12 -2.24
C VAL A 343 49.15 15.02 -3.01
N ALA A 344 49.33 16.20 -2.54
CA ALA A 344 50.12 17.21 -3.24
C ALA A 344 51.62 16.89 -3.01
N LYS A 345 52.28 16.81 -4.18
CA LYS A 345 53.73 16.50 -4.24
C LYS A 345 54.49 17.71 -3.74
N GLY A 346 55.40 17.38 -2.83
CA GLY A 346 56.35 18.38 -2.21
C GLY A 346 55.70 19.44 -1.34
N ALA A 347 54.43 19.30 -1.01
CA ALA A 347 53.77 20.39 -0.29
C ALA A 347 54.18 20.40 1.21
N ASP A 348 54.08 21.56 1.77
CA ASP A 348 54.07 21.76 3.18
C ASP A 348 52.73 21.38 3.82
N ALA A 349 52.79 21.12 5.13
CA ALA A 349 51.63 20.77 5.94
C ALA A 349 50.86 22.06 6.24
N VAL A 350 49.95 22.45 5.36
CA VAL A 350 49.23 23.73 5.52
C VAL A 350 47.70 23.57 5.86
N ILE A 351 47.19 22.35 5.82
CA ILE A 351 45.75 22.10 5.98
C ILE A 351 45.58 21.82 7.49
N PRO A 352 44.63 22.47 8.15
CA PRO A 352 44.37 22.14 9.57
C PRO A 352 43.79 20.82 9.82
N ASP A 353 44.11 20.28 10.99
CA ASP A 353 43.47 19.06 11.49
C ASP A 353 42.11 19.39 12.15
N ALA A 354 41.16 18.47 12.07
CA ALA A 354 39.80 18.76 12.53
C ALA A 354 39.66 18.76 14.04
N PHE A 355 40.64 18.10 14.78
CA PHE A 355 40.53 18.13 16.25
C PHE A 355 41.81 18.54 17.02
N ASP A 356 42.97 18.36 16.41
CA ASP A 356 44.27 18.54 17.21
C ASP A 356 44.92 19.78 16.63
N PRO A 357 44.95 20.89 17.37
CA PRO A 357 45.53 22.13 16.84
C PRO A 357 47.06 22.05 16.66
N SER A 358 47.70 21.01 17.06
CA SER A 358 49.15 20.92 16.86
C SER A 358 49.46 20.13 15.56
N LYS A 359 48.47 19.52 14.87
CA LYS A 359 48.74 18.73 13.65
C LYS A 359 48.29 19.52 12.36
N LYS A 360 49.06 19.39 11.29
CA LYS A 360 48.72 19.91 10.01
C LYS A 360 48.94 18.85 9.00
N HIS A 361 48.32 19.01 7.82
CA HIS A 361 48.39 18.00 6.77
C HIS A 361 48.66 18.60 5.46
N ARG A 362 49.16 17.75 4.54
CA ARG A 362 49.34 18.21 3.16
C ARG A 362 47.95 18.29 2.46
N PRO A 363 47.85 19.14 1.43
CA PRO A 363 46.65 19.13 0.54
C PRO A 363 46.42 17.81 -0.09
N THR A 364 45.16 17.41 -0.21
CA THR A 364 44.72 16.19 -0.79
C THR A 364 43.50 16.46 -1.69
N MET A 365 43.18 15.55 -2.57
CA MET A 365 42.12 15.65 -3.54
C MET A 365 41.57 14.26 -3.83
N LEU A 366 40.33 14.16 -4.33
CA LEU A 366 39.78 12.95 -4.88
C LEU A 366 40.12 12.86 -6.34
N THR A 367 40.03 11.67 -6.90
CA THR A 367 40.15 11.47 -8.31
C THR A 367 39.14 12.43 -9.09
N THR A 368 37.89 12.47 -8.56
CA THR A 368 36.83 13.26 -9.14
C THR A 368 37.03 14.75 -9.02
N ASP A 369 37.81 15.21 -8.03
CA ASP A 369 38.19 16.58 -8.03
C ASP A 369 39.19 16.89 -9.11
N LEU A 370 40.15 15.97 -9.28
CA LEU A 370 41.18 16.18 -10.32
C LEU A 370 40.57 16.15 -11.74
N SER A 371 39.42 15.51 -11.96
CA SER A 371 38.70 15.63 -13.18
C SER A 371 38.46 17.06 -13.62
N LEU A 372 38.33 17.96 -12.66
CA LEU A 372 38.03 19.35 -13.01
C LEU A 372 39.22 20.07 -13.69
N ARG A 373 40.41 19.50 -13.50
CA ARG A 373 41.63 19.98 -14.15
C ARG A 373 42.07 19.17 -15.35
N PHE A 374 41.84 17.88 -15.36
CA PHE A 374 42.36 17.01 -16.46
C PHE A 374 41.41 16.71 -17.59
N ASP A 375 40.14 17.00 -17.45
CA ASP A 375 39.23 16.95 -18.57
C ASP A 375 39.36 18.29 -19.30
N PRO A 376 39.59 18.31 -20.60
CA PRO A 376 39.85 19.61 -21.23
C PRO A 376 38.74 20.63 -21.21
N ALA A 377 37.48 20.22 -21.30
CA ALA A 377 36.42 21.23 -21.24
C ALA A 377 36.25 21.74 -19.80
N TYR A 378 36.33 20.83 -18.79
CA TYR A 378 36.25 21.30 -17.39
C TYR A 378 37.41 22.22 -17.02
N GLU A 379 38.60 21.89 -17.52
CA GLU A 379 39.79 22.71 -17.24
C GLU A 379 39.60 24.15 -17.64
N LYS A 380 38.95 24.45 -18.76
CA LYS A 380 38.77 25.80 -19.20
C LYS A 380 37.86 26.60 -18.26
N ILE A 381 36.79 25.90 -17.78
CA ILE A 381 35.87 26.52 -16.80
C ILE A 381 36.58 26.73 -15.45
N SER A 382 37.26 25.70 -14.99
CA SER A 382 37.96 25.75 -13.75
C SER A 382 38.99 26.85 -13.76
N ARG A 383 39.71 27.03 -14.87
CA ARG A 383 40.65 28.13 -14.94
CA ARG A 383 40.66 28.13 -14.95
C ARG A 383 40.00 29.50 -14.91
N ARG A 384 38.88 29.66 -15.56
CA ARG A 384 38.18 30.90 -15.52
C ARG A 384 37.70 31.21 -14.04
N PHE A 385 37.18 30.17 -13.40
CA PHE A 385 36.74 30.33 -11.99
C PHE A 385 37.91 30.63 -11.04
N HIS A 386 39.09 30.04 -11.29
CA HIS A 386 40.31 30.30 -10.51
C HIS A 386 40.76 31.74 -10.70
N GLU A 387 40.76 32.23 -11.93
CA GLU A 387 41.25 33.58 -12.24
C GLU A 387 40.18 34.60 -11.80
N ASN A 388 38.91 34.20 -11.74
CA ASN A 388 37.80 35.16 -11.49
C ASN A 388 36.89 34.62 -10.39
N PRO A 389 37.28 34.62 -9.16
CA PRO A 389 36.52 33.91 -8.11
C PRO A 389 35.12 34.49 -7.93
N GLU A 390 34.89 35.72 -8.29
CA GLU A 390 33.54 36.29 -8.23
C GLU A 390 32.57 35.59 -9.22
N GLN A 391 33.10 35.21 -10.33
CA GLN A 391 32.33 34.46 -11.31
C GLN A 391 32.01 33.10 -10.71
N PHE A 392 32.98 32.47 -10.09
CA PHE A 392 32.78 31.21 -9.41
C PHE A 392 31.66 31.31 -8.32
N ALA A 393 31.76 32.31 -7.50
CA ALA A 393 30.76 32.48 -6.42
C ALA A 393 29.35 32.63 -7.00
N ASP A 394 29.20 33.42 -8.07
CA ASP A 394 27.86 33.65 -8.64
C ASP A 394 27.34 32.37 -9.28
N ALA A 395 28.20 31.66 -10.03
CA ALA A 395 27.76 30.36 -10.65
C ALA A 395 27.39 29.35 -9.62
N PHE A 396 28.15 29.23 -8.54
CA PHE A 396 27.84 28.29 -7.49
C PHE A 396 26.54 28.67 -6.80
N ALA A 397 26.30 29.96 -6.52
CA ALA A 397 25.04 30.34 -5.86
C ALA A 397 23.81 29.94 -6.75
N ARG A 398 23.94 30.25 -8.03
CA ARG A 398 22.87 29.95 -8.94
C ARG A 398 22.61 28.47 -9.09
N ALA A 399 23.70 27.71 -9.17
CA ALA A 399 23.60 26.26 -9.29
C ALA A 399 23.11 25.58 -8.04
N TRP A 400 23.48 26.08 -6.92
CA TRP A 400 23.01 25.58 -5.61
C TRP A 400 21.46 25.81 -5.47
N PHE A 401 21.03 26.99 -5.89
CA PHE A 401 19.56 27.28 -5.90
C PHE A 401 18.85 26.28 -6.83
N LYS A 402 19.35 26.13 -8.05
CA LYS A 402 18.71 25.24 -9.01
C LYS A 402 18.65 23.83 -8.49
N LEU A 403 19.79 23.32 -8.03
CA LEU A 403 19.94 21.97 -7.44
C LEU A 403 18.83 21.69 -6.40
N THR A 404 18.70 22.65 -5.49
CA THR A 404 17.83 22.46 -4.29
C THR A 404 16.37 22.79 -4.52
N HIS A 405 16.06 23.39 -5.67
CA HIS A 405 14.71 23.80 -6.08
C HIS A 405 14.17 23.10 -7.30
N ARG A 406 14.98 22.27 -8.00
CA ARG A 406 14.65 21.82 -9.35
CA ARG A 406 14.69 21.80 -9.31
C ARG A 406 13.35 21.05 -9.42
N ASP A 407 12.96 20.42 -8.35
CA ASP A 407 11.74 19.62 -8.28
C ASP A 407 10.60 20.27 -7.58
N MET A 408 10.66 21.53 -7.30
CA MET A 408 9.58 22.24 -6.60
C MET A 408 8.38 22.60 -7.47
N GLY A 409 8.54 22.69 -8.75
CA GLY A 409 7.45 23.00 -9.58
C GLY A 409 7.32 24.45 -9.92
N PRO A 410 6.16 24.82 -10.32
CA PRO A 410 6.07 26.21 -10.78
C PRO A 410 6.35 27.21 -9.63
N ARG A 411 6.82 28.41 -10.02
CA ARG A 411 7.17 29.47 -9.01
C ARG A 411 6.01 29.85 -8.15
N ALA A 412 4.81 29.61 -8.54
CA ALA A 412 3.67 29.80 -7.67
C ALA A 412 3.68 29.01 -6.36
N ARG A 413 4.41 27.90 -6.31
CA ARG A 413 4.49 27.13 -5.15
C ARG A 413 5.53 27.65 -4.10
N TYR A 414 6.39 28.56 -4.55
CA TYR A 414 7.47 29.08 -3.69
C TYR A 414 7.01 29.95 -2.62
N LEU A 415 7.34 29.67 -1.36
CA LEU A 415 6.90 30.39 -0.28
C LEU A 415 7.98 31.16 0.50
N GLY A 416 7.54 32.21 1.22
CA GLY A 416 8.42 32.89 2.21
C GLY A 416 9.11 34.17 1.68
N PRO A 417 9.93 34.75 2.53
CA PRO A 417 10.54 36.05 2.30
C PRO A 417 11.82 36.06 1.57
N GLU A 418 12.34 34.89 1.24
CA GLU A 418 13.68 34.85 0.57
C GLU A 418 13.62 34.28 -0.81
N VAL A 419 12.45 34.28 -1.44
CA VAL A 419 12.36 33.82 -2.80
C VAL A 419 13.06 34.71 -3.83
N PRO A 420 13.94 34.22 -4.64
CA PRO A 420 14.62 35.09 -5.58
C PRO A 420 13.63 35.69 -6.59
N ALA A 421 13.75 36.99 -6.79
CA ALA A 421 12.86 37.65 -7.79
C ALA A 421 13.22 37.37 -9.24
N GLU A 422 14.48 36.99 -9.55
CA GLU A 422 14.84 36.70 -10.91
C GLU A 422 14.12 35.44 -11.39
N VAL A 423 13.54 35.50 -12.57
CA VAL A 423 12.85 34.35 -13.15
C VAL A 423 13.88 33.66 -13.98
N LEU A 424 14.03 32.37 -13.83
CA LEU A 424 15.04 31.57 -14.45
C LEU A 424 14.49 30.67 -15.48
N LEU A 425 15.15 30.54 -16.59
CA LEU A 425 14.60 29.74 -17.71
C LEU A 425 14.30 28.35 -17.35
N TRP A 426 15.12 27.74 -16.45
CA TRP A 426 14.87 26.38 -16.08
C TRP A 426 13.53 26.11 -15.34
N GLN A 427 12.96 27.15 -14.77
CA GLN A 427 11.67 27.12 -14.07
C GLN A 427 10.44 26.99 -15.06
N ASP A 428 10.69 26.92 -16.38
CA ASP A 428 9.55 26.87 -17.39
C ASP A 428 8.53 28.00 -17.11
N PRO A 429 9.00 29.23 -17.01
CA PRO A 429 8.18 30.22 -16.47
C PRO A 429 6.86 30.55 -17.30
N ILE A 430 5.88 30.98 -16.56
CA ILE A 430 4.55 31.36 -17.07
C ILE A 430 4.35 32.86 -16.79
N PRO A 431 4.09 33.65 -17.79
CA PRO A 431 3.86 35.10 -17.50
C PRO A 431 2.71 35.36 -16.56
N ALA A 432 2.78 36.45 -15.83
CA ALA A 432 1.64 36.94 -15.02
C ALA A 432 0.45 37.29 -15.90
N VAL A 433 -0.73 37.12 -15.32
CA VAL A 433 -1.93 37.56 -15.99
C VAL A 433 -2.28 38.94 -15.50
N ASP A 434 -2.55 39.83 -16.40
CA ASP A 434 -2.76 41.27 -16.05
C ASP A 434 -4.09 41.82 -16.50
N HIS A 435 -5.08 40.96 -16.78
CA HIS A 435 -6.35 41.37 -17.35
C HIS A 435 -7.47 40.54 -16.69
N PRO A 436 -8.71 40.97 -16.84
CA PRO A 436 -9.85 40.21 -16.30
C PRO A 436 -9.99 38.89 -17.01
N LEU A 437 -10.43 37.89 -16.28
CA LEU A 437 -10.63 36.58 -16.86
C LEU A 437 -12.04 36.38 -17.36
N ILE A 438 -12.20 35.43 -18.26
CA ILE A 438 -13.54 35.09 -18.73
C ILE A 438 -14.38 34.52 -17.58
N ASP A 439 -15.69 34.77 -17.65
CA ASP A 439 -16.64 34.25 -16.69
C ASP A 439 -17.42 33.11 -17.27
N ALA A 440 -18.40 32.59 -16.54
CA ALA A 440 -19.06 31.36 -16.93
C ALA A 440 -19.83 31.55 -18.22
N ALA A 441 -20.50 32.70 -18.41
CA ALA A 441 -21.19 32.95 -19.63
C ALA A 441 -20.27 33.04 -20.86
N ASP A 442 -19.08 33.62 -20.65
CA ASP A 442 -18.03 33.69 -21.71
C ASP A 442 -17.56 32.27 -22.06
N ALA A 443 -17.39 31.45 -21.04
CA ALA A 443 -16.90 30.07 -21.26
C ALA A 443 -17.96 29.32 -22.08
N ALA A 444 -19.25 29.49 -21.71
CA ALA A 444 -20.35 28.85 -22.52
C ALA A 444 -20.34 29.34 -24.01
N GLU A 445 -20.10 30.62 -24.20
CA GLU A 445 -20.09 31.20 -25.57
C GLU A 445 -18.95 30.62 -26.39
N LEU A 446 -17.75 30.57 -25.78
CA LEU A 446 -16.53 29.97 -26.40
C LEU A 446 -16.72 28.48 -26.71
N LYS A 447 -17.31 27.68 -25.79
CA LYS A 447 -17.54 26.22 -26.06
C LYS A 447 -18.48 26.07 -27.29
N ALA A 448 -19.49 26.95 -27.36
CA ALA A 448 -20.40 26.85 -28.57
C ALA A 448 -19.69 27.22 -29.83
N LYS A 449 -18.85 28.26 -29.81
CA LYS A 449 -18.08 28.66 -30.97
C LYS A 449 -17.15 27.55 -31.40
N VAL A 450 -16.51 26.87 -30.38
CA VAL A 450 -15.60 25.82 -30.72
C VAL A 450 -16.38 24.69 -31.44
N LEU A 451 -17.52 24.31 -30.95
CA LEU A 451 -18.27 23.18 -31.50
C LEU A 451 -18.83 23.59 -32.94
N ALA A 452 -19.20 24.85 -33.06
CA ALA A 452 -19.71 25.36 -34.39
C ALA A 452 -18.64 25.46 -35.43
N SER A 453 -17.33 25.39 -35.08
CA SER A 453 -16.26 25.53 -36.00
C SER A 453 -16.16 24.31 -36.89
N GLY A 454 -16.70 23.19 -36.49
CA GLY A 454 -16.50 21.88 -37.11
C GLY A 454 -15.33 21.01 -36.56
N LEU A 455 -14.61 21.51 -35.57
CA LEU A 455 -13.65 20.63 -34.88
C LEU A 455 -14.41 19.47 -34.23
N THR A 456 -13.91 18.27 -34.38
CA THR A 456 -14.60 17.12 -33.89
C THR A 456 -14.26 16.79 -32.38
N VAL A 457 -15.10 15.98 -31.80
CA VAL A 457 -14.89 15.48 -30.43
C VAL A 457 -13.45 14.90 -30.37
N SER A 458 -13.07 14.00 -31.30
CA SER A 458 -11.72 13.48 -31.33
C SER A 458 -10.62 14.46 -31.42
N GLN A 459 -10.77 15.46 -32.30
CA GLN A 459 -9.79 16.49 -32.28
C GLN A 459 -9.61 17.32 -30.99
N LEU A 460 -10.73 17.65 -30.40
CA LEU A 460 -10.76 18.51 -29.25
C LEU A 460 -10.18 17.72 -28.02
N VAL A 461 -10.63 16.54 -27.85
CA VAL A 461 -10.15 15.66 -26.74
C VAL A 461 -8.67 15.39 -26.88
N SER A 462 -8.23 15.00 -28.10
CA SER A 462 -6.85 14.62 -28.31
C SER A 462 -5.91 15.79 -28.07
N THR A 463 -6.30 16.97 -28.50
CA THR A 463 -5.46 18.18 -28.33
C THR A 463 -5.31 18.59 -26.86
N ALA A 464 -6.45 18.60 -26.15
CA ALA A 464 -6.40 18.98 -24.70
C ALA A 464 -5.62 17.91 -23.93
N TRP A 465 -5.82 16.67 -24.30
CA TRP A 465 -5.06 15.54 -23.61
C TRP A 465 -3.58 15.74 -23.86
N ALA A 466 -3.19 16.06 -25.13
CA ALA A 466 -1.74 16.26 -25.46
C ALA A 466 -1.16 17.39 -24.67
N ALA A 467 -1.93 18.46 -24.50
CA ALA A 467 -1.41 19.65 -23.77
C ALA A 467 -1.25 19.36 -22.26
N ALA A 468 -2.26 18.71 -21.63
CA ALA A 468 -2.29 18.59 -20.16
C ALA A 468 -1.50 17.41 -19.64
N SER A 469 -1.29 16.38 -20.45
CA SER A 469 -0.76 15.09 -19.95
C SER A 469 0.73 15.02 -19.89
N THR A 470 1.39 16.14 -20.20
CA THR A 470 2.84 16.23 -20.02
C THR A 470 3.20 16.40 -18.49
N PHE A 471 2.22 16.75 -17.66
CA PHE A 471 2.45 16.92 -16.20
C PHE A 471 3.01 15.70 -15.60
N ARG A 472 3.95 15.87 -14.74
CA ARG A 472 4.37 14.77 -13.81
C ARG A 472 4.51 15.24 -12.40
N GLY A 473 3.95 14.53 -11.44
CA GLY A 473 3.88 14.92 -10.06
C GLY A 473 5.27 14.72 -9.31
N SER A 474 6.17 14.02 -9.95
CA SER A 474 7.44 13.76 -9.35
C SER A 474 8.29 15.08 -9.17
N ASP A 475 8.31 15.93 -10.22
CA ASP A 475 8.96 17.24 -10.11
C ASP A 475 8.05 18.41 -10.50
N LYS A 476 6.74 18.13 -10.69
CA LYS A 476 5.72 19.14 -10.92
C LYS A 476 6.00 19.96 -12.18
N ARG A 477 6.75 19.40 -13.13
CA ARG A 477 6.88 20.00 -14.44
C ARG A 477 5.74 19.59 -15.35
N GLY A 478 5.57 20.33 -16.43
CA GLY A 478 4.56 20.01 -17.48
C GLY A 478 3.17 20.53 -17.15
N GLY A 479 2.23 20.07 -17.99
CA GLY A 479 0.86 20.56 -17.96
C GLY A 479 0.49 21.55 -19.03
N ALA A 480 -0.82 21.88 -19.01
CA ALA A 480 -1.37 22.74 -20.06
C ALA A 480 -1.08 24.23 -19.89
N ASN A 481 -0.74 24.66 -18.67
CA ASN A 481 -0.39 26.05 -18.47
C ASN A 481 0.79 26.43 -19.37
N GLY A 482 0.77 27.63 -19.96
CA GLY A 482 1.86 28.00 -20.90
C GLY A 482 1.60 27.87 -22.33
N ALA A 483 0.65 27.04 -22.70
CA ALA A 483 0.40 26.70 -24.09
C ALA A 483 1.69 26.33 -24.83
N ARG A 484 2.53 25.51 -24.16
CA ARG A 484 3.79 25.14 -24.84
C ARG A 484 3.60 24.06 -25.89
N ILE A 485 2.38 23.55 -26.02
CA ILE A 485 2.05 22.63 -27.07
C ILE A 485 2.22 23.30 -28.45
N ARG A 486 2.06 24.61 -28.50
CA ARG A 486 2.15 25.37 -29.82
C ARG A 486 3.64 25.66 -30.16
N LEU A 487 4.56 25.44 -29.26
CA LEU A 487 5.93 25.84 -29.36
C LEU A 487 6.83 24.65 -29.67
N ALA A 488 8.11 24.90 -30.12
CA ALA A 488 9.10 23.81 -30.15
C ALA A 488 9.44 23.42 -28.69
N PRO A 489 9.64 22.14 -28.38
CA PRO A 489 9.60 21.00 -29.26
C PRO A 489 8.26 20.30 -29.25
N GLN A 490 7.36 20.71 -28.34
CA GLN A 490 6.10 19.96 -28.22
C GLN A 490 5.28 19.84 -29.48
N LYS A 491 5.28 20.89 -30.30
CA LYS A 491 4.42 20.89 -31.48
C LYS A 491 4.88 19.89 -32.52
N ASP A 492 6.11 19.39 -32.40
CA ASP A 492 6.64 18.36 -33.27
C ASP A 492 6.81 16.98 -32.74
N TRP A 493 6.35 16.71 -31.52
CA TRP A 493 6.45 15.35 -31.01
C TRP A 493 5.53 14.46 -31.76
N GLU A 494 6.01 13.28 -32.09
CA GLU A 494 5.22 12.33 -32.80
C GLU A 494 3.85 11.97 -32.14
N ALA A 495 3.87 11.82 -30.81
CA ALA A 495 2.64 11.51 -30.05
C ALA A 495 1.58 12.59 -30.22
N ASN A 496 1.99 13.80 -30.43
CA ASN A 496 1.13 14.93 -30.59
C ASN A 496 0.56 15.13 -32.01
N GLN A 497 0.92 14.25 -32.96
CA GLN A 497 0.36 14.27 -34.29
C GLN A 497 0.53 15.63 -35.02
N PRO A 498 1.78 16.00 -35.35
CA PRO A 498 2.04 17.38 -35.62
C PRO A 498 1.22 18.07 -36.68
N GLU A 499 0.89 17.36 -37.77
CA GLU A 499 0.03 18.09 -38.78
C GLU A 499 -1.41 18.28 -38.32
N GLN A 500 -1.96 17.28 -37.66
CA GLN A 500 -3.29 17.35 -37.12
C GLN A 500 -3.34 18.53 -36.04
N LEU A 501 -2.34 18.51 -35.15
CA LEU A 501 -2.26 19.55 -34.12
C LEU A 501 -2.24 20.95 -34.71
N ALA A 502 -1.36 21.20 -35.70
CA ALA A 502 -1.27 22.48 -36.34
C ALA A 502 -2.62 22.98 -36.85
N ALA A 503 -3.41 22.10 -37.44
CA ALA A 503 -4.73 22.44 -38.01
C ALA A 503 -5.70 22.83 -36.87
N VAL A 504 -5.70 22.07 -35.76
CA VAL A 504 -6.54 22.40 -34.65
C VAL A 504 -6.17 23.75 -34.03
N LEU A 505 -4.88 23.95 -33.81
CA LEU A 505 -4.41 25.20 -33.20
C LEU A 505 -4.72 26.44 -34.10
N GLU A 506 -4.62 26.26 -35.41
CA GLU A 506 -4.99 27.38 -36.30
C GLU A 506 -6.46 27.79 -36.11
N THR A 507 -7.37 26.80 -36.04
CA THR A 507 -8.75 27.06 -35.87
C THR A 507 -8.98 27.72 -34.51
N LEU A 508 -8.37 27.14 -33.43
CA LEU A 508 -8.61 27.74 -32.10
C LEU A 508 -8.04 29.18 -32.01
N GLU A 509 -6.88 29.43 -32.64
CA GLU A 509 -6.27 30.75 -32.59
C GLU A 509 -7.19 31.74 -33.35
N ALA A 510 -7.93 31.30 -34.33
CA ALA A 510 -8.87 32.26 -35.07
C ALA A 510 -10.06 32.59 -34.13
N ILE A 511 -10.59 31.56 -33.45
CA ILE A 511 -11.68 31.75 -32.46
C ILE A 511 -11.21 32.70 -31.39
N ARG A 512 -10.05 32.49 -30.86
CA ARG A 512 -9.49 33.35 -29.84
C ARG A 512 -9.37 34.84 -30.29
N THR A 513 -8.81 35.02 -31.49
CA THR A 513 -8.61 36.39 -32.02
C THR A 513 -9.99 37.08 -32.12
N ALA A 514 -11.00 36.41 -32.60
CA ALA A 514 -12.29 36.97 -32.81
C ALA A 514 -12.96 37.33 -31.43
N PHE A 515 -12.83 36.40 -30.42
CA PHE A 515 -13.40 36.70 -29.12
C PHE A 515 -12.66 37.84 -28.50
N ASN A 516 -11.35 37.89 -28.55
CA ASN A 516 -10.56 38.88 -27.87
C ASN A 516 -10.80 40.26 -28.52
N GLY A 517 -10.97 40.25 -29.83
CA GLY A 517 -11.19 41.54 -30.55
C GLY A 517 -12.53 42.14 -30.19
N ALA A 518 -13.48 41.38 -29.77
CA ALA A 518 -14.85 41.86 -29.47
C ALA A 518 -14.98 42.35 -28.04
N GLN A 519 -13.99 42.20 -27.16
CA GLN A 519 -14.19 42.53 -25.79
C GLN A 519 -13.94 43.97 -25.52
N ARG A 520 -14.54 44.41 -24.40
CA ARG A 520 -14.10 45.62 -23.69
C ARG A 520 -13.50 45.32 -22.30
N GLY A 521 -12.88 46.38 -21.83
CA GLY A 521 -12.40 46.41 -20.45
C GLY A 521 -11.11 45.61 -20.34
N GLY A 522 -10.54 45.22 -21.48
CA GLY A 522 -9.28 44.46 -21.39
C GLY A 522 -9.48 42.95 -21.14
N LYS A 523 -10.72 42.45 -21.03
CA LYS A 523 -10.90 40.98 -20.83
C LYS A 523 -10.35 40.26 -22.07
N GLN A 524 -9.58 39.15 -21.87
CA GLN A 524 -9.14 38.36 -22.98
C GLN A 524 -8.99 36.90 -22.47
N VAL A 525 -9.00 36.01 -23.40
CA VAL A 525 -8.72 34.58 -23.13
C VAL A 525 -7.39 34.18 -23.70
N SER A 526 -6.56 33.51 -22.89
CA SER A 526 -5.34 32.92 -23.39
C SER A 526 -5.55 31.69 -24.23
N LEU A 527 -4.57 31.35 -25.10
CA LEU A 527 -4.69 30.16 -25.87
C LEU A 527 -4.60 28.92 -24.95
N ALA A 528 -3.77 29.02 -23.89
CA ALA A 528 -3.71 27.88 -22.96
C ALA A 528 -5.06 27.54 -22.34
N ASP A 529 -5.78 28.58 -21.91
CA ASP A 529 -7.11 28.35 -21.40
C ASP A 529 -8.05 27.84 -22.52
N LEU A 530 -7.99 28.39 -23.73
CA LEU A 530 -8.92 27.96 -24.78
C LEU A 530 -8.68 26.54 -25.24
N ILE A 531 -7.43 26.03 -25.24
CA ILE A 531 -7.18 24.66 -25.55
C ILE A 531 -7.88 23.69 -24.55
N VAL A 532 -7.75 24.02 -23.28
CA VAL A 532 -8.43 23.30 -22.19
C VAL A 532 -9.96 23.39 -22.31
N LEU A 533 -10.49 24.60 -22.48
CA LEU A 533 -11.92 24.79 -22.63
C LEU A 533 -12.46 24.07 -23.86
N ALA A 534 -11.68 24.06 -24.94
CA ALA A 534 -12.12 23.34 -26.09
C ALA A 534 -12.24 21.83 -25.89
N GLY A 535 -11.29 21.26 -25.13
CA GLY A 535 -11.37 19.89 -24.74
C GLY A 535 -12.58 19.59 -23.86
N CYS A 536 -12.89 20.49 -22.94
CA CYS A 536 -14.08 20.44 -22.10
C CYS A 536 -15.39 20.40 -23.03
N ALA A 537 -15.43 21.23 -24.07
CA ALA A 537 -16.53 21.26 -25.04
C ALA A 537 -16.61 19.92 -25.76
N GLY A 538 -15.46 19.36 -26.11
CA GLY A 538 -15.46 18.03 -26.72
C GLY A 538 -16.04 16.93 -25.84
N VAL A 539 -15.66 16.95 -24.57
CA VAL A 539 -16.19 15.92 -23.63
C VAL A 539 -17.73 16.16 -23.45
N GLU A 540 -18.15 17.41 -23.32
CA GLU A 540 -19.63 17.71 -23.19
C GLU A 540 -20.39 17.25 -24.40
N GLN A 541 -19.83 17.47 -25.62
CA GLN A 541 -20.47 17.04 -26.82
C GLN A 541 -20.52 15.52 -26.93
N ALA A 542 -19.45 14.81 -26.52
CA ALA A 542 -19.48 13.36 -26.51
C ALA A 542 -20.54 12.85 -25.54
N ALA A 543 -20.75 13.48 -24.42
CA ALA A 543 -21.78 13.09 -23.51
C ALA A 543 -23.15 13.34 -24.14
N LYS A 544 -23.32 14.44 -24.82
CA LYS A 544 -24.56 14.67 -25.59
C LYS A 544 -24.84 13.68 -26.66
N ASN A 545 -23.79 13.26 -27.36
CA ASN A 545 -23.88 12.23 -28.39
C ASN A 545 -24.37 10.93 -27.80
N ALA A 546 -24.15 10.65 -26.51
CA ALA A 546 -24.59 9.44 -25.83
C ALA A 546 -25.96 9.59 -25.21
N GLY A 547 -26.55 10.76 -25.38
CA GLY A 547 -27.83 11.11 -24.68
C GLY A 547 -27.75 11.67 -23.33
N HIS A 548 -26.66 12.28 -22.88
CA HIS A 548 -26.46 12.80 -21.53
C HIS A 548 -26.00 14.28 -21.49
N ALA A 549 -26.67 15.11 -20.73
CA ALA A 549 -26.33 16.56 -20.73
C ALA A 549 -25.41 16.66 -19.52
N VAL A 550 -24.19 17.12 -19.72
CA VAL A 550 -23.33 17.35 -18.52
C VAL A 550 -22.59 18.58 -18.76
N THR A 551 -22.18 19.24 -17.71
CA THR A 551 -21.28 20.36 -17.77
C THR A 551 -19.91 19.91 -17.20
N VAL A 552 -18.86 20.17 -17.93
CA VAL A 552 -17.53 19.83 -17.50
C VAL A 552 -16.94 21.06 -16.82
N PRO A 553 -16.46 20.95 -15.59
CA PRO A 553 -15.89 22.11 -14.94
C PRO A 553 -14.70 22.70 -15.68
N PHE A 554 -14.53 24.03 -15.55
CA PHE A 554 -13.39 24.71 -16.22
C PHE A 554 -12.97 25.86 -15.32
N ALA A 555 -11.68 26.01 -15.10
CA ALA A 555 -11.14 27.15 -14.37
C ALA A 555 -10.16 27.97 -15.21
N PRO A 556 -10.48 29.21 -15.54
CA PRO A 556 -9.58 30.01 -16.35
C PRO A 556 -8.38 30.51 -15.46
N GLY A 557 -7.44 31.16 -16.16
CA GLY A 557 -6.27 31.78 -15.54
C GLY A 557 -4.94 31.27 -16.00
N ARG A 558 -4.91 30.34 -16.92
CA ARG A 558 -3.62 29.95 -17.52
C ARG A 558 -3.12 31.12 -18.38
N ALA A 559 -1.79 31.18 -18.58
CA ALA A 559 -1.16 32.15 -19.48
C ALA A 559 -0.29 31.49 -20.52
N ASP A 560 0.02 32.24 -21.57
CA ASP A 560 0.81 31.72 -22.73
C ASP A 560 2.27 32.09 -22.59
N ALA A 561 3.17 31.13 -22.54
CA ALA A 561 4.58 31.40 -22.51
C ALA A 561 5.10 31.52 -23.97
N SER A 562 6.20 32.27 -24.12
CA SER A 562 6.89 32.46 -25.40
C SER A 562 7.92 31.38 -25.68
N GLN A 563 8.29 31.26 -26.93
CA GLN A 563 9.39 30.46 -27.30
C GLN A 563 10.69 30.86 -26.54
N GLU A 564 10.91 32.17 -26.44
CA GLU A 564 12.13 32.66 -25.76
C GLU A 564 12.13 32.29 -24.26
N GLN A 565 10.99 32.09 -23.62
CA GLN A 565 10.83 31.62 -22.24
C GLN A 565 10.77 30.15 -22.16
N THR A 566 11.16 29.39 -23.19
CA THR A 566 11.09 27.94 -23.18
C THR A 566 12.46 27.37 -23.59
N ASP A 567 13.03 26.60 -22.72
CA ASP A 567 14.25 25.85 -23.00
C ASP A 567 13.98 24.58 -23.70
N VAL A 568 14.29 24.51 -25.00
CA VAL A 568 13.88 23.39 -25.74
C VAL A 568 14.55 22.07 -25.28
N GLU A 569 15.83 22.15 -24.92
CA GLU A 569 16.57 20.91 -24.52
C GLU A 569 16.02 20.31 -23.25
N SER A 570 15.69 21.16 -22.25
CA SER A 570 15.14 20.74 -21.01
C SER A 570 13.71 20.14 -21.19
N MET A 571 12.96 20.61 -22.19
CA MET A 571 11.65 20.07 -22.48
C MET A 571 11.66 18.63 -23.09
N ALA A 572 12.79 18.17 -23.63
CA ALA A 572 12.86 16.85 -24.21
C ALA A 572 12.51 15.71 -23.35
N VAL A 573 12.87 15.85 -22.06
CA VAL A 573 12.48 14.78 -21.17
C VAL A 573 11.03 14.63 -20.90
N LEU A 574 10.23 15.61 -21.29
CA LEU A 574 8.86 15.46 -21.10
C LEU A 574 8.13 14.83 -22.28
N GLU A 575 8.84 14.51 -23.34
CA GLU A 575 8.18 13.80 -24.46
C GLU A 575 7.62 12.44 -24.09
N PRO A 576 6.35 12.18 -24.38
CA PRO A 576 5.78 10.85 -24.05
C PRO A 576 6.30 9.92 -25.17
N VAL A 577 7.10 9.01 -24.77
CA VAL A 577 7.47 7.92 -25.62
C VAL A 577 6.60 6.70 -25.37
N ALA A 578 5.91 6.65 -24.23
CA ALA A 578 4.89 5.60 -24.08
C ALA A 578 3.72 6.33 -23.42
N ASP A 579 2.54 6.31 -24.06
CA ASP A 579 1.37 6.91 -23.44
C ASP A 579 0.23 5.97 -23.75
N GLY A 580 -0.01 5.09 -22.78
CA GLY A 580 -1.08 4.14 -22.94
C GLY A 580 -2.50 4.72 -23.09
N PHE A 581 -2.68 5.92 -22.59
CA PHE A 581 -3.93 6.63 -22.68
C PHE A 581 -4.30 7.01 -24.16
N ARG A 582 -3.27 7.05 -25.00
CA ARG A 582 -3.47 7.26 -26.43
C ARG A 582 -3.03 6.00 -27.28
N ASN A 583 -2.83 4.90 -26.58
CA ASN A 583 -2.37 3.62 -27.16
C ASN A 583 -1.08 3.79 -27.96
N TYR A 584 -0.11 4.57 -27.43
CA TYR A 584 1.08 4.95 -28.11
C TYR A 584 2.36 4.37 -27.50
N LEU A 585 3.20 3.85 -28.35
CA LEU A 585 4.53 3.44 -27.95
C LEU A 585 5.45 3.87 -29.08
N LYS A 586 6.45 4.67 -28.73
CA LYS A 586 7.31 5.28 -29.79
C LYS A 586 8.21 4.23 -30.37
N GLY A 587 8.67 3.30 -29.52
CA GLY A 587 9.47 2.20 -30.04
C GLY A 587 9.29 0.96 -29.29
N LYS A 588 10.21 0.04 -29.48
CA LYS A 588 10.06 -1.34 -28.95
C LYS A 588 10.90 -1.33 -27.65
N TYR A 589 10.32 -1.60 -26.46
CA TYR A 589 11.07 -1.44 -25.20
C TYR A 589 11.16 -2.73 -24.48
N ARG A 590 12.01 -2.77 -23.46
CA ARG A 590 12.27 -3.95 -22.65
C ARG A 590 11.08 -4.16 -21.71
N VAL A 591 10.53 -3.06 -21.24
CA VAL A 591 9.54 -3.09 -20.14
C VAL A 591 8.14 -3.27 -20.80
N PRO A 592 7.27 -4.15 -20.28
CA PRO A 592 5.99 -4.36 -20.97
C PRO A 592 5.13 -3.03 -20.95
N ALA A 593 4.30 -2.92 -21.97
CA ALA A 593 3.54 -1.69 -22.13
C ALA A 593 2.64 -1.43 -20.94
N GLU A 594 2.05 -2.45 -20.36
CA GLU A 594 1.20 -2.29 -19.20
C GLU A 594 1.91 -1.70 -17.98
N VAL A 595 3.14 -2.08 -17.80
CA VAL A 595 3.95 -1.48 -16.75
C VAL A 595 4.24 0.01 -17.01
N LEU A 596 4.41 0.38 -18.27
CA LEU A 596 4.61 1.77 -18.67
C LEU A 596 3.35 2.55 -18.49
N LEU A 597 2.16 1.92 -18.68
CA LEU A 597 0.89 2.63 -18.37
C LEU A 597 0.78 2.93 -16.90
N VAL A 598 1.08 1.98 -15.99
CA VAL A 598 0.96 2.25 -14.60
C VAL A 598 2.00 3.34 -14.14
N ASP A 599 3.17 3.34 -14.73
CA ASP A 599 4.20 4.39 -14.51
C ASP A 599 3.69 5.77 -14.90
N LYS A 600 3.07 5.88 -16.08
CA LYS A 600 2.41 7.13 -16.51
C LYS A 600 1.27 7.56 -15.55
N ALA A 601 0.40 6.61 -15.19
CA ALA A 601 -0.66 6.92 -14.25
C ALA A 601 -0.09 7.47 -12.92
N GLN A 602 1.02 6.90 -12.44
CA GLN A 602 1.60 7.38 -11.19
C GLN A 602 2.15 8.83 -11.37
N LEU A 603 2.78 9.12 -12.51
CA LEU A 603 3.20 10.51 -12.75
C LEU A 603 2.10 11.49 -12.90
N LEU A 604 0.93 11.06 -13.44
CA LEU A 604 -0.28 11.87 -13.44
C LEU A 604 -1.05 12.01 -12.14
N THR A 605 -0.56 11.30 -11.16
CA THR A 605 -1.16 11.23 -9.79
C THR A 605 -2.52 10.49 -9.73
N LEU A 606 -2.73 9.56 -10.63
CA LEU A 606 -3.99 8.86 -10.71
C LEU A 606 -4.01 7.59 -9.82
N SER A 607 -5.14 7.28 -9.25
CA SER A 607 -5.38 5.99 -8.68
C SER A 607 -5.74 4.94 -9.71
N ALA A 608 -5.80 3.69 -9.30
CA ALA A 608 -6.21 2.69 -10.22
C ALA A 608 -7.59 2.87 -10.78
N PRO A 609 -8.59 3.19 -9.97
CA PRO A 609 -9.92 3.54 -10.51
C PRO A 609 -9.89 4.69 -11.44
N GLU A 610 -9.13 5.73 -11.12
CA GLU A 610 -9.08 6.86 -12.04
C GLU A 610 -8.43 6.53 -13.41
N MET A 611 -7.33 5.76 -13.37
CA MET A 611 -6.62 5.31 -14.58
C MET A 611 -7.62 4.50 -15.44
N THR A 612 -8.42 3.64 -14.86
CA THR A 612 -9.30 2.70 -15.59
C THR A 612 -10.42 3.49 -16.27
N VAL A 613 -11.11 4.39 -15.54
CA VAL A 613 -12.17 5.22 -16.16
C VAL A 613 -11.65 6.04 -17.28
N LEU A 614 -10.51 6.70 -17.01
CA LEU A 614 -9.94 7.64 -17.99
C LEU A 614 -9.59 6.91 -19.30
N LEU A 615 -8.94 5.76 -19.18
CA LEU A 615 -8.49 5.05 -20.41
C LEU A 615 -9.65 4.54 -21.20
N GLY A 616 -10.64 4.03 -20.48
CA GLY A 616 -11.85 3.43 -21.18
C GLY A 616 -12.64 4.57 -21.89
N GLY A 617 -12.65 5.74 -21.30
CA GLY A 617 -13.31 6.90 -21.95
C GLY A 617 -12.51 7.40 -23.16
N LEU A 618 -11.25 7.63 -22.98
CA LEU A 618 -10.41 8.11 -24.06
C LEU A 618 -10.48 7.22 -25.28
N ARG A 619 -10.55 5.89 -25.06
CA ARG A 619 -10.62 4.94 -26.20
C ARG A 619 -11.83 5.25 -27.09
N VAL A 620 -12.97 5.45 -26.49
CA VAL A 620 -14.18 5.64 -27.26
C VAL A 620 -14.36 7.07 -27.74
N LEU A 621 -13.66 8.03 -27.21
CA LEU A 621 -13.65 9.42 -27.71
C LEU A 621 -12.79 9.63 -28.91
N GLY A 622 -11.93 8.70 -29.29
CA GLY A 622 -11.05 8.91 -30.41
C GLY A 622 -9.71 9.51 -30.11
N ALA A 623 -9.24 9.29 -28.89
CA ALA A 623 -7.96 9.87 -28.51
C ALA A 623 -6.69 9.12 -28.97
N ASN A 624 -6.85 7.96 -29.58
CA ASN A 624 -5.68 7.19 -29.98
C ASN A 624 -4.84 7.92 -31.04
N VAL A 625 -3.53 7.86 -30.91
CA VAL A 625 -2.61 8.43 -31.90
C VAL A 625 -2.89 7.68 -33.22
N GLY A 626 -2.94 8.49 -34.33
CA GLY A 626 -3.10 7.82 -35.65
C GLY A 626 -4.45 7.28 -35.92
N GLN A 627 -5.44 7.59 -35.13
CA GLN A 627 -6.77 7.02 -35.33
C GLN A 627 -6.75 5.44 -35.32
N SER A 628 -5.79 4.85 -34.62
CA SER A 628 -5.70 3.40 -34.40
C SER A 628 -7.01 2.89 -33.90
N ARG A 629 -7.44 1.71 -34.43
CA ARG A 629 -8.65 1.08 -33.89
C ARG A 629 -8.37 0.18 -32.65
N HIS A 630 -7.13 0.08 -32.24
CA HIS A 630 -6.84 -0.82 -31.07
C HIS A 630 -7.54 -0.30 -29.82
N GLY A 631 -8.33 -1.15 -29.22
CA GLY A 631 -9.09 -0.83 -27.98
C GLY A 631 -10.29 0.02 -28.22
N VAL A 632 -10.64 0.33 -29.50
CA VAL A 632 -11.80 1.16 -29.73
C VAL A 632 -13.02 0.23 -29.79
N PHE A 633 -13.42 -0.24 -28.59
CA PHE A 633 -14.41 -1.25 -28.54
C PHE A 633 -15.87 -0.69 -28.47
N THR A 634 -16.25 -0.02 -29.51
CA THR A 634 -17.55 0.59 -29.61
C THR A 634 -17.96 0.71 -31.11
N ALA A 635 -19.26 0.82 -31.36
CA ALA A 635 -19.83 1.16 -32.69
C ALA A 635 -20.41 2.55 -32.62
N ARG A 636 -20.05 3.29 -31.55
CA ARG A 636 -20.45 4.75 -31.44
C ARG A 636 -19.27 5.55 -30.95
N GLU A 637 -18.26 5.56 -31.76
CA GLU A 637 -17.09 6.39 -31.46
C GLU A 637 -17.50 7.87 -31.40
N GLN A 638 -16.83 8.59 -30.46
CA GLN A 638 -17.13 9.98 -30.20
C GLN A 638 -18.40 10.19 -29.35
N ALA A 639 -18.92 9.13 -28.77
CA ALA A 639 -19.96 9.18 -27.77
C ALA A 639 -19.35 8.64 -26.46
N LEU A 640 -19.59 9.36 -25.37
CA LEU A 640 -19.06 8.99 -24.02
C LEU A 640 -19.94 7.98 -23.42
N THR A 641 -19.57 6.71 -23.56
CA THR A 641 -20.32 5.56 -23.01
C THR A 641 -19.26 4.66 -22.36
N ASN A 642 -19.75 3.66 -21.65
CA ASN A 642 -18.99 2.61 -21.02
C ASN A 642 -18.72 1.40 -21.92
N ASP A 643 -18.89 1.56 -23.24
CA ASP A 643 -18.78 0.45 -24.19
C ASP A 643 -17.40 -0.24 -24.13
N PHE A 644 -16.29 0.44 -23.82
CA PHE A 644 -15.01 -0.21 -23.70
C PHE A 644 -15.11 -1.42 -22.76
N PHE A 645 -15.65 -1.15 -21.56
CA PHE A 645 -15.76 -2.14 -20.50
C PHE A 645 -16.76 -3.20 -20.78
N VAL A 646 -17.93 -2.86 -21.30
CA VAL A 646 -18.96 -3.89 -21.58
C VAL A 646 -18.38 -4.84 -22.65
N ASN A 647 -17.81 -4.28 -23.70
CA ASN A 647 -17.25 -5.13 -24.78
C ASN A 647 -16.00 -5.90 -24.37
N LEU A 648 -15.11 -5.28 -23.60
CA LEU A 648 -13.90 -6.05 -23.20
C LEU A 648 -14.27 -7.23 -22.37
N LEU A 649 -15.29 -7.11 -21.49
CA LEU A 649 -15.59 -8.17 -20.57
C LEU A 649 -16.56 -9.27 -21.15
N ASP A 650 -16.94 -9.09 -22.39
CA ASP A 650 -17.91 -10.05 -22.98
C ASP A 650 -17.26 -11.42 -23.28
N MET A 651 -17.70 -12.42 -22.54
CA MET A 651 -17.08 -13.75 -22.69
C MET A 651 -17.39 -14.40 -24.10
N GLY A 652 -18.38 -13.83 -24.77
CA GLY A 652 -18.61 -14.27 -26.18
C GLY A 652 -17.46 -13.97 -27.11
N THR A 653 -16.43 -13.19 -26.72
CA THR A 653 -15.23 -12.90 -27.59
C THR A 653 -14.02 -13.59 -27.10
N GLU A 654 -13.28 -14.30 -27.94
CA GLU A 654 -12.03 -14.94 -27.63
C GLU A 654 -10.88 -14.16 -28.17
N TRP A 655 -9.78 -14.04 -27.41
CA TRP A 655 -8.64 -13.27 -27.85
C TRP A 655 -7.36 -14.06 -28.04
N LYS A 656 -6.65 -13.74 -29.09
CA LYS A 656 -5.36 -14.40 -29.47
C LYS A 656 -4.37 -13.45 -30.01
N PRO A 657 -3.09 -13.55 -29.66
CA PRO A 657 -2.07 -12.70 -30.25
C PRO A 657 -1.92 -12.96 -31.76
N THR A 658 -1.57 -11.94 -32.49
CA THR A 658 -1.43 -12.07 -33.99
C THR A 658 -0.07 -12.67 -34.24
N ALA A 659 0.04 -13.38 -35.38
CA ALA A 659 1.35 -13.92 -35.90
C ALA A 659 2.32 -12.80 -36.29
N ALA A 660 1.83 -11.77 -36.97
CA ALA A 660 2.65 -10.56 -37.30
C ALA A 660 3.28 -9.88 -36.03
N ASP A 661 2.51 -9.79 -34.92
CA ASP A 661 2.95 -9.01 -33.77
C ASP A 661 2.30 -9.63 -32.48
N ALA A 662 3.10 -10.23 -31.64
CA ALA A 662 2.66 -10.86 -30.35
C ALA A 662 1.99 -9.88 -29.36
N ASP A 663 2.18 -8.59 -29.61
CA ASP A 663 1.72 -7.49 -28.76
C ASP A 663 0.38 -6.91 -29.18
N VAL A 664 -0.19 -7.45 -30.25
CA VAL A 664 -1.46 -7.06 -30.80
C VAL A 664 -2.31 -8.31 -30.79
N PHE A 665 -3.55 -8.18 -30.34
CA PHE A 665 -4.46 -9.23 -30.18
C PHE A 665 -5.70 -9.06 -30.97
N GLU A 666 -6.25 -10.19 -31.52
CA GLU A 666 -7.54 -10.16 -32.18
C GLU A 666 -8.63 -10.74 -31.34
N GLY A 667 -9.76 -10.08 -31.28
CA GLY A 667 -10.92 -10.58 -30.55
C GLY A 667 -11.92 -11.06 -31.60
N ARG A 668 -12.20 -12.36 -31.54
CA ARG A 668 -13.17 -12.99 -32.45
C ARG A 668 -14.30 -13.56 -31.74
N ASP A 669 -15.49 -13.58 -32.40
CA ASP A 669 -16.65 -14.22 -31.83
C ASP A 669 -16.30 -15.71 -31.60
N ARG A 670 -16.62 -16.18 -30.39
CA ARG A 670 -16.18 -17.51 -29.99
C ARG A 670 -16.88 -18.62 -30.76
N ALA A 671 -18.10 -18.39 -31.15
CA ALA A 671 -18.96 -19.37 -31.91
C ALA A 671 -18.64 -19.32 -33.38
N THR A 672 -18.56 -18.13 -33.98
CA THR A 672 -18.30 -18.03 -35.48
C THR A 672 -16.98 -17.78 -35.96
N GLY A 673 -16.08 -17.24 -35.17
CA GLY A 673 -14.78 -16.87 -35.64
C GLY A 673 -14.70 -15.49 -36.29
N GLU A 674 -15.83 -14.78 -36.34
CA GLU A 674 -15.78 -13.50 -37.04
C GLU A 674 -14.92 -12.48 -36.21
N LEU A 675 -14.12 -11.69 -36.89
CA LEU A 675 -13.24 -10.71 -36.24
C LEU A 675 -14.12 -9.58 -35.76
N LYS A 676 -14.05 -9.25 -34.46
CA LYS A 676 -14.84 -8.12 -33.92
C LYS A 676 -13.98 -6.91 -33.53
N TRP A 677 -12.78 -7.14 -33.05
CA TRP A 677 -11.93 -6.09 -32.49
C TRP A 677 -10.46 -6.41 -32.61
N THR A 678 -9.57 -5.41 -32.40
CA THR A 678 -8.19 -5.65 -32.11
C THR A 678 -7.82 -4.81 -30.89
N GLY A 679 -6.76 -5.20 -30.22
CA GLY A 679 -6.23 -4.47 -29.03
C GLY A 679 -4.83 -4.80 -28.74
N THR A 680 -4.22 -3.91 -27.94
CA THR A 680 -2.84 -4.07 -27.50
C THR A 680 -2.86 -4.66 -26.06
N ARG A 681 -1.65 -4.86 -25.53
CA ARG A 681 -1.47 -5.26 -24.13
C ARG A 681 -2.11 -4.23 -23.16
N VAL A 682 -1.99 -2.98 -23.48
CA VAL A 682 -2.55 -1.93 -22.66
C VAL A 682 -4.07 -2.08 -22.64
N ASP A 683 -4.71 -2.34 -23.75
CA ASP A 683 -6.17 -2.59 -23.71
C ASP A 683 -6.58 -3.82 -22.92
N LEU A 684 -5.91 -4.91 -23.19
CA LEU A 684 -6.33 -6.15 -22.67
C LEU A 684 -5.93 -6.44 -21.22
N VAL A 685 -4.97 -5.70 -20.67
CA VAL A 685 -4.63 -5.84 -19.25
C VAL A 685 -5.83 -5.63 -18.33
N PHE A 686 -6.77 -4.81 -18.77
CA PHE A 686 -7.96 -4.56 -18.00
C PHE A 686 -8.91 -5.75 -17.90
N GLY A 687 -8.75 -6.72 -18.78
CA GLY A 687 -9.47 -7.95 -18.72
C GLY A 687 -8.64 -9.14 -18.21
N SER A 688 -7.42 -8.87 -17.81
CA SER A 688 -6.51 -9.95 -17.39
C SER A 688 -6.09 -9.81 -15.92
N HIS A 689 -5.51 -8.69 -15.55
CA HIS A 689 -5.10 -8.39 -14.20
C HIS A 689 -6.26 -8.50 -13.23
N SER A 690 -6.11 -9.27 -12.15
CA SER A 690 -7.29 -9.50 -11.31
C SER A 690 -7.84 -8.28 -10.62
N GLN A 691 -7.00 -7.31 -10.23
CA GLN A 691 -7.46 -6.08 -9.64
CA GLN A 691 -7.47 -6.07 -9.63
C GLN A 691 -8.02 -5.09 -10.67
N LEU A 692 -7.35 -4.93 -11.84
CA LEU A 692 -7.91 -4.07 -12.85
C LEU A 692 -9.22 -4.64 -13.43
N ARG A 693 -9.31 -5.96 -13.56
CA ARG A 693 -10.53 -6.53 -14.07
C ARG A 693 -11.70 -6.28 -13.07
N ALA A 694 -11.41 -6.30 -11.80
CA ALA A 694 -12.45 -6.00 -10.79
C ALA A 694 -12.98 -4.54 -10.99
N LEU A 695 -12.07 -3.61 -11.27
CA LEU A 695 -12.46 -2.25 -11.54
C LEU A 695 -13.27 -2.18 -12.85
N ALA A 696 -12.78 -2.78 -13.93
CA ALA A 696 -13.52 -2.78 -15.22
C ALA A 696 -14.95 -3.31 -15.07
N GLU A 697 -15.16 -4.32 -14.19
CA GLU A 697 -16.49 -4.90 -13.93
C GLU A 697 -17.46 -3.84 -13.37
N VAL A 698 -16.99 -2.95 -12.49
CA VAL A 698 -17.86 -1.91 -11.91
C VAL A 698 -18.36 -0.99 -13.04
N TYR A 699 -17.44 -0.61 -13.94
CA TYR A 699 -17.83 0.30 -14.99
C TYR A 699 -18.50 -0.36 -16.16
N GLY A 700 -18.45 -1.67 -16.26
CA GLY A 700 -19.12 -2.46 -17.26
C GLY A 700 -20.41 -3.07 -16.88
N SER A 701 -20.94 -2.68 -15.70
CA SER A 701 -22.18 -3.21 -15.23
C SER A 701 -23.37 -2.44 -15.82
N ALA A 702 -24.55 -3.03 -15.73
CA ALA A 702 -25.74 -2.47 -16.36
C ALA A 702 -26.20 -1.20 -15.65
N ASP A 703 -25.78 -0.98 -14.40
CA ASP A 703 -26.18 0.19 -13.63
C ASP A 703 -25.13 1.28 -13.67
N ALA A 704 -24.14 1.21 -14.55
CA ALA A 704 -23.04 2.08 -14.35
C ALA A 704 -22.92 3.25 -15.36
N GLN A 705 -23.93 3.48 -16.17
CA GLN A 705 -23.73 4.54 -17.22
C GLN A 705 -23.53 5.93 -16.62
N GLU A 706 -24.36 6.29 -15.66
CA GLU A 706 -24.27 7.58 -15.01
C GLU A 706 -22.97 7.73 -14.23
N LYS A 707 -22.62 6.63 -13.48
CA LYS A 707 -21.39 6.62 -12.78
C LYS A 707 -20.16 6.76 -13.65
N PHE A 708 -20.14 6.06 -14.76
CA PHE A 708 -19.03 6.16 -15.68
C PHE A 708 -18.84 7.63 -16.18
N VAL A 709 -19.95 8.28 -16.59
CA VAL A 709 -19.91 9.66 -17.09
C VAL A 709 -19.39 10.58 -16.01
N ARG A 710 -19.92 10.50 -14.82
CA ARG A 710 -19.52 11.35 -13.75
C ARG A 710 -18.08 11.16 -13.37
N ASP A 711 -17.64 9.91 -13.24
CA ASP A 711 -16.31 9.70 -12.88
C ASP A 711 -15.30 10.11 -14.00
N PHE A 712 -15.71 9.92 -15.23
CA PHE A 712 -14.83 10.35 -16.36
C PHE A 712 -14.64 11.85 -16.32
N VAL A 713 -15.76 12.60 -16.20
CA VAL A 713 -15.66 14.07 -16.17
C VAL A 713 -14.74 14.51 -15.00
N ALA A 714 -14.88 13.90 -13.78
CA ALA A 714 -14.07 14.24 -12.71
C ALA A 714 -12.57 14.00 -12.93
N VAL A 715 -12.23 12.89 -13.50
CA VAL A 715 -10.78 12.61 -13.72
C VAL A 715 -10.25 13.41 -14.89
N TRP A 716 -11.09 13.73 -15.88
CA TRP A 716 -10.65 14.66 -17.02
C TRP A 716 -10.32 16.00 -16.42
N ASN A 717 -11.21 16.52 -15.51
CA ASN A 717 -11.02 17.85 -14.91
C ASN A 717 -9.75 17.77 -14.00
N LYS A 718 -9.57 16.66 -13.24
CA LYS A 718 -8.32 16.55 -12.49
C LYS A 718 -7.08 16.72 -13.34
N VAL A 719 -7.05 16.01 -14.44
CA VAL A 719 -5.87 16.09 -15.36
C VAL A 719 -5.68 17.50 -15.87
N MET A 720 -6.75 18.13 -16.28
CA MET A 720 -6.64 19.52 -16.80
C MET A 720 -6.08 20.48 -15.74
N ASN A 721 -6.30 20.23 -14.46
CA ASN A 721 -5.90 21.15 -13.42
C ASN A 721 -4.56 20.77 -12.74
N LEU A 722 -3.79 19.76 -13.18
CA LEU A 722 -2.69 19.21 -12.38
C LEU A 722 -1.67 20.30 -12.08
N ASP A 723 -1.44 21.21 -13.00
CA ASP A 723 -0.37 22.23 -12.81
C ASP A 723 -0.94 23.52 -12.28
N ARG A 724 -2.16 23.58 -11.76
CA ARG A 724 -2.80 24.84 -11.38
C ARG A 724 -2.53 25.26 -9.96
N PHE A 725 -1.27 25.43 -9.65
CA PHE A 725 -0.85 25.79 -8.29
C PHE A 725 -1.19 27.25 -8.01
N ASP A 726 -1.50 27.99 -9.03
CA ASP A 726 -2.07 29.39 -8.89
C ASP A 726 -3.39 29.38 -8.29
N LEU A 727 -4.13 28.28 -8.23
CA LEU A 727 -5.42 28.16 -7.60
C LEU A 727 -5.41 27.51 -6.27
N ALA A 728 -4.31 26.84 -5.89
CA ALA A 728 -4.11 26.20 -4.51
C ALA A 728 -4.31 27.23 -3.36
N GLY B 16 13.49 -4.64 -10.65
CA GLY B 16 13.73 -3.42 -9.73
C GLY B 16 13.85 -3.81 -8.26
N THR B 17 14.94 -3.58 -7.62
CA THR B 17 15.09 -3.99 -6.22
C THR B 17 14.32 -3.05 -5.29
N SER B 18 13.64 -3.64 -4.31
CA SER B 18 12.69 -2.89 -3.45
C SER B 18 13.22 -2.97 -2.00
N ASN B 19 12.57 -2.18 -1.12
CA ASN B 19 13.00 -2.19 0.26
C ASN B 19 12.88 -3.55 0.94
N ARG B 20 11.85 -4.27 0.57
CA ARG B 20 11.59 -5.61 1.12
C ARG B 20 12.74 -6.56 0.71
N ASP B 21 13.32 -6.36 -0.46
CA ASP B 21 14.46 -7.13 -0.88
C ASP B 21 15.67 -6.83 0.03
N TRP B 22 15.96 -5.52 0.22
CA TRP B 22 17.13 -5.10 1.00
C TRP B 22 17.06 -5.46 2.53
N TRP B 23 15.86 -5.34 3.10
CA TRP B 23 15.64 -5.44 4.55
C TRP B 23 14.40 -6.38 4.67
N PRO B 24 14.66 -7.69 4.56
CA PRO B 24 13.43 -8.54 4.34
C PRO B 24 12.75 -8.79 5.63
N ASN B 25 13.36 -8.48 6.75
CA ASN B 25 12.71 -8.73 8.04
C ASN B 25 12.17 -7.49 8.67
N GLN B 26 12.08 -6.36 7.96
CA GLN B 26 11.76 -5.03 8.58
C GLN B 26 10.22 -5.12 8.60
N LEU B 27 9.59 -4.25 9.33
CA LEU B 27 8.14 -4.37 9.63
C LEU B 27 7.41 -3.78 8.46
N ASP B 28 6.28 -4.35 8.06
CA ASP B 28 5.46 -3.76 6.97
C ASP B 28 4.21 -3.02 7.36
N LEU B 29 4.23 -1.69 7.30
CA LEU B 29 3.12 -0.92 7.78
C LEU B 29 2.04 -0.78 6.69
N SER B 30 2.33 -1.16 5.43
CA SER B 30 1.32 -1.05 4.34
CA SER B 30 1.35 -1.04 4.34
C SER B 30 0.03 -1.84 4.66
N ILE B 31 0.16 -2.91 5.46
CA ILE B 31 -0.98 -3.64 5.93
C ILE B 31 -1.99 -2.82 6.70
N LEU B 32 -1.58 -1.71 7.32
CA LEU B 32 -2.51 -0.87 8.03
C LEU B 32 -3.25 0.17 7.16
N HIS B 33 -2.81 0.31 5.91
CA HIS B 33 -3.34 1.40 5.04
C HIS B 33 -3.91 0.83 3.73
N ARG B 34 -4.33 -0.43 3.78
CA ARG B 34 -5.13 -1.05 2.74
C ARG B 34 -6.52 -0.59 2.80
N HIS B 35 -7.25 -0.81 1.70
CA HIS B 35 -8.68 -0.44 1.76
C HIS B 35 -8.84 1.05 1.89
N SER B 36 -7.86 1.86 1.45
CA SER B 36 -8.06 3.30 1.42
C SER B 36 -9.11 3.53 0.36
N SER B 37 -9.66 4.69 0.49
CA SER B 37 -10.65 5.14 -0.46
C SER B 37 -9.93 5.23 -1.86
N LEU B 38 -8.59 5.31 -1.94
CA LEU B 38 -7.90 5.43 -3.23
C LEU B 38 -8.16 4.20 -4.16
N SER B 39 -8.08 3.01 -3.61
CA SER B 39 -8.18 1.78 -4.38
C SER B 39 -9.65 1.40 -4.68
N ASP B 40 -10.56 2.03 -4.04
CA ASP B 40 -11.99 1.65 -4.11
C ASP B 40 -12.69 2.45 -5.18
N PRO B 41 -13.35 1.83 -6.14
CA PRO B 41 -13.98 2.59 -7.23
C PRO B 41 -15.30 3.19 -6.78
N MET B 42 -15.90 2.76 -5.66
CA MET B 42 -17.19 3.25 -5.31
C MET B 42 -17.02 4.61 -4.61
N GLY B 43 -18.03 5.36 -4.59
CA GLY B 43 -17.70 6.74 -3.84
C GLY B 43 -17.46 6.54 -2.31
N LYS B 44 -16.96 7.57 -1.62
CA LYS B 44 -16.63 7.34 -0.17
C LYS B 44 -17.95 7.21 0.59
N ASP B 45 -19.05 7.69 0.03
CA ASP B 45 -20.32 7.63 0.71
C ASP B 45 -21.11 6.37 0.30
N PHE B 46 -20.58 5.55 -0.61
CA PHE B 46 -21.34 4.33 -1.02
C PHE B 46 -21.63 3.48 0.21
N ASN B 47 -22.91 3.04 0.27
CA ASN B 47 -23.21 2.19 1.41
C ASN B 47 -23.86 0.87 0.84
N TYR B 48 -23.04 -0.17 0.93
CA TYR B 48 -23.52 -1.47 0.28
C TYR B 48 -24.81 -1.96 0.90
N ALA B 49 -24.96 -1.85 2.23
CA ALA B 49 -26.21 -2.30 2.82
C ALA B 49 -27.45 -1.67 2.29
N GLN B 50 -27.35 -0.37 2.01
CA GLN B 50 -28.49 0.34 1.41
C GLN B 50 -28.79 -0.18 -0.01
N ALA B 51 -27.74 -0.48 -0.78
CA ALA B 51 -27.89 -0.99 -2.14
C ALA B 51 -28.51 -2.32 -2.12
N PHE B 52 -28.01 -3.21 -1.27
CA PHE B 52 -28.52 -4.55 -1.22
C PHE B 52 -30.01 -4.58 -0.81
N GLU B 53 -30.30 -3.75 0.16
CA GLU B 53 -31.68 -3.82 0.73
C GLU B 53 -32.68 -3.43 -0.34
N LYS B 54 -32.32 -2.77 -1.44
CA LYS B 54 -33.22 -2.60 -2.51
C LYS B 54 -33.09 -3.59 -3.75
N LEU B 55 -32.13 -4.51 -3.75
CA LEU B 55 -32.00 -5.55 -4.72
C LEU B 55 -33.31 -6.41 -4.68
N ASP B 56 -33.75 -6.80 -5.87
CA ASP B 56 -34.84 -7.81 -6.02
C ASP B 56 -34.18 -9.25 -5.87
N LEU B 57 -34.04 -9.73 -4.64
CA LEU B 57 -33.30 -10.92 -4.37
C LEU B 57 -34.00 -12.09 -5.14
N ALA B 58 -35.33 -12.09 -5.13
CA ALA B 58 -36.07 -13.14 -5.82
C ALA B 58 -35.74 -13.20 -7.31
N ALA B 59 -35.56 -12.07 -7.97
CA ALA B 59 -35.18 -12.04 -9.36
C ALA B 59 -33.77 -12.66 -9.56
N VAL B 60 -32.85 -12.27 -8.68
CA VAL B 60 -31.48 -12.82 -8.74
C VAL B 60 -31.51 -14.36 -8.65
N LYS B 61 -32.32 -14.86 -7.73
CA LYS B 61 -32.43 -16.33 -7.55
C LYS B 61 -33.09 -17.02 -8.74
N ARG B 62 -34.02 -16.36 -9.36
CA ARG B 62 -34.58 -16.97 -10.62
C ARG B 62 -33.51 -17.10 -11.69
N ASP B 63 -32.72 -16.04 -11.84
CA ASP B 63 -31.60 -16.06 -12.79
C ASP B 63 -30.58 -17.12 -12.49
N LEU B 64 -30.26 -17.33 -11.21
CA LEU B 64 -29.31 -18.32 -10.74
C LEU B 64 -29.87 -19.72 -11.06
N HIS B 65 -31.15 -19.94 -10.80
CA HIS B 65 -31.81 -21.22 -11.11
C HIS B 65 -31.64 -21.52 -12.64
N ALA B 66 -31.92 -20.53 -13.50
CA ALA B 66 -31.74 -20.67 -14.95
C ALA B 66 -30.33 -21.05 -15.37
N LEU B 67 -29.37 -20.40 -14.73
CA LEU B 67 -27.98 -20.59 -15.02
C LEU B 67 -27.60 -22.04 -14.80
N MET B 68 -28.12 -22.69 -13.76
CA MET B 68 -27.71 -24.03 -13.42
C MET B 68 -27.55 -24.99 -14.63
N THR B 69 -28.54 -24.90 -15.51
CA THR B 69 -28.60 -25.84 -16.59
C THR B 69 -28.33 -25.14 -17.95
N THR B 70 -27.79 -23.94 -17.98
CA THR B 70 -27.43 -23.31 -19.18
C THR B 70 -25.94 -23.51 -19.47
N SER B 71 -25.61 -24.63 -20.15
CA SER B 71 -24.18 -25.02 -20.36
C SER B 71 -23.49 -24.11 -21.36
N GLN B 72 -22.29 -23.65 -21.06
CA GLN B 72 -21.50 -22.88 -21.99
C GLN B 72 -20.44 -23.85 -22.57
N ASP B 73 -20.19 -23.73 -23.90
CA ASP B 73 -19.29 -24.62 -24.56
C ASP B 73 -17.85 -24.52 -24.14
N TRP B 74 -17.44 -23.35 -23.64
CA TRP B 74 -16.11 -23.23 -23.15
C TRP B 74 -15.85 -23.90 -21.77
N TRP B 75 -16.88 -24.37 -21.05
CA TRP B 75 -16.72 -25.16 -19.82
C TRP B 75 -18.02 -25.90 -19.59
N PRO B 76 -18.26 -26.94 -20.38
CA PRO B 76 -19.53 -27.63 -20.36
C PRO B 76 -19.92 -28.21 -18.97
N ALA B 77 -21.17 -28.12 -18.66
CA ALA B 77 -21.67 -28.59 -17.34
C ALA B 77 -21.75 -30.11 -17.23
N ASP B 78 -21.11 -30.64 -16.22
CA ASP B 78 -21.25 -32.09 -15.86
C ASP B 78 -22.65 -32.45 -15.67
N PHE B 79 -23.16 -33.58 -16.26
CA PHE B 79 -24.54 -34.00 -16.06
C PHE B 79 -25.57 -32.96 -16.50
N GLY B 80 -25.16 -31.96 -17.27
CA GLY B 80 -26.01 -30.89 -17.66
C GLY B 80 -26.35 -29.86 -16.56
N HIS B 81 -25.65 -29.90 -15.42
CA HIS B 81 -26.04 -29.08 -14.29
C HIS B 81 -24.80 -28.63 -13.49
N TYR B 82 -24.61 -27.32 -13.41
CA TYR B 82 -23.40 -26.75 -12.73
C TYR B 82 -23.50 -26.75 -11.17
N GLY B 83 -24.51 -27.38 -10.60
CA GLY B 83 -24.74 -27.27 -9.19
C GLY B 83 -23.50 -27.73 -8.31
N GLY B 84 -22.94 -28.89 -8.66
CA GLY B 84 -21.77 -29.38 -7.92
C GLY B 84 -20.62 -28.40 -7.99
N LEU B 85 -20.33 -27.87 -9.21
CA LEU B 85 -19.25 -26.88 -9.35
C LEU B 85 -19.50 -25.68 -8.38
N PHE B 86 -20.71 -25.18 -8.44
CA PHE B 86 -21.06 -23.99 -7.65
C PHE B 86 -21.01 -24.25 -6.13
N ILE B 87 -21.40 -25.41 -5.72
CA ILE B 87 -21.31 -25.78 -4.27
C ILE B 87 -19.86 -25.79 -3.86
N ARG B 88 -18.99 -26.43 -4.68
CA ARG B 88 -17.55 -26.38 -4.37
C ARG B 88 -17.04 -24.95 -4.34
N MET B 89 -17.44 -24.12 -5.30
CA MET B 89 -17.04 -22.72 -5.37
C MET B 89 -17.37 -22.01 -3.99
N ALA B 90 -18.60 -22.16 -3.53
CA ALA B 90 -19.01 -21.47 -2.35
C ALA B 90 -18.33 -22.01 -1.11
N TRP B 91 -18.20 -23.39 -1.04
CA TRP B 91 -17.48 -24.05 0.02
C TRP B 91 -16.00 -23.47 0.10
N HIS B 92 -15.30 -23.44 -1.03
CA HIS B 92 -13.97 -22.86 -1.02
C HIS B 92 -13.91 -21.40 -0.70
N SER B 93 -14.92 -20.62 -1.08
CA SER B 93 -14.93 -19.23 -0.68
C SER B 93 -14.88 -19.14 0.90
N ALA B 94 -15.75 -19.88 1.55
CA ALA B 94 -15.81 -19.93 3.03
C ALA B 94 -14.67 -20.70 3.66
N GLY B 95 -14.04 -21.64 2.91
CA GLY B 95 -13.16 -22.61 3.50
C GLY B 95 -11.79 -22.11 3.87
N THR B 96 -11.44 -20.87 3.57
CA THR B 96 -10.13 -20.38 3.94
C THR B 96 -10.07 -19.85 5.40
N TYR B 97 -11.24 -19.78 6.03
CA TYR B 97 -11.38 -19.20 7.37
C TYR B 97 -10.52 -19.87 8.43
N ARG B 98 -9.90 -19.06 9.31
CA ARG B 98 -9.13 -19.54 10.43
C ARG B 98 -9.65 -18.92 11.72
N THR B 99 -10.02 -19.69 12.69
CA THR B 99 -10.49 -19.13 13.99
CA THR B 99 -10.50 -19.16 13.99
C THR B 99 -9.38 -18.43 14.75
N ALA B 100 -8.13 -18.81 14.51
CA ALA B 100 -7.01 -18.16 15.23
C ALA B 100 -7.00 -16.66 15.10
N ASP B 101 -7.20 -16.13 13.90
CA ASP B 101 -7.17 -14.66 13.67
C ASP B 101 -8.40 -14.12 13.08
N GLY B 102 -9.33 -15.01 12.65
CA GLY B 102 -10.55 -14.64 11.98
C GLY B 102 -10.37 -14.28 10.47
N ARG B 103 -9.10 -14.43 9.98
CA ARG B 103 -8.78 -14.05 8.63
C ARG B 103 -9.30 -15.14 7.67
N GLY B 104 -9.36 -14.77 6.42
CA GLY B 104 -10.01 -15.74 5.41
C GLY B 104 -11.49 -15.79 5.59
N GLY B 105 -12.13 -16.78 4.92
CA GLY B 105 -13.58 -16.76 4.81
C GLY B 105 -14.16 -16.05 3.61
N ALA B 106 -15.48 -16.17 3.50
CA ALA B 106 -16.25 -15.71 2.30
C ALA B 106 -16.57 -14.24 2.36
N GLY B 107 -16.40 -13.60 3.51
CA GLY B 107 -17.03 -12.31 3.76
C GLY B 107 -16.47 -11.11 2.98
N GLU B 108 -15.30 -11.21 2.35
CA GLU B 108 -14.77 -10.12 1.54
C GLU B 108 -14.60 -10.50 0.06
N GLY B 109 -15.14 -11.66 -0.34
CA GLY B 109 -15.02 -12.02 -1.79
C GLY B 109 -13.64 -12.19 -2.30
N GLN B 110 -12.67 -12.55 -1.42
CA GLN B 110 -11.28 -12.54 -1.75
C GLN B 110 -10.91 -13.75 -2.73
N GLN B 111 -11.81 -14.71 -3.04
CA GLN B 111 -11.50 -15.76 -3.97
C GLN B 111 -11.21 -15.18 -5.38
N ARG B 112 -11.65 -13.98 -5.69
CA ARG B 112 -11.41 -13.38 -7.01
C ARG B 112 -10.07 -12.61 -7.16
N PHE B 113 -9.29 -12.55 -6.10
CA PHE B 113 -8.02 -11.89 -6.09
C PHE B 113 -6.87 -12.88 -5.83
N ALA B 114 -5.64 -12.43 -6.10
CA ALA B 114 -4.44 -13.20 -5.73
C ALA B 114 -4.32 -13.25 -4.18
N PRO B 115 -3.81 -14.31 -3.62
CA PRO B 115 -3.33 -15.55 -4.30
C PRO B 115 -4.50 -16.54 -4.44
N LEU B 116 -5.61 -16.35 -3.73
CA LEU B 116 -6.64 -17.41 -3.69
C LEU B 116 -7.26 -17.76 -5.04
N ASN B 117 -7.32 -16.78 -5.91
CA ASN B 117 -7.82 -17.08 -7.26
C ASN B 117 -6.94 -18.06 -8.03
N SER B 118 -5.73 -18.32 -7.54
CA SER B 118 -4.77 -19.17 -8.21
C SER B 118 -4.23 -20.31 -7.35
N TRP B 119 -4.84 -20.57 -6.18
CA TRP B 119 -4.39 -21.69 -5.41
C TRP B 119 -4.74 -22.96 -6.13
N PRO B 120 -3.90 -23.97 -6.04
CA PRO B 120 -4.24 -25.23 -6.78
C PRO B 120 -5.58 -25.78 -6.38
N ASP B 121 -5.98 -25.75 -5.09
CA ASP B 121 -7.29 -26.20 -4.68
C ASP B 121 -8.43 -25.38 -5.25
N ASN B 122 -8.19 -24.21 -5.85
CA ASN B 122 -9.22 -23.43 -6.49
C ASN B 122 -9.23 -23.57 -7.97
N ALA B 123 -8.50 -24.56 -8.48
CA ALA B 123 -8.47 -24.77 -9.93
C ALA B 123 -9.84 -24.96 -10.53
N ASN B 124 -10.06 -24.30 -11.65
CA ASN B 124 -11.30 -24.27 -12.39
C ASN B 124 -12.45 -23.51 -11.73
N LEU B 125 -12.24 -22.99 -10.53
CA LEU B 125 -13.28 -22.08 -9.96
C LEU B 125 -13.21 -20.74 -10.64
N ASP B 126 -12.17 -20.44 -11.39
CA ASP B 126 -12.18 -19.31 -12.33
C ASP B 126 -13.27 -19.45 -13.34
N LYS B 127 -13.55 -20.64 -13.79
CA LYS B 127 -14.62 -20.91 -14.76
C LYS B 127 -15.95 -20.64 -14.07
N ALA B 128 -16.10 -21.15 -12.87
CA ALA B 128 -17.36 -20.92 -12.11
C ALA B 128 -17.68 -19.47 -11.95
N ARG B 129 -16.67 -18.68 -11.50
CA ARG B 129 -16.94 -17.25 -11.34
C ARG B 129 -17.20 -16.53 -12.65
N ARG B 130 -16.56 -16.96 -13.79
CA ARG B 130 -16.83 -16.36 -15.06
C ARG B 130 -18.28 -16.62 -15.54
N LEU B 131 -18.82 -17.82 -15.20
CA LEU B 131 -20.23 -18.17 -15.51
C LEU B 131 -21.23 -17.21 -14.83
N LEU B 132 -20.78 -16.62 -13.73
CA LEU B 132 -21.60 -15.67 -12.94
C LEU B 132 -21.51 -14.21 -13.37
N TRP B 133 -20.57 -13.88 -14.24
CA TRP B 133 -20.41 -12.50 -14.67
C TRP B 133 -21.72 -11.90 -15.29
N PRO B 134 -22.47 -12.63 -16.12
CA PRO B 134 -23.61 -11.96 -16.64
C PRO B 134 -24.64 -11.53 -15.55
N ILE B 135 -24.87 -12.39 -14.53
CA ILE B 135 -25.72 -12.00 -13.44
C ILE B 135 -25.11 -10.82 -12.69
N LYS B 136 -23.81 -10.85 -12.34
CA LYS B 136 -23.18 -9.74 -11.63
C LYS B 136 -23.36 -8.45 -12.37
N GLN B 137 -23.18 -8.53 -13.71
CA GLN B 137 -23.31 -7.35 -14.57
C GLN B 137 -24.67 -6.83 -14.53
N LYS B 138 -25.67 -7.70 -14.61
CA LYS B 138 -27.04 -7.27 -14.67
C LYS B 138 -27.50 -6.53 -13.38
N TYR B 139 -27.06 -6.97 -12.22
CA TYR B 139 -27.52 -6.41 -10.96
C TYR B 139 -26.59 -5.35 -10.41
N GLY B 140 -25.37 -5.38 -10.87
CA GLY B 140 -24.36 -4.34 -10.54
C GLY B 140 -24.04 -4.21 -9.07
N ARG B 141 -24.02 -2.96 -8.55
CA ARG B 141 -23.50 -2.78 -7.22
C ARG B 141 -24.47 -3.25 -6.13
N ALA B 142 -25.72 -3.56 -6.53
CA ALA B 142 -26.71 -4.01 -5.61
C ALA B 142 -26.49 -5.50 -5.08
N ILE B 143 -25.60 -6.27 -5.73
CA ILE B 143 -25.15 -7.52 -5.16
C ILE B 143 -23.66 -7.61 -5.27
N SER B 144 -22.97 -7.76 -4.19
CA SER B 144 -21.52 -7.92 -4.23
C SER B 144 -21.12 -9.31 -4.75
N TRP B 145 -19.92 -9.42 -5.26
CA TRP B 145 -19.35 -10.68 -5.58
C TRP B 145 -19.37 -11.60 -4.36
N ALA B 146 -18.97 -11.06 -3.19
CA ALA B 146 -18.91 -11.88 -1.99
C ALA B 146 -20.26 -12.50 -1.65
N ASP B 147 -21.36 -11.71 -1.69
CA ASP B 147 -22.68 -12.27 -1.45
C ASP B 147 -23.11 -13.24 -2.58
N LEU B 148 -22.78 -12.90 -3.81
CA LEU B 148 -23.17 -13.72 -5.01
C LEU B 148 -22.58 -15.10 -4.92
N LEU B 149 -21.32 -15.19 -4.48
CA LEU B 149 -20.71 -16.53 -4.47
C LEU B 149 -21.47 -17.48 -3.51
N ILE B 150 -21.90 -16.95 -2.33
CA ILE B 150 -22.61 -17.75 -1.32
C ILE B 150 -24.04 -18.02 -1.83
N LEU B 151 -24.72 -16.98 -2.31
CA LEU B 151 -26.07 -17.11 -2.78
C LEU B 151 -26.11 -18.23 -3.86
N THR B 152 -25.15 -18.20 -4.80
CA THR B 152 -25.08 -19.23 -5.79
C THR B 152 -24.94 -20.64 -5.29
N GLY B 153 -24.14 -20.81 -4.28
CA GLY B 153 -24.10 -22.15 -3.62
C GLY B 153 -25.44 -22.55 -3.03
N ASN B 154 -26.11 -21.59 -2.37
CA ASN B 154 -27.44 -21.88 -1.86
C ASN B 154 -28.42 -22.29 -2.98
N VAL B 155 -28.44 -21.50 -4.08
CA VAL B 155 -29.32 -21.84 -5.17
C VAL B 155 -28.96 -23.20 -5.76
N ALA B 156 -27.71 -23.54 -5.90
CA ALA B 156 -27.36 -24.84 -6.36
C ALA B 156 -27.95 -25.96 -5.52
N LEU B 157 -27.80 -25.86 -4.18
CA LEU B 157 -28.45 -26.79 -3.27
C LEU B 157 -29.95 -26.87 -3.45
N GLU B 158 -30.62 -25.70 -3.55
CA GLU B 158 -32.09 -25.66 -3.68
C GLU B 158 -32.49 -26.31 -5.01
N SER B 159 -31.79 -25.97 -6.06
CA SER B 159 -32.04 -26.51 -7.39
C SER B 159 -31.97 -28.00 -7.42
N MET B 160 -31.10 -28.55 -6.64
CA MET B 160 -30.87 -30.03 -6.54
C MET B 160 -31.67 -30.69 -5.44
N GLY B 161 -32.62 -29.99 -4.85
CA GLY B 161 -33.56 -30.59 -3.93
C GLY B 161 -33.30 -30.52 -2.44
N PHE B 162 -32.32 -29.68 -2.08
CA PHE B 162 -31.95 -29.51 -0.65
C PHE B 162 -32.43 -28.18 -0.16
N LYS B 163 -33.25 -28.18 0.86
CA LYS B 163 -33.78 -26.98 1.51
C LYS B 163 -32.71 -26.41 2.49
N THR B 164 -32.32 -25.23 2.19
CA THR B 164 -31.30 -24.52 3.02
C THR B 164 -31.92 -23.91 4.23
N PHE B 165 -31.06 -23.61 5.23
CA PHE B 165 -31.48 -23.00 6.51
C PHE B 165 -31.71 -21.52 6.38
N GLY B 166 -31.23 -20.90 5.28
CA GLY B 166 -31.40 -19.43 5.17
C GLY B 166 -30.18 -18.79 4.50
N PHE B 167 -30.20 -17.45 4.42
CA PHE B 167 -29.16 -16.70 3.75
C PHE B 167 -29.25 -15.28 4.23
N ALA B 168 -28.12 -14.68 4.51
CA ALA B 168 -28.05 -13.23 4.75
C ALA B 168 -27.10 -12.59 3.77
N GLY B 169 -27.49 -11.43 3.22
CA GLY B 169 -26.56 -10.57 2.50
C GLY B 169 -25.87 -9.61 3.46
N GLY B 170 -25.03 -8.80 2.91
CA GLY B 170 -24.27 -7.73 3.56
C GLY B 170 -22.77 -7.87 3.51
N ARG B 171 -22.19 -8.79 2.73
CA ARG B 171 -20.75 -8.93 2.60
C ARG B 171 -20.30 -7.89 1.57
N ALA B 172 -19.73 -6.73 2.03
CA ALA B 172 -19.31 -5.71 1.01
C ALA B 172 -18.09 -6.24 0.26
N ASP B 173 -18.05 -5.91 -1.05
CA ASP B 173 -16.89 -6.24 -1.81
C ASP B 173 -15.65 -5.45 -1.36
N THR B 174 -14.48 -6.03 -1.59
CA THR B 174 -13.19 -5.43 -1.33
C THR B 174 -12.49 -5.35 -2.71
N TRP B 175 -11.38 -4.62 -2.74
CA TRP B 175 -10.83 -4.17 -4.05
C TRP B 175 -9.39 -4.45 -4.26
N GLU B 176 -8.77 -5.11 -3.29
CA GLU B 176 -7.38 -5.54 -3.39
C GLU B 176 -7.16 -6.75 -2.48
N PRO B 177 -6.08 -7.50 -2.66
CA PRO B 177 -5.87 -8.59 -1.76
C PRO B 177 -5.69 -8.28 -0.26
N GLU B 178 -6.23 -9.15 0.56
CA GLU B 178 -6.20 -9.06 2.03
C GLU B 178 -4.73 -9.43 2.41
N ASP B 179 -4.17 -8.90 3.49
CA ASP B 179 -2.83 -9.29 3.91
C ASP B 179 -2.99 -10.40 4.92
N VAL B 180 -2.73 -11.62 4.48
CA VAL B 180 -2.89 -12.79 5.32
C VAL B 180 -1.60 -13.63 5.29
N TYR B 181 -1.16 -14.07 6.44
CA TYR B 181 -0.09 -15.09 6.52
C TYR B 181 -0.68 -16.45 6.17
N TRP B 182 -0.37 -16.96 4.98
CA TRP B 182 -0.83 -18.30 4.56
C TRP B 182 0.17 -19.44 4.77
N GLY B 183 1.33 -19.03 5.28
CA GLY B 183 2.48 -19.99 5.45
C GLY B 183 3.77 -19.40 4.85
N SER B 184 4.91 -20.11 5.09
CA SER B 184 6.21 -19.66 4.61
C SER B 184 6.81 -20.51 3.54
N GLU B 185 6.13 -21.55 3.09
CA GLU B 185 6.68 -22.38 2.02
C GLU B 185 6.79 -21.61 0.71
N LYS B 186 7.79 -21.93 -0.09
CA LYS B 186 8.04 -21.28 -1.41
C LYS B 186 7.73 -22.16 -2.56
N ILE B 187 7.07 -23.29 -2.33
CA ILE B 187 6.66 -24.23 -3.31
C ILE B 187 5.19 -24.60 -3.10
N TRP B 188 4.38 -24.40 -4.11
CA TRP B 188 2.99 -24.83 -4.03
C TRP B 188 2.88 -26.30 -3.54
N LEU B 189 1.96 -26.55 -2.55
CA LEU B 189 1.60 -27.92 -2.13
C LEU B 189 2.81 -28.68 -1.46
N GLU B 190 3.78 -27.96 -0.97
CA GLU B 190 4.94 -28.70 -0.47
C GLU B 190 4.56 -29.59 0.69
N LEU B 191 5.08 -30.83 0.68
CA LEU B 191 4.86 -31.79 1.77
C LEU B 191 5.61 -31.35 2.96
N SER B 192 5.18 -31.88 4.11
CA SER B 192 5.69 -31.43 5.38
C SER B 192 7.21 -31.77 5.59
N GLY B 193 7.83 -31.04 6.53
CA GLY B 193 9.21 -31.38 6.96
C GLY B 193 10.26 -30.65 6.08
N GLY B 194 9.88 -29.70 5.20
CA GLY B 194 10.80 -28.98 4.38
C GLY B 194 11.34 -27.82 5.18
N PRO B 195 12.16 -26.96 4.55
CA PRO B 195 12.76 -25.87 5.29
C PRO B 195 11.88 -24.87 5.94
N ASN B 196 10.69 -24.76 5.39
CA ASN B 196 9.65 -23.87 5.92
C ASN B 196 8.41 -24.64 6.44
N SER B 197 8.64 -25.81 7.03
CA SER B 197 7.58 -26.71 7.39
C SER B 197 6.57 -25.98 8.31
N ARG B 198 5.28 -26.16 8.02
CA ARG B 198 4.20 -25.71 8.92
C ARG B 198 3.89 -26.71 10.02
N TYR B 199 4.57 -27.85 9.99
CA TYR B 199 4.43 -28.89 11.01
C TYR B 199 5.73 -29.05 11.83
N SER B 200 5.54 -29.31 13.10
CA SER B 200 6.69 -29.75 14.00
C SER B 200 6.14 -30.75 15.00
N GLY B 201 7.03 -31.46 15.72
CA GLY B 201 6.59 -32.33 16.75
C GLY B 201 5.72 -33.44 16.22
N ASP B 202 4.71 -33.81 17.00
CA ASP B 202 3.76 -34.86 16.63
C ASP B 202 2.60 -34.28 15.78
N ARG B 203 2.97 -33.95 14.57
CA ARG B 203 2.03 -33.40 13.55
C ARG B 203 1.29 -32.20 14.14
N GLN B 204 2.04 -31.27 14.71
CA GLN B 204 1.47 -30.03 15.25
C GLN B 204 1.53 -28.97 14.20
N LEU B 205 0.35 -28.45 13.84
CA LEU B 205 0.25 -27.42 12.81
C LEU B 205 0.47 -26.07 13.39
N GLU B 206 1.28 -25.24 12.80
CA GLU B 206 1.59 -23.90 13.38
C GLU B 206 0.38 -22.95 13.33
N ASN B 207 0.11 -22.31 14.45
CA ASN B 207 -0.91 -21.23 14.44
C ASN B 207 -0.36 -20.07 13.66
N PRO B 208 -1.12 -19.30 12.89
CA PRO B 208 -2.56 -19.37 12.77
C PRO B 208 -3.09 -20.19 11.63
N LEU B 209 -2.30 -21.12 11.09
CA LEU B 209 -2.70 -21.78 9.81
C LEU B 209 -3.75 -22.81 10.07
N ALA B 210 -4.55 -23.14 9.03
CA ALA B 210 -5.62 -24.07 9.18
C ALA B 210 -5.76 -24.99 7.99
N ALA B 211 -4.65 -25.20 7.27
CA ALA B 211 -4.55 -26.10 6.12
C ALA B 211 -3.23 -26.85 6.20
N VAL B 212 -3.22 -28.03 5.62
CA VAL B 212 -2.06 -28.93 5.82
C VAL B 212 -0.89 -28.69 4.86
N GLN B 213 -1.19 -28.01 3.73
CA GLN B 213 -0.19 -27.78 2.66
C GLN B 213 -0.57 -26.38 2.03
N MET B 214 0.47 -25.68 1.60
CA MET B 214 0.31 -24.37 0.97
C MET B 214 -0.53 -24.51 -0.32
N GLY B 215 -1.65 -23.81 -0.33
CA GLY B 215 -2.53 -23.85 -1.53
C GLY B 215 -3.70 -24.79 -1.44
N LEU B 216 -3.86 -25.48 -0.30
CA LEU B 216 -5.01 -26.32 0.01
C LEU B 216 -5.98 -25.56 0.94
N ILE B 217 -7.28 -25.95 0.83
CA ILE B 217 -8.31 -25.41 1.66
C ILE B 217 -8.26 -25.99 3.13
N TYR B 218 -8.29 -27.30 3.26
CA TYR B 218 -8.12 -27.94 4.58
C TYR B 218 -7.07 -29.06 4.50
N VAL B 219 -7.45 -30.20 3.93
CA VAL B 219 -6.58 -31.36 3.94
C VAL B 219 -6.28 -31.90 2.52
N ASN B 220 -5.41 -32.89 2.45
CA ASN B 220 -5.02 -33.48 1.16
C ASN B 220 -5.96 -34.69 0.83
N PRO B 221 -6.67 -34.68 -0.29
CA PRO B 221 -7.65 -35.76 -0.54
C PRO B 221 -7.04 -37.14 -0.70
N GLU B 222 -5.75 -37.21 -0.95
CA GLU B 222 -5.08 -38.54 -1.02
C GLU B 222 -4.63 -39.02 0.33
N GLY B 223 -4.66 -38.22 1.35
CA GLY B 223 -4.22 -38.59 2.67
C GLY B 223 -3.04 -37.69 3.11
N PRO B 224 -2.61 -37.84 4.41
CA PRO B 224 -1.62 -36.91 4.93
C PRO B 224 -0.28 -37.06 4.19
N ASP B 225 0.20 -35.93 3.68
CA ASP B 225 1.37 -35.89 2.79
C ASP B 225 1.27 -36.87 1.60
N GLY B 226 0.06 -37.14 1.16
CA GLY B 226 -0.10 -38.09 0.07
C GLY B 226 -0.15 -39.59 0.40
N ASN B 227 -0.17 -39.94 1.68
CA ASN B 227 -0.20 -41.37 2.10
C ASN B 227 -1.70 -41.70 2.32
N PRO B 228 -2.23 -42.65 1.59
CA PRO B 228 -3.65 -43.00 1.66
C PRO B 228 -4.10 -43.84 2.80
N ASP B 229 -4.03 -43.28 4.02
CA ASP B 229 -4.45 -43.91 5.26
C ASP B 229 -5.64 -43.11 5.81
N PRO B 230 -6.85 -43.67 5.69
CA PRO B 230 -8.06 -42.95 6.15
C PRO B 230 -8.07 -42.58 7.56
N VAL B 231 -7.36 -43.40 8.42
CA VAL B 231 -7.36 -43.09 9.89
C VAL B 231 -6.49 -41.94 10.20
N ALA B 232 -5.31 -41.86 9.53
CA ALA B 232 -4.43 -40.74 9.69
C ALA B 232 -5.07 -39.51 9.01
N ALA B 233 -5.76 -39.68 7.91
CA ALA B 233 -6.39 -38.53 7.23
C ALA B 233 -7.41 -37.93 8.20
N ALA B 234 -8.12 -38.79 8.93
CA ALA B 234 -9.11 -38.29 9.84
C ALA B 234 -8.55 -37.31 10.87
N ARG B 235 -7.35 -37.60 11.36
CA ARG B 235 -6.71 -36.74 12.31
C ARG B 235 -6.49 -35.31 11.73
N ASP B 236 -6.05 -35.22 10.50
CA ASP B 236 -5.87 -33.94 9.86
C ASP B 236 -7.20 -33.24 9.62
N ILE B 237 -8.25 -33.98 9.22
CA ILE B 237 -9.57 -33.41 9.06
C ILE B 237 -10.11 -32.82 10.35
N ARG B 238 -9.97 -33.58 11.47
CA ARG B 238 -10.43 -33.05 12.71
C ARG B 238 -9.70 -31.76 13.13
N ASP B 239 -8.39 -31.76 13.03
CA ASP B 239 -7.57 -30.60 13.47
C ASP B 239 -7.90 -29.37 12.60
N THR B 240 -7.89 -29.53 11.26
CA THR B 240 -8.13 -28.38 10.40
C THR B 240 -9.54 -27.87 10.48
N PHE B 241 -10.54 -28.77 10.54
CA PHE B 241 -11.91 -28.31 10.71
C PHE B 241 -12.07 -27.62 12.09
N ALA B 242 -11.46 -28.08 13.15
CA ALA B 242 -11.55 -27.38 14.42
C ALA B 242 -10.94 -26.01 14.34
N ARG B 243 -9.94 -25.86 13.55
CA ARG B 243 -9.32 -24.56 13.32
C ARG B 243 -10.13 -23.67 12.38
N MET B 244 -11.22 -24.22 11.81
CA MET B 244 -12.21 -23.47 11.04
C MET B 244 -13.58 -23.36 11.83
N ALA B 245 -13.53 -23.68 13.12
CA ALA B 245 -14.66 -23.59 14.06
C ALA B 245 -15.70 -24.68 13.94
N MET B 246 -15.35 -25.85 13.37
CA MET B 246 -16.29 -26.92 13.24
C MET B 246 -15.94 -28.10 14.15
N ASN B 247 -16.99 -28.67 14.73
CA ASN B 247 -16.83 -29.88 15.57
C ASN B 247 -17.08 -31.14 14.77
N ASP B 248 -16.99 -32.33 15.43
CA ASP B 248 -17.14 -33.55 14.71
C ASP B 248 -18.48 -33.71 13.95
N GLU B 249 -19.57 -33.40 14.57
CA GLU B 249 -20.86 -33.55 13.91
C GLU B 249 -20.97 -32.63 12.70
N GLU B 250 -20.53 -31.39 12.84
CA GLU B 250 -20.60 -30.43 11.74
C GLU B 250 -19.70 -30.88 10.57
N THR B 251 -18.53 -31.40 10.89
CA THR B 251 -17.53 -31.87 9.96
C THR B 251 -18.13 -33.03 9.11
N VAL B 252 -18.65 -34.05 9.76
CA VAL B 252 -19.23 -35.19 9.06
C VAL B 252 -20.40 -34.72 8.20
N ALA B 253 -21.25 -33.86 8.75
CA ALA B 253 -22.40 -33.37 7.99
C ALA B 253 -21.97 -32.63 6.72
N LEU B 254 -20.99 -31.76 6.86
CA LEU B 254 -20.47 -30.99 5.71
C LEU B 254 -19.81 -31.85 4.65
N ILE B 255 -18.94 -32.78 5.03
CA ILE B 255 -18.24 -33.57 4.01
C ILE B 255 -19.19 -34.46 3.25
N ALA B 256 -20.00 -35.22 4.02
CA ALA B 256 -20.99 -36.12 3.43
C ALA B 256 -22.07 -35.36 2.62
N GLY B 257 -22.46 -34.20 3.13
CA GLY B 257 -23.47 -33.37 2.47
C GLY B 257 -22.90 -32.88 1.13
N GLY B 258 -21.68 -32.31 1.16
CA GLY B 258 -21.08 -31.83 -0.09
C GLY B 258 -20.89 -32.90 -1.16
N HIS B 259 -20.38 -34.06 -0.63
CA HIS B 259 -20.02 -35.16 -1.56
C HIS B 259 -21.22 -35.99 -1.92
N THR B 260 -22.41 -35.56 -1.50
CA THR B 260 -23.66 -36.13 -2.13
C THR B 260 -23.77 -35.64 -3.59
N PHE B 261 -23.10 -34.55 -3.93
CA PHE B 261 -23.27 -33.91 -5.23
C PHE B 261 -22.01 -33.94 -6.10
N GLY B 262 -22.22 -33.98 -7.37
CA GLY B 262 -21.20 -33.72 -8.35
C GLY B 262 -20.11 -34.79 -8.53
N LYS B 263 -18.91 -34.33 -8.85
CA LYS B 263 -17.78 -35.20 -9.15
C LYS B 263 -16.48 -34.49 -9.08
N THR B 264 -15.41 -35.29 -9.05
CA THR B 264 -14.02 -34.78 -9.20
C THR B 264 -13.62 -34.84 -10.68
N HIS B 265 -12.50 -34.26 -11.01
CA HIS B 265 -12.01 -34.22 -12.42
C HIS B 265 -10.54 -34.60 -12.50
N GLY B 266 -10.26 -35.72 -13.14
CA GLY B 266 -8.87 -36.22 -13.26
C GLY B 266 -8.70 -37.11 -14.51
N ALA B 267 -9.12 -36.61 -15.67
CA ALA B 267 -9.32 -37.54 -16.82
C ALA B 267 -7.93 -37.96 -17.44
N GLY B 268 -6.87 -37.20 -17.20
CA GLY B 268 -5.52 -37.47 -17.75
C GLY B 268 -4.48 -36.83 -16.91
N PRO B 269 -3.19 -37.06 -17.22
CA PRO B 269 -2.13 -36.62 -16.39
C PRO B 269 -2.12 -35.10 -16.13
N ALA B 270 -1.71 -34.72 -14.94
CA ALA B 270 -1.73 -33.31 -14.53
C ALA B 270 -0.72 -32.51 -15.31
N SER B 271 0.29 -33.14 -15.93
CA SER B 271 1.22 -32.40 -16.74
C SER B 271 0.58 -31.74 -17.94
N ASN B 272 -0.63 -32.14 -18.37
CA ASN B 272 -1.31 -31.41 -19.38
C ASN B 272 -1.86 -30.00 -19.00
N VAL B 273 -1.89 -29.73 -17.69
CA VAL B 273 -2.55 -28.47 -17.19
C VAL B 273 -1.51 -27.37 -17.14
N GLY B 274 -1.81 -26.25 -17.77
CA GLY B 274 -0.95 -25.05 -17.75
C GLY B 274 -1.14 -24.06 -16.65
N ALA B 275 -0.64 -22.87 -16.89
CA ALA B 275 -0.44 -21.85 -15.83
C ALA B 275 -1.75 -21.48 -15.11
N GLU B 276 -1.62 -21.35 -13.83
CA GLU B 276 -2.67 -20.81 -12.97
C GLU B 276 -3.00 -19.36 -13.46
N PRO B 277 -4.16 -18.79 -13.03
CA PRO B 277 -4.60 -17.51 -13.56
C PRO B 277 -3.57 -16.37 -13.42
N GLU B 278 -2.94 -16.21 -12.27
CA GLU B 278 -2.01 -15.08 -12.05
C GLU B 278 -0.73 -15.22 -12.96
N ALA B 279 -0.46 -16.42 -13.48
CA ALA B 279 0.71 -16.72 -14.36
C ALA B 279 0.39 -16.79 -15.78
N ALA B 280 -0.89 -16.86 -16.12
CA ALA B 280 -1.26 -17.01 -17.50
C ALA B 280 -1.02 -15.80 -18.40
N GLY B 281 -1.00 -15.99 -19.72
CA GLY B 281 -0.88 -14.92 -20.62
C GLY B 281 -2.10 -13.96 -20.60
N ILE B 282 -1.85 -12.74 -21.13
CA ILE B 282 -2.88 -11.71 -21.16
C ILE B 282 -4.08 -12.17 -21.93
N GLU B 283 -3.88 -12.98 -23.00
CA GLU B 283 -4.98 -13.44 -23.81
C GLU B 283 -5.96 -14.32 -23.12
N ALA B 284 -5.52 -14.97 -22.04
CA ALA B 284 -6.38 -15.85 -21.20
C ALA B 284 -7.51 -15.05 -20.53
N GLN B 285 -7.35 -13.71 -20.45
CA GLN B 285 -8.40 -12.81 -19.91
C GLN B 285 -8.92 -13.31 -18.55
N GLY B 286 -7.96 -13.55 -17.67
CA GLY B 286 -8.23 -13.80 -16.28
C GLY B 286 -8.51 -15.27 -15.91
N LEU B 287 -8.55 -16.17 -16.91
CA LEU B 287 -8.72 -17.58 -16.64
C LEU B 287 -7.35 -18.28 -16.62
N GLY B 288 -7.36 -19.51 -16.19
CA GLY B 288 -6.11 -20.29 -16.13
C GLY B 288 -6.36 -21.82 -16.21
N TRP B 289 -5.28 -22.55 -15.96
CA TRP B 289 -5.27 -24.03 -15.98
C TRP B 289 -5.76 -24.57 -17.28
N LYS B 290 -5.38 -23.91 -18.37
CA LYS B 290 -5.71 -24.43 -19.70
C LYS B 290 -5.05 -25.79 -19.92
N SER B 291 -5.86 -26.73 -20.33
CA SER B 291 -5.42 -28.13 -20.43
C SER B 291 -5.21 -28.61 -21.89
N ALA B 292 -4.10 -29.30 -22.10
CA ALA B 292 -3.75 -29.86 -23.48
C ALA B 292 -4.33 -31.24 -23.58
N TYR B 293 -5.03 -31.79 -22.55
CA TYR B 293 -5.52 -33.15 -22.60
C TYR B 293 -6.82 -33.25 -23.35
N ARG B 294 -6.82 -33.89 -24.56
CA ARG B 294 -8.03 -34.01 -25.37
C ARG B 294 -8.71 -32.67 -25.62
N THR B 295 -10.01 -32.49 -25.33
CA THR B 295 -10.69 -31.20 -25.50
C THR B 295 -10.38 -30.22 -24.34
N GLY B 296 -9.71 -30.67 -23.26
CA GLY B 296 -9.30 -29.74 -22.24
C GLY B 296 -10.44 -29.32 -21.28
N LYS B 297 -11.59 -29.94 -21.37
CA LYS B 297 -12.83 -29.52 -20.69
C LYS B 297 -13.85 -30.65 -20.67
N GLY B 298 -14.94 -30.45 -19.94
CA GLY B 298 -16.07 -31.38 -19.93
C GLY B 298 -15.67 -32.81 -19.57
N ALA B 299 -16.01 -33.80 -20.41
CA ALA B 299 -15.51 -35.16 -20.23
C ALA B 299 -14.03 -35.35 -19.98
N ASP B 300 -13.21 -34.45 -20.49
CA ASP B 300 -11.77 -34.48 -20.46
C ASP B 300 -11.17 -33.61 -19.33
N ALA B 301 -12.05 -33.01 -18.47
CA ALA B 301 -11.53 -32.04 -17.49
C ALA B 301 -10.54 -32.65 -16.53
N ILE B 302 -9.55 -31.84 -16.14
CA ILE B 302 -8.58 -32.11 -15.11
C ILE B 302 -8.51 -30.93 -14.13
N THR B 303 -8.91 -31.25 -12.87
CA THR B 303 -8.92 -30.27 -11.81
C THR B 303 -8.02 -30.72 -10.69
N SER B 304 -8.47 -31.64 -9.86
CA SER B 304 -7.63 -32.18 -8.76
C SER B 304 -6.70 -33.32 -9.24
N GLY B 305 -7.06 -34.02 -10.29
CA GLY B 305 -6.34 -35.24 -10.64
C GLY B 305 -7.05 -36.49 -10.20
N LEU B 306 -8.05 -36.39 -9.38
CA LEU B 306 -8.85 -37.52 -8.93
C LEU B 306 -10.00 -37.73 -9.83
N GLU B 307 -10.48 -38.96 -9.90
CA GLU B 307 -11.62 -39.29 -10.76
C GLU B 307 -12.63 -40.09 -10.02
N VAL B 308 -13.48 -39.39 -9.25
CA VAL B 308 -14.43 -40.01 -8.27
C VAL B 308 -15.81 -39.34 -8.55
N THR B 309 -16.89 -40.13 -8.55
CA THR B 309 -18.26 -39.66 -8.57
C THR B 309 -18.94 -40.44 -7.46
N TRP B 310 -19.52 -39.78 -6.44
CA TRP B 310 -19.90 -40.42 -5.21
C TRP B 310 -21.28 -41.10 -5.26
N THR B 311 -22.26 -40.56 -5.98
CA THR B 311 -23.62 -41.08 -5.89
C THR B 311 -24.22 -41.42 -7.25
N THR B 312 -25.28 -42.22 -7.17
CA THR B 312 -26.08 -42.60 -8.38
C THR B 312 -26.90 -41.50 -8.99
N THR B 313 -27.06 -40.38 -8.25
CA THR B 313 -27.77 -39.23 -8.70
C THR B 313 -26.96 -37.94 -8.33
N PRO B 314 -25.93 -37.65 -9.11
CA PRO B 314 -25.07 -36.54 -8.65
C PRO B 314 -25.71 -35.17 -8.69
N THR B 315 -26.84 -35.02 -9.36
CA THR B 315 -27.49 -33.74 -9.47
C THR B 315 -28.78 -33.69 -8.60
N GLN B 316 -28.94 -34.60 -7.66
CA GLN B 316 -30.09 -34.60 -6.76
C GLN B 316 -29.72 -35.00 -5.40
N TRP B 317 -30.20 -34.25 -4.37
CA TRP B 317 -30.06 -34.64 -2.98
C TRP B 317 -30.53 -36.09 -2.79
N SER B 318 -29.79 -36.87 -2.01
CA SER B 318 -30.12 -38.30 -1.84
C SER B 318 -29.51 -38.71 -0.50
N HIS B 319 -29.73 -39.96 -0.15
CA HIS B 319 -29.07 -40.54 1.03
C HIS B 319 -28.05 -41.56 0.54
N ASN B 320 -27.57 -41.44 -0.69
CA ASN B 320 -26.72 -42.45 -1.28
C ASN B 320 -25.30 -42.37 -0.88
N PHE B 321 -24.79 -41.21 -0.38
CA PHE B 321 -23.43 -41.17 0.11
C PHE B 321 -23.13 -42.26 1.19
N PHE B 322 -23.94 -42.21 2.24
CA PHE B 322 -23.72 -43.17 3.34
C PHE B 322 -24.11 -44.63 2.94
N GLU B 323 -25.11 -44.76 2.05
CA GLU B 323 -25.42 -46.15 1.57
C GLU B 323 -24.19 -46.72 0.93
N ASN B 324 -23.48 -45.92 0.11
CA ASN B 324 -22.31 -46.44 -0.58
C ASN B 324 -21.15 -46.62 0.42
N LEU B 325 -20.95 -45.65 1.32
CA LEU B 325 -19.76 -45.70 2.16
C LEU B 325 -19.74 -47.01 3.03
N PHE B 326 -20.94 -47.32 3.54
CA PHE B 326 -21.13 -48.50 4.43
C PHE B 326 -21.43 -49.75 3.64
N GLY B 327 -21.99 -49.66 2.43
CA GLY B 327 -22.50 -50.81 1.70
C GLY B 327 -21.49 -51.58 0.94
N TYR B 328 -20.31 -51.04 0.76
CA TYR B 328 -19.23 -51.75 0.06
C TYR B 328 -17.97 -51.78 0.89
N GLU B 329 -17.09 -52.71 0.57
CA GLU B 329 -15.70 -52.64 0.94
C GLU B 329 -14.87 -52.07 -0.16
N TRP B 330 -13.80 -51.39 0.24
CA TRP B 330 -13.08 -50.49 -0.65
C TRP B 330 -11.69 -50.95 -0.96
N GLU B 331 -11.29 -50.79 -2.17
CA GLU B 331 -9.97 -51.18 -2.66
C GLU B 331 -9.16 -49.98 -3.17
N LEU B 332 -7.89 -49.92 -2.79
CA LEU B 332 -7.07 -48.88 -3.24
C LEU B 332 -6.75 -48.97 -4.66
N THR B 333 -6.87 -47.87 -5.39
CA THR B 333 -6.58 -47.80 -6.82
C THR B 333 -6.03 -46.36 -7.20
N LYS B 334 -5.79 -46.16 -8.47
CA LYS B 334 -5.26 -44.91 -9.03
C LYS B 334 -6.19 -44.37 -10.05
N SER B 335 -6.29 -43.01 -10.09
CA SER B 335 -7.04 -42.36 -11.13
C SER B 335 -6.22 -42.35 -12.42
N PRO B 336 -6.81 -41.85 -13.52
CA PRO B 336 -6.01 -41.75 -14.74
C PRO B 336 -4.85 -40.76 -14.68
N ALA B 337 -4.82 -39.84 -13.72
CA ALA B 337 -3.69 -38.97 -13.50
C ALA B 337 -2.68 -39.56 -12.54
N GLY B 338 -2.95 -40.74 -11.96
CA GLY B 338 -2.01 -41.30 -11.01
C GLY B 338 -2.27 -41.01 -9.55
N ALA B 339 -3.38 -40.45 -9.20
CA ALA B 339 -3.68 -40.13 -7.82
C ALA B 339 -4.34 -41.28 -7.07
N HIS B 340 -4.08 -41.36 -5.81
CA HIS B 340 -4.67 -42.42 -5.01
C HIS B 340 -6.18 -42.18 -4.73
N GLN B 341 -7.03 -43.17 -4.96
CA GLN B 341 -8.41 -43.16 -4.59
C GLN B 341 -8.97 -44.57 -4.45
N TRP B 342 -10.24 -44.75 -4.16
CA TRP B 342 -10.77 -46.04 -3.73
C TRP B 342 -11.92 -46.40 -4.62
N VAL B 343 -12.12 -47.70 -4.84
CA VAL B 343 -13.20 -48.21 -5.69
C VAL B 343 -13.89 -49.40 -4.93
N ALA B 344 -15.19 -49.52 -5.16
CA ALA B 344 -16.02 -50.46 -4.45
C ALA B 344 -15.78 -51.89 -5.01
N LYS B 345 -15.36 -52.78 -4.09
CA LYS B 345 -15.09 -54.20 -4.44
C LYS B 345 -16.37 -54.90 -4.83
N GLY B 346 -16.26 -55.49 -6.01
CA GLY B 346 -17.33 -56.29 -6.66
C GLY B 346 -18.63 -55.59 -6.96
N ALA B 347 -18.60 -54.27 -7.02
CA ALA B 347 -19.80 -53.55 -7.33
C ALA B 347 -20.14 -53.61 -8.81
N ASP B 348 -21.41 -53.41 -9.08
CA ASP B 348 -21.85 -53.19 -10.40
C ASP B 348 -21.66 -51.67 -10.78
N ALA B 349 -21.69 -51.42 -12.07
CA ALA B 349 -21.55 -50.09 -12.66
C ALA B 349 -22.85 -49.34 -12.57
N VAL B 350 -23.07 -48.65 -11.46
CA VAL B 350 -24.30 -48.00 -11.16
C VAL B 350 -24.26 -46.45 -11.20
N ILE B 351 -23.06 -45.90 -11.26
CA ILE B 351 -22.91 -44.40 -11.13
C ILE B 351 -22.97 -43.89 -12.60
N PRO B 352 -23.75 -42.87 -12.90
CA PRO B 352 -23.79 -42.31 -14.24
C PRO B 352 -22.56 -41.59 -14.62
N ASP B 353 -22.31 -41.57 -15.93
CA ASP B 353 -21.30 -40.73 -16.56
C ASP B 353 -21.79 -39.31 -16.75
N ALA B 354 -20.91 -38.34 -16.62
CA ALA B 354 -21.29 -36.94 -16.77
C ALA B 354 -21.67 -36.50 -18.14
N PHE B 355 -21.23 -37.21 -19.22
CA PHE B 355 -21.46 -36.81 -20.56
C PHE B 355 -22.03 -37.91 -21.52
N ASP B 356 -21.67 -39.13 -21.27
CA ASP B 356 -22.05 -40.25 -22.27
C ASP B 356 -23.06 -41.12 -21.60
N PRO B 357 -24.35 -41.08 -22.04
CA PRO B 357 -25.38 -41.99 -21.42
C PRO B 357 -25.13 -43.48 -21.60
N SER B 358 -24.19 -43.92 -22.40
CA SER B 358 -23.95 -45.37 -22.56
C SER B 358 -22.87 -45.86 -21.57
N LYS B 359 -22.19 -44.94 -20.82
CA LYS B 359 -21.16 -45.36 -19.83
C LYS B 359 -21.71 -45.27 -18.38
N LYS B 360 -21.36 -46.25 -17.57
CA LYS B 360 -21.62 -46.28 -16.15
C LYS B 360 -20.39 -46.64 -15.44
N HIS B 361 -20.27 -46.34 -14.16
CA HIS B 361 -19.02 -46.52 -13.41
C HIS B 361 -19.33 -47.18 -12.06
N ARG B 362 -18.33 -47.81 -11.50
CA ARG B 362 -18.46 -48.34 -10.15
C ARG B 362 -18.42 -47.13 -9.13
N PRO B 363 -19.03 -47.33 -7.97
CA PRO B 363 -18.80 -46.38 -6.88
C PRO B 363 -17.34 -46.24 -6.50
N THR B 364 -16.98 -44.98 -6.17
CA THR B 364 -15.64 -44.56 -5.77
C THR B 364 -15.68 -43.60 -4.65
N MET B 365 -14.55 -43.46 -3.94
CA MET B 365 -14.48 -42.59 -2.76
C MET B 365 -13.05 -42.05 -2.70
N LEU B 366 -12.87 -40.92 -2.03
CA LEU B 366 -11.51 -40.49 -1.63
C LEU B 366 -11.09 -41.12 -0.30
N THR B 367 -9.82 -41.06 0.00
CA THR B 367 -9.32 -41.41 1.27
C THR B 367 -10.06 -40.69 2.39
N THR B 368 -10.21 -39.36 2.20
CA THR B 368 -10.83 -38.49 3.20
C THR B 368 -12.34 -38.72 3.33
N ASP B 369 -13.01 -39.30 2.35
CA ASP B 369 -14.33 -39.78 2.58
C ASP B 369 -14.36 -41.04 3.46
N LEU B 370 -13.43 -41.96 3.18
CA LEU B 370 -13.32 -43.19 3.98
C LEU B 370 -13.00 -42.89 5.44
N SER B 371 -12.32 -41.74 5.74
CA SER B 371 -12.19 -41.31 7.14
C SER B 371 -13.43 -41.28 7.91
N LEU B 372 -14.56 -40.97 7.27
CA LEU B 372 -15.82 -40.82 7.97
C LEU B 372 -16.38 -42.18 8.47
N ARG B 373 -15.83 -43.26 7.92
CA ARG B 373 -16.13 -44.64 8.38
C ARG B 373 -15.07 -45.26 9.24
N PHE B 374 -13.81 -44.97 9.01
CA PHE B 374 -12.70 -45.71 9.71
C PHE B 374 -12.14 -44.98 10.90
N ASP B 375 -12.45 -43.70 11.09
CA ASP B 375 -12.16 -43.02 12.38
C ASP B 375 -13.28 -43.41 13.34
N PRO B 376 -12.95 -43.94 14.49
CA PRO B 376 -14.11 -44.43 15.33
C PRO B 376 -15.09 -43.38 15.84
N ALA B 377 -14.67 -42.18 16.10
CA ALA B 377 -15.68 -41.18 16.52
C ALA B 377 -16.52 -40.71 15.31
N TYR B 378 -15.91 -40.52 14.12
CA TYR B 378 -16.71 -40.17 12.95
C TYR B 378 -17.69 -41.30 12.54
N GLU B 379 -17.25 -42.53 12.70
CA GLU B 379 -18.05 -43.71 12.35
C GLU B 379 -19.35 -43.68 13.09
N LYS B 380 -19.37 -43.29 14.36
CA LYS B 380 -20.58 -43.35 15.10
C LYS B 380 -21.60 -42.28 14.58
N ILE B 381 -21.05 -41.09 14.21
CA ILE B 381 -21.86 -40.02 13.63
C ILE B 381 -22.40 -40.40 12.26
N SER B 382 -21.51 -40.91 11.42
CA SER B 382 -21.87 -41.39 10.10
C SER B 382 -22.95 -42.44 10.15
N ARG B 383 -22.81 -43.38 11.09
CA ARG B 383 -23.88 -44.40 11.21
CA ARG B 383 -23.88 -44.43 11.29
C ARG B 383 -25.22 -43.82 11.66
N ARG B 384 -25.21 -42.90 12.56
CA ARG B 384 -26.44 -42.24 12.98
C ARG B 384 -27.08 -41.47 11.83
N PHE B 385 -26.23 -40.79 11.03
CA PHE B 385 -26.76 -40.11 9.83
C PHE B 385 -27.32 -41.05 8.80
N HIS B 386 -26.67 -42.21 8.61
CA HIS B 386 -27.13 -43.25 7.67
C HIS B 386 -28.51 -43.79 8.16
N GLU B 387 -28.61 -44.06 9.43
CA GLU B 387 -29.87 -44.62 10.00
C GLU B 387 -30.95 -43.58 10.16
N ASN B 388 -30.64 -42.28 10.25
CA ASN B 388 -31.59 -41.20 10.53
C ASN B 388 -31.34 -40.03 9.56
N PRO B 389 -31.68 -40.20 8.29
CA PRO B 389 -31.30 -39.21 7.31
C PRO B 389 -31.88 -37.81 7.54
N GLU B 390 -32.99 -37.72 8.25
CA GLU B 390 -33.52 -36.41 8.63
C GLU B 390 -32.55 -35.64 9.55
N GLN B 391 -31.90 -36.36 10.45
CA GLN B 391 -30.89 -35.77 11.28
C GLN B 391 -29.72 -35.26 10.41
N PHE B 392 -29.32 -36.06 9.44
CA PHE B 392 -28.17 -35.67 8.53
C PHE B 392 -28.59 -34.37 7.78
N ALA B 393 -29.80 -34.33 7.27
CA ALA B 393 -30.24 -33.21 6.47
C ALA B 393 -30.24 -31.92 7.30
N ASP B 394 -30.74 -32.01 8.55
CA ASP B 394 -30.83 -30.81 9.36
C ASP B 394 -29.43 -30.38 9.77
N ALA B 395 -28.56 -31.33 10.12
CA ALA B 395 -27.22 -30.99 10.48
C ALA B 395 -26.42 -30.35 9.38
N PHE B 396 -26.57 -30.86 8.16
CA PHE B 396 -25.89 -30.30 7.01
C PHE B 396 -26.45 -28.89 6.72
N ALA B 397 -27.76 -28.66 6.83
CA ALA B 397 -28.31 -27.33 6.56
C ALA B 397 -27.72 -26.31 7.53
N ARG B 398 -27.67 -26.71 8.82
CA ARG B 398 -27.18 -25.80 9.86
C ARG B 398 -25.71 -25.53 9.67
N ALA B 399 -24.92 -26.60 9.39
CA ALA B 399 -23.50 -26.46 9.17
C ALA B 399 -23.14 -25.64 7.93
N TRP B 400 -23.92 -25.79 6.89
CA TRP B 400 -23.67 -25.00 5.66
C TRP B 400 -23.96 -23.50 5.94
N PHE B 401 -25.06 -23.19 6.74
CA PHE B 401 -25.26 -21.83 7.12
C PHE B 401 -24.06 -21.28 7.94
N LYS B 402 -23.65 -22.03 8.92
CA LYS B 402 -22.56 -21.60 9.77
C LYS B 402 -21.30 -21.33 8.98
N LEU B 403 -20.91 -22.33 8.16
CA LEU B 403 -19.76 -22.25 7.25
C LEU B 403 -19.72 -20.95 6.47
N THR B 404 -20.85 -20.61 5.89
CA THR B 404 -20.94 -19.51 4.93
C THR B 404 -21.25 -18.15 5.59
N HIS B 405 -21.54 -18.13 6.89
CA HIS B 405 -21.83 -16.93 7.66
C HIS B 405 -20.88 -16.66 8.84
N ARG B 406 -19.94 -17.57 9.09
CA ARG B 406 -19.15 -17.56 10.31
CA ARG B 406 -19.10 -17.55 10.27
C ARG B 406 -18.36 -16.29 10.48
N ASP B 407 -18.00 -15.58 9.43
CA ASP B 407 -17.20 -14.40 9.44
C ASP B 407 -17.97 -13.14 9.28
N MET B 408 -19.33 -13.21 9.35
CA MET B 408 -20.15 -12.03 9.08
C MET B 408 -20.33 -11.12 10.30
N GLY B 409 -20.09 -11.58 11.49
CA GLY B 409 -20.17 -10.80 12.66
C GLY B 409 -21.57 -10.84 13.30
N PRO B 410 -21.85 -9.82 14.05
CA PRO B 410 -23.08 -9.90 14.78
C PRO B 410 -24.32 -9.96 13.83
N ARG B 411 -25.41 -10.47 14.38
CA ARG B 411 -26.64 -10.60 13.55
C ARG B 411 -27.19 -9.29 13.11
N ALA B 412 -26.86 -8.20 13.72
CA ALA B 412 -27.24 -6.90 13.22
C ALA B 412 -26.75 -6.55 11.83
N ARG B 413 -25.70 -7.21 11.36
CA ARG B 413 -25.19 -7.00 10.03
C ARG B 413 -25.91 -7.81 8.92
N TYR B 414 -26.73 -8.75 9.30
CA TYR B 414 -27.43 -9.65 8.36
C TYR B 414 -28.51 -9.01 7.62
N LEU B 415 -28.52 -9.03 6.28
CA LEU B 415 -29.50 -8.33 5.51
C LEU B 415 -30.41 -9.25 4.71
N GLY B 416 -31.60 -8.74 4.40
CA GLY B 416 -32.52 -9.38 3.43
C GLY B 416 -33.63 -10.23 4.03
N PRO B 417 -34.45 -10.83 3.19
CA PRO B 417 -35.65 -11.53 3.59
C PRO B 417 -35.48 -12.98 3.90
N GLU B 418 -34.28 -13.54 3.79
CA GLU B 418 -34.05 -14.93 4.08
C GLU B 418 -33.22 -15.25 5.29
N VAL B 419 -33.07 -14.25 6.16
CA VAL B 419 -32.26 -14.44 7.39
C VAL B 419 -32.96 -15.32 8.38
N PRO B 420 -32.33 -16.36 8.86
CA PRO B 420 -32.98 -17.23 9.85
C PRO B 420 -33.31 -16.51 11.11
N ALA B 421 -34.49 -16.72 11.58
CA ALA B 421 -34.89 -16.11 12.90
C ALA B 421 -34.23 -16.77 14.12
N GLU B 422 -33.82 -18.02 14.02
CA GLU B 422 -33.28 -18.72 15.16
C GLU B 422 -31.88 -18.12 15.48
N VAL B 423 -31.69 -17.80 16.75
CA VAL B 423 -30.37 -17.30 17.24
C VAL B 423 -29.50 -18.40 17.56
N LEU B 424 -28.30 -18.45 17.05
CA LEU B 424 -27.41 -19.54 17.21
C LEU B 424 -26.26 -19.19 18.14
N LEU B 425 -25.80 -20.14 18.94
CA LEU B 425 -24.76 -19.85 19.91
C LEU B 425 -23.53 -19.31 19.32
N TRP B 426 -23.15 -19.84 18.10
CA TRP B 426 -21.94 -19.45 17.49
C TRP B 426 -21.87 -18.02 17.07
N GLN B 427 -23.02 -17.36 16.96
CA GLN B 427 -23.10 -15.95 16.59
C GLN B 427 -22.78 -14.97 17.78
N ASP B 428 -22.41 -15.52 18.95
CA ASP B 428 -22.10 -14.69 20.17
C ASP B 428 -23.25 -13.69 20.41
N PRO B 429 -24.45 -14.18 20.49
CA PRO B 429 -25.58 -13.31 20.45
C PRO B 429 -25.62 -12.28 21.67
N ILE B 430 -26.23 -11.16 21.32
CA ILE B 430 -26.45 -10.01 22.26
C ILE B 430 -27.95 -9.87 22.41
N PRO B 431 -28.46 -9.90 23.61
CA PRO B 431 -29.93 -9.70 23.74
C PRO B 431 -30.40 -8.34 23.23
N ALA B 432 -31.63 -8.30 22.82
CA ALA B 432 -32.25 -7.04 22.42
C ALA B 432 -32.46 -6.13 23.59
N VAL B 433 -32.35 -4.82 23.33
CA VAL B 433 -32.62 -3.88 24.39
C VAL B 433 -34.11 -3.53 24.33
N ASP B 434 -34.77 -3.58 25.45
CA ASP B 434 -36.22 -3.37 25.50
C ASP B 434 -36.63 -2.27 26.47
N HIS B 435 -35.71 -1.33 26.80
CA HIS B 435 -36.00 -0.30 27.80
C HIS B 435 -35.37 1.03 27.31
N PRO B 436 -35.79 2.15 27.86
CA PRO B 436 -35.15 3.42 27.56
C PRO B 436 -33.66 3.40 27.90
N LEU B 437 -32.87 4.09 27.12
CA LEU B 437 -31.46 4.20 27.36
C LEU B 437 -31.13 5.42 28.16
N ILE B 438 -30.00 5.42 28.85
CA ILE B 438 -29.54 6.63 29.51
C ILE B 438 -29.26 7.78 28.50
N ASP B 439 -29.50 8.97 28.99
CA ASP B 439 -29.32 10.18 28.19
C ASP B 439 -28.09 10.93 28.70
N ALA B 440 -27.85 12.14 28.17
CA ALA B 440 -26.62 12.84 28.54
C ALA B 440 -26.51 13.25 29.96
N ALA B 441 -27.64 13.61 30.60
CA ALA B 441 -27.60 13.96 31.98
C ALA B 441 -27.31 12.71 32.93
N ASP B 442 -27.81 11.57 32.49
CA ASP B 442 -27.59 10.29 33.20
C ASP B 442 -26.12 9.91 33.05
N ALA B 443 -25.55 10.11 31.84
CA ALA B 443 -24.17 9.72 31.61
C ALA B 443 -23.29 10.58 32.52
N ALA B 444 -23.58 11.88 32.64
CA ALA B 444 -22.77 12.78 33.50
C ALA B 444 -22.88 12.33 34.95
N GLU B 445 -24.07 11.94 35.37
CA GLU B 445 -24.27 11.49 36.78
C GLU B 445 -23.46 10.22 37.05
N LEU B 446 -23.55 9.25 36.13
CA LEU B 446 -22.79 7.99 36.27
C LEU B 446 -21.26 8.20 36.26
N LYS B 447 -20.75 9.09 35.36
CA LYS B 447 -19.29 9.41 35.36
C LYS B 447 -18.87 9.99 36.69
N ALA B 448 -19.71 10.82 37.27
CA ALA B 448 -19.33 11.43 38.52
C ALA B 448 -19.32 10.39 39.64
N LYS B 449 -20.27 9.49 39.66
CA LYS B 449 -20.29 8.44 40.64
C LYS B 449 -19.08 7.54 40.49
N VAL B 450 -18.73 7.24 39.22
CA VAL B 450 -17.55 6.40 39.01
C VAL B 450 -16.32 7.11 39.59
N LEU B 451 -16.13 8.37 39.30
CA LEU B 451 -14.92 9.11 39.77
C LEU B 451 -14.98 9.28 41.34
N ALA B 452 -16.14 9.41 41.90
CA ALA B 452 -16.26 9.50 43.39
C ALA B 452 -16.00 8.17 44.10
N SER B 453 -16.00 7.02 43.42
CA SER B 453 -15.91 5.73 44.03
C SER B 453 -14.49 5.46 44.50
N GLY B 454 -13.49 6.19 43.99
CA GLY B 454 -12.09 5.91 44.20
C GLY B 454 -11.38 5.01 43.16
N LEU B 455 -12.12 4.47 42.18
CA LEU B 455 -11.48 3.79 41.03
C LEU B 455 -10.50 4.78 40.38
N THR B 456 -9.31 4.34 40.05
CA THR B 456 -8.31 5.19 39.51
C THR B 456 -8.37 5.30 37.92
N VAL B 457 -7.70 6.30 37.41
CA VAL B 457 -7.55 6.38 35.92
C VAL B 457 -7.03 5.10 35.34
N SER B 458 -5.94 4.54 35.92
CA SER B 458 -5.40 3.25 35.47
C SER B 458 -6.41 2.13 35.49
N GLN B 459 -7.17 1.99 36.57
CA GLN B 459 -8.14 0.93 36.59
C GLN B 459 -9.27 1.08 35.55
N LEU B 460 -9.72 2.31 35.38
CA LEU B 460 -10.86 2.59 34.51
C LEU B 460 -10.44 2.37 33.05
N VAL B 461 -9.30 2.94 32.71
CA VAL B 461 -8.76 2.80 31.31
C VAL B 461 -8.48 1.36 31.02
N SER B 462 -7.77 0.70 31.93
CA SER B 462 -7.32 -0.71 31.69
C SER B 462 -8.55 -1.62 31.47
N THR B 463 -9.58 -1.42 32.27
CA THR B 463 -10.81 -2.27 32.18
C THR B 463 -11.56 -2.10 30.86
N ALA B 464 -11.74 -0.80 30.47
CA ALA B 464 -12.48 -0.52 29.26
C ALA B 464 -11.66 -1.01 28.02
N TRP B 465 -10.37 -0.84 28.10
CA TRP B 465 -9.42 -1.31 27.02
C TRP B 465 -9.57 -2.84 26.91
N ALA B 466 -9.54 -3.54 28.04
CA ALA B 466 -9.68 -4.99 28.05
C ALA B 466 -11.00 -5.46 27.46
N ALA B 467 -12.08 -4.74 27.79
CA ALA B 467 -13.38 -5.09 27.27
C ALA B 467 -13.50 -4.87 25.74
N ALA B 468 -13.05 -3.74 25.24
CA ALA B 468 -13.28 -3.33 23.84
C ALA B 468 -12.29 -3.93 22.82
N SER B 469 -11.08 -4.22 23.27
CA SER B 469 -9.96 -4.54 22.38
C SER B 469 -9.91 -5.99 21.97
N THR B 470 -10.89 -6.78 22.35
CA THR B 470 -11.07 -8.12 21.82
C THR B 470 -11.62 -8.15 20.38
N PHE B 471 -12.18 -7.00 19.90
CA PHE B 471 -12.74 -6.90 18.57
C PHE B 471 -11.64 -7.21 17.52
N ARG B 472 -12.06 -7.95 16.54
CA ARG B 472 -11.20 -8.07 15.33
C ARG B 472 -12.09 -7.89 14.09
N GLY B 473 -11.62 -7.10 13.13
CA GLY B 473 -12.32 -6.82 11.93
C GLY B 473 -12.35 -7.92 10.89
N SER B 474 -11.47 -8.86 11.04
CA SER B 474 -11.39 -10.00 10.16
C SER B 474 -12.66 -10.84 10.10
N ASP B 475 -13.24 -11.18 11.28
CA ASP B 475 -14.54 -11.87 11.35
C ASP B 475 -15.55 -11.13 12.19
N LYS B 476 -15.29 -9.89 12.65
CA LYS B 476 -16.15 -9.03 13.34
C LYS B 476 -16.64 -9.65 14.68
N ARG B 477 -15.86 -10.53 15.27
CA ARG B 477 -16.08 -11.02 16.61
C ARG B 477 -15.44 -10.13 17.65
N GLY B 478 -15.92 -10.23 18.90
CA GLY B 478 -15.35 -9.47 19.99
C GLY B 478 -15.93 -8.08 20.18
N GLY B 479 -15.27 -7.31 21.06
CA GLY B 479 -15.73 -5.99 21.50
C GLY B 479 -16.45 -5.96 22.82
N ALA B 480 -16.79 -4.71 23.20
CA ALA B 480 -17.34 -4.50 24.53
C ALA B 480 -18.82 -4.80 24.67
N ASN B 481 -19.57 -4.88 23.54
CA ASN B 481 -20.95 -5.22 23.61
C ASN B 481 -21.09 -6.61 24.19
N GLY B 482 -22.09 -6.82 25.07
CA GLY B 482 -22.27 -8.10 25.76
C GLY B 482 -21.69 -8.24 27.15
N ALA B 483 -20.81 -7.31 27.51
CA ALA B 483 -20.13 -7.41 28.82
C ALA B 483 -19.59 -8.79 29.11
N ARG B 484 -18.99 -9.38 28.11
CA ARG B 484 -18.41 -10.73 28.25
C ARG B 484 -17.14 -10.76 29.06
N ILE B 485 -16.60 -9.61 29.36
CA ILE B 485 -15.44 -9.46 30.22
C ILE B 485 -15.76 -9.98 31.64
N ARG B 486 -17.03 -9.95 32.05
CA ARG B 486 -17.42 -10.43 33.37
C ARG B 486 -17.64 -11.93 33.43
N LEU B 487 -17.67 -12.61 32.28
CA LEU B 487 -18.00 -14.02 32.18
C LEU B 487 -16.76 -14.88 32.03
N ALA B 488 -16.86 -16.23 32.16
CA ALA B 488 -15.81 -17.10 31.66
C ALA B 488 -15.79 -17.07 30.12
N PRO B 489 -14.65 -17.09 29.48
CA PRO B 489 -13.33 -17.20 30.05
C PRO B 489 -12.66 -15.86 30.12
N GLN B 490 -13.30 -14.78 29.62
CA GLN B 490 -12.56 -13.49 29.59
C GLN B 490 -12.15 -12.99 30.95
N LYS B 491 -12.96 -13.27 31.97
CA LYS B 491 -12.64 -12.75 33.30
C LYS B 491 -11.41 -13.39 33.93
N ASP B 492 -11.01 -14.52 33.37
CA ASP B 492 -9.84 -15.23 33.85
C ASP B 492 -8.59 -15.11 33.01
N TRP B 493 -8.59 -14.35 31.89
CA TRP B 493 -7.42 -14.26 31.06
C TRP B 493 -6.37 -13.50 31.76
N GLU B 494 -5.15 -13.95 31.66
CA GLU B 494 -4.04 -13.22 32.34
C GLU B 494 -3.89 -11.77 31.92
N ALA B 495 -4.00 -11.54 30.59
CA ALA B 495 -3.89 -10.17 30.07
C ALA B 495 -4.89 -9.22 30.74
N ASN B 496 -6.04 -9.75 31.13
CA ASN B 496 -7.07 -8.97 31.81
C ASN B 496 -6.94 -8.75 33.32
N GLN B 497 -5.87 -9.29 33.91
CA GLN B 497 -5.54 -9.05 35.32
C GLN B 497 -6.70 -9.42 36.23
N PRO B 498 -7.06 -10.69 36.25
CA PRO B 498 -8.24 -11.15 36.90
C PRO B 498 -8.56 -10.62 38.26
N GLU B 499 -7.55 -10.50 39.16
CA GLU B 499 -7.93 -9.94 40.51
C GLU B 499 -8.26 -8.48 40.46
N GLN B 500 -7.49 -7.73 39.69
CA GLN B 500 -7.76 -6.29 39.52
C GLN B 500 -9.18 -6.10 38.88
N LEU B 501 -9.42 -6.87 37.82
CA LEU B 501 -10.69 -6.79 37.12
C LEU B 501 -11.83 -7.07 38.02
N ALA B 502 -11.76 -8.13 38.85
CA ALA B 502 -12.86 -8.47 39.74
C ALA B 502 -13.22 -7.34 40.62
N ALA B 503 -12.21 -6.64 41.17
CA ALA B 503 -12.45 -5.53 42.13
C ALA B 503 -13.13 -4.36 41.35
N VAL B 504 -12.67 -4.05 40.12
CA VAL B 504 -13.32 -2.96 39.37
C VAL B 504 -14.77 -3.29 39.06
N LEU B 505 -15.01 -4.54 38.59
CA LEU B 505 -16.36 -4.98 38.25
C LEU B 505 -17.31 -4.93 39.46
N GLU B 506 -16.79 -5.34 40.64
CA GLU B 506 -17.61 -5.30 41.83
C GLU B 506 -18.10 -3.86 42.11
N THR B 507 -17.18 -2.87 42.03
CA THR B 507 -17.51 -1.50 42.25
C THR B 507 -18.47 -0.99 41.21
N LEU B 508 -18.20 -1.31 39.92
CA LEU B 508 -19.17 -0.92 38.87
C LEU B 508 -20.54 -1.51 38.98
N GLU B 509 -20.62 -2.77 39.41
CA GLU B 509 -21.92 -3.48 39.46
C GLU B 509 -22.69 -2.80 40.66
N ALA B 510 -21.99 -2.30 41.68
CA ALA B 510 -22.69 -1.67 42.80
C ALA B 510 -23.29 -0.29 42.36
N ILE B 511 -22.50 0.45 41.60
CA ILE B 511 -22.95 1.73 40.93
C ILE B 511 -24.13 1.45 40.11
N ARG B 512 -24.07 0.45 39.25
CA ARG B 512 -25.17 0.10 38.37
C ARG B 512 -26.47 -0.18 39.17
N THR B 513 -26.33 -1.03 40.17
CA THR B 513 -27.48 -1.49 40.96
C THR B 513 -28.14 -0.26 41.57
N ALA B 514 -27.41 0.64 42.13
CA ALA B 514 -27.90 1.83 42.81
C ALA B 514 -28.62 2.76 41.79
N PHE B 515 -28.01 2.94 40.60
CA PHE B 515 -28.61 3.79 39.56
C PHE B 515 -29.86 3.15 39.08
N ASN B 516 -29.89 1.85 38.79
CA ASN B 516 -30.99 1.22 38.20
C ASN B 516 -32.16 1.18 39.21
N GLY B 517 -31.81 1.04 40.46
CA GLY B 517 -32.87 0.94 41.52
C GLY B 517 -33.55 2.29 41.69
N ALA B 518 -32.91 3.40 41.34
CA ALA B 518 -33.48 4.73 41.51
C ALA B 518 -34.33 5.17 40.33
N GLN B 519 -34.37 4.47 39.21
CA GLN B 519 -35.07 4.94 38.05
C GLN B 519 -36.54 4.54 38.09
N ARG B 520 -37.28 5.33 37.32
CA ARG B 520 -38.61 5.05 36.85
C ARG B 520 -38.70 4.85 35.33
N GLY B 521 -39.85 4.29 35.00
CA GLY B 521 -40.22 4.27 33.56
C GLY B 521 -39.45 3.17 32.82
N GLY B 522 -38.84 2.27 33.58
CA GLY B 522 -38.12 1.18 32.94
C GLY B 522 -36.67 1.48 32.58
N LYS B 523 -36.21 2.71 32.71
CA LYS B 523 -34.83 3.04 32.27
C LYS B 523 -33.83 2.24 33.07
N GLN B 524 -32.80 1.69 32.39
CA GLN B 524 -31.69 1.03 33.11
C GLN B 524 -30.44 1.18 32.27
N VAL B 525 -29.31 1.05 32.92
CA VAL B 525 -27.99 1.03 32.22
C VAL B 525 -27.46 -0.44 32.28
N SER B 526 -26.98 -0.91 31.17
CA SER B 526 -26.27 -2.20 31.17
C SER B 526 -24.86 -2.09 31.74
N LEU B 527 -24.31 -3.23 32.24
CA LEU B 527 -22.96 -3.23 32.65
C LEU B 527 -22.01 -2.98 31.48
N ALA B 528 -22.39 -3.49 30.31
CA ALA B 528 -21.53 -3.25 29.09
C ALA B 528 -21.34 -1.79 28.80
N ASP B 529 -22.45 -1.08 28.88
CA ASP B 529 -22.38 0.40 28.75
C ASP B 529 -21.62 1.01 29.86
N LEU B 530 -21.82 0.62 31.11
CA LEU B 530 -21.16 1.26 32.20
C LEU B 530 -19.64 1.08 32.19
N ILE B 531 -19.14 -0.10 31.79
CA ILE B 531 -17.72 -0.36 31.66
C ILE B 531 -17.04 0.67 30.70
N VAL B 532 -17.69 0.83 29.51
CA VAL B 532 -17.24 1.79 28.53
C VAL B 532 -17.36 3.27 28.98
N LEU B 533 -18.47 3.62 29.62
CA LEU B 533 -18.66 4.94 30.17
C LEU B 533 -17.63 5.21 31.25
N ALA B 534 -17.37 4.21 32.08
CA ALA B 534 -16.36 4.39 33.11
C ALA B 534 -14.95 4.63 32.59
N GLY B 535 -14.60 3.94 31.51
CA GLY B 535 -13.36 4.19 30.81
C GLY B 535 -13.24 5.60 30.21
N CYS B 536 -14.38 6.12 29.70
CA CYS B 536 -14.47 7.46 29.18
C CYS B 536 -14.24 8.46 30.35
N ALA B 537 -14.80 8.20 31.55
CA ALA B 537 -14.57 9.04 32.72
C ALA B 537 -13.14 9.01 33.10
N GLY B 538 -12.50 7.87 33.01
CA GLY B 538 -11.06 7.81 33.27
C GLY B 538 -10.20 8.64 32.34
N VAL B 539 -10.51 8.63 31.07
CA VAL B 539 -9.83 9.47 30.08
C VAL B 539 -10.09 10.96 30.32
N GLU B 540 -11.34 11.33 30.63
CA GLU B 540 -11.63 12.71 31.01
C GLU B 540 -10.86 13.19 32.24
N GLN B 541 -10.80 12.30 33.27
CA GLN B 541 -10.06 12.62 34.43
C GLN B 541 -8.54 12.77 34.11
N ALA B 542 -7.99 11.87 33.27
CA ALA B 542 -6.60 12.00 32.94
C ALA B 542 -6.28 13.31 32.18
N ALA B 543 -7.20 13.75 31.32
CA ALA B 543 -7.03 15.01 30.64
C ALA B 543 -7.09 16.16 31.65
N LYS B 544 -8.00 16.10 32.59
CA LYS B 544 -8.04 17.11 33.67
C LYS B 544 -6.72 17.17 34.50
N ASN B 545 -6.15 15.99 34.75
CA ASN B 545 -4.95 15.88 35.49
C ASN B 545 -3.78 16.58 34.73
N ALA B 546 -3.85 16.72 33.42
CA ALA B 546 -2.88 17.39 32.59
C ALA B 546 -3.23 18.86 32.33
N GLY B 547 -4.29 19.34 32.93
CA GLY B 547 -4.78 20.72 32.65
C GLY B 547 -5.57 20.96 31.42
N HIS B 548 -6.26 19.93 30.90
CA HIS B 548 -7.06 20.06 29.67
C HIS B 548 -8.60 19.76 29.99
N ALA B 549 -9.47 20.52 29.31
CA ALA B 549 -10.86 20.34 29.52
C ALA B 549 -11.32 19.47 28.33
N VAL B 550 -11.71 18.19 28.51
CA VAL B 550 -11.98 17.37 27.38
C VAL B 550 -13.27 16.61 27.73
N THR B 551 -14.12 16.52 26.76
CA THR B 551 -15.30 15.58 26.84
C THR B 551 -15.13 14.45 25.87
N VAL B 552 -15.29 13.23 26.37
CA VAL B 552 -15.08 12.04 25.51
C VAL B 552 -16.45 11.53 25.07
N PRO B 553 -16.66 11.36 23.81
CA PRO B 553 -18.00 10.96 23.33
C PRO B 553 -18.36 9.54 23.94
N PHE B 554 -19.65 9.30 24.01
CA PHE B 554 -20.13 8.00 24.52
C PHE B 554 -21.45 7.70 23.85
N ALA B 555 -21.65 6.50 23.34
CA ALA B 555 -22.92 6.06 22.80
C ALA B 555 -23.51 4.88 23.56
N PRO B 556 -24.66 5.07 24.24
CA PRO B 556 -25.27 3.93 24.94
C PRO B 556 -25.87 2.93 23.99
N GLY B 557 -26.32 1.83 24.59
CA GLY B 557 -27.08 0.82 23.88
C GLY B 557 -26.54 -0.58 23.83
N ARG B 558 -25.40 -0.79 24.42
CA ARG B 558 -24.90 -2.14 24.58
C ARG B 558 -25.78 -2.90 25.55
N ALA B 559 -25.88 -4.23 25.35
CA ALA B 559 -26.57 -5.11 26.28
C ALA B 559 -25.66 -6.14 26.88
N ASP B 560 -26.16 -6.77 27.93
CA ASP B 560 -25.33 -7.80 28.65
C ASP B 560 -25.76 -9.20 28.20
N ALA B 561 -24.83 -9.99 27.70
CA ALA B 561 -25.12 -11.38 27.33
C ALA B 561 -24.90 -12.24 28.60
N SER B 562 -25.59 -13.37 28.60
CA SER B 562 -25.44 -14.39 29.73
C SER B 562 -24.27 -15.37 29.44
N GLN B 563 -23.89 -16.07 30.51
CA GLN B 563 -22.94 -17.13 30.31
C GLN B 563 -23.44 -18.21 29.34
N GLU B 564 -24.70 -18.50 29.37
CA GLU B 564 -25.25 -19.56 28.50
C GLU B 564 -25.26 -19.08 27.03
N GLN B 565 -25.22 -17.76 26.74
CA GLN B 565 -25.03 -17.18 25.42
C GLN B 565 -23.62 -17.01 25.05
N THR B 566 -22.68 -17.57 25.80
CA THR B 566 -21.24 -17.36 25.60
C THR B 566 -20.53 -18.69 25.55
N ASP B 567 -20.22 -19.17 24.35
CA ASP B 567 -19.55 -20.51 24.19
C ASP B 567 -18.10 -20.35 24.62
N VAL B 568 -17.72 -20.94 25.72
CA VAL B 568 -16.43 -20.68 26.32
C VAL B 568 -15.23 -21.18 25.43
N GLU B 569 -15.40 -22.30 24.77
CA GLU B 569 -14.37 -22.81 23.86
C GLU B 569 -14.15 -21.95 22.63
N SER B 570 -15.23 -21.43 22.03
CA SER B 570 -15.17 -20.54 20.89
C SER B 570 -14.50 -19.21 21.27
N MET B 571 -14.71 -18.76 22.51
CA MET B 571 -14.10 -17.50 23.00
C MET B 571 -12.62 -17.54 23.22
N ALA B 572 -12.03 -18.74 23.34
CA ALA B 572 -10.60 -18.90 23.57
C ALA B 572 -9.75 -18.34 22.56
N VAL B 573 -10.22 -18.37 21.28
CA VAL B 573 -9.38 -17.75 20.25
C VAL B 573 -9.29 -16.32 20.30
N LEU B 574 -10.14 -15.66 21.10
CA LEU B 574 -9.99 -14.23 21.18
C LEU B 574 -9.03 -13.79 22.28
N GLU B 575 -8.50 -14.74 23.02
CA GLU B 575 -7.56 -14.34 24.09
C GLU B 575 -6.30 -13.65 23.54
N PRO B 576 -5.92 -12.51 24.07
CA PRO B 576 -4.75 -11.84 23.54
C PRO B 576 -3.56 -12.53 24.23
N VAL B 577 -2.76 -13.17 23.44
CA VAL B 577 -1.50 -13.63 23.90
C VAL B 577 -0.35 -12.59 23.59
N ALA B 578 -0.60 -11.63 22.73
CA ALA B 578 0.34 -10.53 22.60
C ALA B 578 -0.60 -9.29 22.49
N ASP B 579 -0.38 -8.28 23.28
CA ASP B 579 -1.13 -7.04 23.15
C ASP B 579 -0.14 -5.95 23.50
N GLY B 580 0.46 -5.43 22.46
CA GLY B 580 1.42 -4.38 22.58
C GLY B 580 0.90 -3.09 23.25
N PHE B 581 -0.42 -2.87 23.10
CA PHE B 581 -1.06 -1.74 23.69
C PHE B 581 -1.07 -1.75 25.22
N ARG B 582 -0.88 -2.95 25.77
CA ARG B 582 -0.74 -3.13 27.25
C ARG B 582 0.65 -3.66 27.63
N ASN B 583 1.59 -3.64 26.67
CA ASN B 583 2.94 -4.15 26.82
C ASN B 583 2.96 -5.58 27.34
N TYR B 584 2.08 -6.42 26.74
CA TYR B 584 1.91 -7.76 27.18
C TYR B 584 2.32 -8.77 26.14
N LEU B 585 3.08 -9.79 26.59
CA LEU B 585 3.34 -10.97 25.82
C LEU B 585 3.21 -12.19 26.74
N LYS B 586 2.41 -13.13 26.31
CA LYS B 586 2.08 -14.29 27.27
C LYS B 586 3.24 -15.21 27.32
N GLY B 587 3.95 -15.39 26.24
CA GLY B 587 5.16 -16.23 26.26
C GLY B 587 6.22 -15.71 25.35
N LYS B 588 7.25 -16.52 25.11
CA LYS B 588 8.36 -16.12 24.23
C LYS B 588 8.00 -16.70 22.82
N TYR B 589 7.93 -15.90 21.77
CA TYR B 589 7.44 -16.41 20.46
C TYR B 589 8.49 -16.21 19.41
N ARG B 590 8.27 -16.87 18.28
CA ARG B 590 9.21 -16.84 17.14
C ARG B 590 9.07 -15.49 16.44
N VAL B 591 7.85 -14.97 16.38
CA VAL B 591 7.61 -13.72 15.66
C VAL B 591 7.93 -12.51 16.52
N PRO B 592 8.68 -11.49 16.01
CA PRO B 592 9.12 -10.41 16.96
C PRO B 592 7.85 -9.57 17.43
N ALA B 593 7.95 -9.04 18.62
CA ALA B 593 6.83 -8.45 19.24
C ALA B 593 6.27 -7.24 18.49
N GLU B 594 7.13 -6.48 17.83
CA GLU B 594 6.63 -5.37 17.04
C GLU B 594 5.79 -5.82 15.83
N VAL B 595 6.12 -6.97 15.22
CA VAL B 595 5.24 -7.56 14.18
C VAL B 595 3.89 -7.96 14.73
N LEU B 596 3.84 -8.46 15.98
CA LEU B 596 2.62 -8.83 16.65
C LEU B 596 1.78 -7.58 16.95
N LEU B 597 2.45 -6.46 17.26
CA LEU B 597 1.70 -5.19 17.54
C LEU B 597 1.04 -4.73 16.21
N VAL B 598 1.74 -4.76 15.09
CA VAL B 598 1.12 -4.32 13.83
C VAL B 598 -0.05 -5.26 13.44
N ASP B 599 0.11 -6.53 13.72
CA ASP B 599 -0.97 -7.54 13.48
C ASP B 599 -2.23 -7.19 14.29
N LYS B 600 -2.05 -6.89 15.56
CA LYS B 600 -3.14 -6.48 16.45
C LYS B 600 -3.79 -5.14 15.96
N ALA B 601 -2.95 -4.18 15.61
CA ALA B 601 -3.48 -2.97 15.03
C ALA B 601 -4.33 -3.20 13.84
N GLN B 602 -3.95 -4.15 12.98
CA GLN B 602 -4.72 -4.44 11.80
C GLN B 602 -6.05 -5.04 12.14
N LEU B 603 -6.08 -5.92 13.13
CA LEU B 603 -7.37 -6.54 13.61
C LEU B 603 -8.28 -5.49 14.21
N LEU B 604 -7.70 -4.46 14.92
CA LEU B 604 -8.47 -3.38 15.42
C LEU B 604 -8.90 -2.30 14.44
N THR B 605 -8.46 -2.48 13.21
CA THR B 605 -8.77 -1.59 12.13
C THR B 605 -8.07 -0.26 12.17
N LEU B 606 -6.94 -0.21 12.87
CA LEU B 606 -6.23 1.07 13.08
C LEU B 606 -5.22 1.35 11.92
N SER B 607 -5.06 2.60 11.62
CA SER B 607 -3.97 3.05 10.74
C SER B 607 -2.68 3.22 11.61
N ALA B 608 -1.59 3.42 10.92
CA ALA B 608 -0.37 3.68 11.66
C ALA B 608 -0.37 4.91 12.57
N PRO B 609 -0.86 6.04 12.15
CA PRO B 609 -1.04 7.15 13.08
C PRO B 609 -1.95 6.85 14.22
N GLU B 610 -3.05 6.15 13.97
CA GLU B 610 -3.91 5.79 15.10
C GLU B 610 -3.26 4.83 16.12
N MET B 611 -2.55 3.86 15.62
CA MET B 611 -1.81 2.88 16.49
C MET B 611 -0.78 3.69 17.33
N THR B 612 -0.09 4.62 16.72
CA THR B 612 0.97 5.43 17.38
C THR B 612 0.41 6.22 18.54
N VAL B 613 -0.66 7.00 18.27
CA VAL B 613 -1.27 7.85 19.28
C VAL B 613 -1.82 7.06 20.42
N LEU B 614 -2.51 5.99 20.06
CA LEU B 614 -3.16 5.16 21.02
C LEU B 614 -2.14 4.55 22.01
N LEU B 615 -1.08 4.00 21.46
CA LEU B 615 -0.11 3.29 22.29
C LEU B 615 0.61 4.29 23.22
N GLY B 616 0.95 5.45 22.68
CA GLY B 616 1.64 6.45 23.47
C GLY B 616 0.77 7.02 24.58
N GLY B 617 -0.53 7.09 24.33
CA GLY B 617 -1.43 7.53 25.39
C GLY B 617 -1.67 6.47 26.45
N LEU B 618 -1.95 5.24 25.99
CA LEU B 618 -2.20 4.16 26.93
C LEU B 618 -0.98 4.00 27.92
N ARG B 619 0.24 4.12 27.41
CA ARG B 619 1.43 3.99 28.26
C ARG B 619 1.43 4.95 29.48
N VAL B 620 1.05 6.22 29.21
CA VAL B 620 1.05 7.20 30.30
C VAL B 620 -0.19 7.20 31.16
N LEU B 621 -1.25 6.53 30.73
CA LEU B 621 -2.48 6.35 31.50
C LEU B 621 -2.41 5.19 32.48
N GLY B 622 -1.40 4.29 32.35
CA GLY B 622 -1.27 3.14 33.31
C GLY B 622 -1.99 1.93 32.82
N ALA B 623 -2.15 1.77 31.49
CA ALA B 623 -2.78 0.64 30.97
C ALA B 623 -1.88 -0.62 30.86
N ASN B 624 -0.59 -0.57 31.21
CA ASN B 624 0.23 -1.78 31.13
C ASN B 624 -0.26 -2.89 32.09
N VAL B 625 -0.20 -4.12 31.63
CA VAL B 625 -0.42 -5.31 32.49
C VAL B 625 0.67 -5.29 33.62
N GLY B 626 0.21 -5.55 34.82
CA GLY B 626 1.02 -5.61 36.02
C GLY B 626 1.62 -4.33 36.44
N GLN B 627 1.12 -3.19 35.96
CA GLN B 627 1.70 -1.88 36.30
C GLN B 627 3.25 -1.85 35.92
N SER B 628 3.63 -2.60 34.90
CA SER B 628 5.00 -2.59 34.33
C SER B 628 5.41 -1.18 34.05
N ARG B 629 6.67 -0.83 34.36
CA ARG B 629 7.17 0.50 34.02
C ARG B 629 7.70 0.57 32.55
N HIS B 630 7.72 -0.53 31.83
CA HIS B 630 8.28 -0.54 30.52
C HIS B 630 7.44 0.44 29.62
N GLY B 631 8.12 1.40 29.02
CA GLY B 631 7.51 2.38 28.16
C GLY B 631 6.72 3.44 28.86
N VAL B 632 6.76 3.52 30.19
CA VAL B 632 6.06 4.54 30.90
C VAL B 632 6.93 5.77 31.04
N PHE B 633 7.15 6.43 29.90
CA PHE B 633 8.08 7.52 29.82
C PHE B 633 7.53 8.87 30.25
N THR B 634 7.14 8.97 31.50
CA THR B 634 6.61 10.16 32.05
C THR B 634 6.87 10.17 33.57
N ALA B 635 6.87 11.37 34.13
CA ALA B 635 6.86 11.58 35.61
C ALA B 635 5.49 11.98 36.08
N ARG B 636 4.50 11.95 35.15
CA ARG B 636 3.11 12.25 35.54
C ARG B 636 2.16 11.19 35.01
N GLU B 637 2.35 10.00 35.52
CA GLU B 637 1.44 8.91 35.18
C GLU B 637 -0.03 9.27 35.54
N GLN B 638 -0.95 8.77 34.74
CA GLN B 638 -2.38 9.03 34.89
C GLN B 638 -2.77 10.47 34.46
N ALA B 639 -1.86 11.19 33.79
CA ALA B 639 -2.21 12.40 33.13
C ALA B 639 -2.02 12.18 31.60
N LEU B 640 -3.01 12.67 30.85
CA LEU B 640 -3.00 12.48 29.36
C LEU B 640 -2.15 13.54 28.74
N THR B 641 -0.91 13.17 28.48
CA THR B 641 0.07 14.09 27.85
C THR B 641 0.77 13.30 26.72
N ASN B 642 1.55 14.04 25.92
CA ASN B 642 2.42 13.46 24.86
C ASN B 642 3.79 13.12 25.37
N ASP B 643 3.99 12.96 26.68
CA ASP B 643 5.30 12.67 27.27
C ASP B 643 6.00 11.43 26.67
N PHE B 644 5.24 10.37 26.28
CA PHE B 644 5.81 9.16 25.79
C PHE B 644 6.73 9.54 24.56
N PHE B 645 6.16 10.37 23.70
CA PHE B 645 6.85 10.79 22.48
C PHE B 645 8.05 11.70 22.72
N VAL B 646 7.85 12.67 23.50
CA VAL B 646 8.92 13.68 23.81
C VAL B 646 10.10 12.97 24.46
N ASN B 647 9.82 12.10 25.45
CA ASN B 647 10.95 11.39 26.07
C ASN B 647 11.55 10.29 25.20
N LEU B 648 10.73 9.56 24.44
CA LEU B 648 11.34 8.47 23.63
C LEU B 648 12.33 9.13 22.62
N LEU B 649 11.99 10.32 22.07
CA LEU B 649 12.82 10.90 21.02
C LEU B 649 13.97 11.77 21.56
N ASP B 650 14.14 11.83 22.85
CA ASP B 650 15.23 12.64 23.41
C ASP B 650 16.63 11.94 23.21
N MET B 651 17.45 12.59 22.42
CA MET B 651 18.73 12.05 22.09
C MET B 651 19.71 12.13 23.32
N GLY B 652 19.32 12.84 24.33
CA GLY B 652 20.07 12.73 25.64
C GLY B 652 20.11 11.34 26.27
N THR B 653 19.25 10.41 25.83
CA THR B 653 19.23 9.06 26.31
C THR B 653 19.80 8.07 25.31
N GLU B 654 20.64 7.14 25.75
CA GLU B 654 21.17 6.07 24.98
C GLU B 654 20.50 4.75 25.39
N TRP B 655 20.17 3.86 24.47
CA TRP B 655 19.51 2.66 24.79
C TRP B 655 20.37 1.41 24.48
N LYS B 656 20.27 0.39 25.33
CA LYS B 656 20.95 -0.91 25.14
C LYS B 656 20.17 -2.06 25.69
N PRO B 657 20.19 -3.24 25.02
CA PRO B 657 19.53 -4.40 25.59
C PRO B 657 20.17 -4.84 26.89
N THR B 658 19.40 -5.44 27.78
CA THR B 658 19.95 -5.93 29.09
C THR B 658 20.59 -7.28 28.84
N ALA B 659 21.57 -7.59 29.69
CA ALA B 659 22.24 -8.96 29.80
C ALA B 659 21.23 -10.03 30.23
N ALA B 660 20.43 -9.73 31.25
CA ALA B 660 19.32 -10.66 31.70
C ALA B 660 18.35 -11.07 30.56
N ASP B 661 17.99 -10.10 29.67
CA ASP B 661 16.94 -10.30 28.66
C ASP B 661 17.18 -9.31 27.42
N ALA B 662 17.57 -9.84 26.29
CA ALA B 662 17.79 -9.08 25.02
C ALA B 662 16.53 -8.29 24.50
N ASP B 663 15.37 -8.60 25.04
CA ASP B 663 14.09 -8.03 24.65
C ASP B 663 13.63 -6.89 25.57
N VAL B 664 14.42 -6.55 26.57
CA VAL B 664 14.21 -5.43 27.40
C VAL B 664 15.44 -4.51 27.23
N PHE B 665 15.17 -3.20 27.17
CA PHE B 665 16.16 -2.26 26.94
C PHE B 665 16.18 -1.27 28.03
N GLU B 666 17.37 -0.75 28.37
CA GLU B 666 17.59 0.28 29.32
C GLU B 666 18.03 1.57 28.70
N GLY B 667 17.42 2.65 29.05
CA GLY B 667 17.71 3.97 28.48
C GLY B 667 18.42 4.79 29.57
N ARG B 668 19.65 5.11 29.29
CA ARG B 668 20.52 5.87 30.23
C ARG B 668 20.89 7.22 29.74
N ASP B 669 21.03 8.18 30.64
CA ASP B 669 21.65 9.45 30.30
C ASP B 669 23.03 9.26 29.65
N ARG B 670 23.18 9.88 28.52
CA ARG B 670 24.36 9.74 27.69
C ARG B 670 25.65 10.25 28.37
N ALA B 671 25.49 11.31 29.12
CA ALA B 671 26.61 12.07 29.74
C ALA B 671 26.96 11.39 31.08
N THR B 672 25.97 11.04 31.92
CA THR B 672 26.26 10.41 33.25
C THR B 672 26.20 8.92 33.35
N GLY B 673 25.49 8.24 32.48
CA GLY B 673 25.29 6.82 32.65
C GLY B 673 24.07 6.45 33.51
N GLU B 674 23.41 7.43 34.09
CA GLU B 674 22.37 7.10 35.02
C GLU B 674 21.12 6.47 34.26
N LEU B 675 20.54 5.42 34.83
CA LEU B 675 19.27 4.83 34.28
C LEU B 675 18.13 5.75 34.37
N LYS B 676 17.46 6.06 33.22
CA LYS B 676 16.24 6.89 33.26
C LYS B 676 14.93 6.08 32.97
N TRP B 677 15.02 5.11 32.12
CA TRP B 677 13.82 4.32 31.69
C TRP B 677 14.13 2.93 31.31
N THR B 678 13.09 2.05 31.17
CA THR B 678 13.25 0.76 30.54
C THR B 678 12.06 0.65 29.55
N GLY B 679 12.28 -0.15 28.51
CA GLY B 679 11.28 -0.45 27.50
C GLY B 679 11.48 -1.76 26.84
N THR B 680 10.43 -2.19 26.12
CA THR B 680 10.42 -3.38 25.33
C THR B 680 10.66 -3.07 23.88
N ARG B 681 10.68 -4.09 23.04
CA ARG B 681 10.75 -3.87 21.60
C ARG B 681 9.53 -3.05 21.11
N VAL B 682 8.34 -3.32 21.67
CA VAL B 682 7.15 -2.58 21.28
C VAL B 682 7.30 -1.11 21.60
N ASP B 683 7.88 -0.75 22.71
CA ASP B 683 8.10 0.65 23.01
C ASP B 683 9.08 1.29 22.06
N LEU B 684 10.18 0.62 21.89
CA LEU B 684 11.31 1.23 21.15
C LEU B 684 11.21 1.24 19.66
N VAL B 685 10.33 0.42 19.05
CA VAL B 685 10.19 0.43 17.62
C VAL B 685 9.73 1.76 17.11
N PHE B 686 9.04 2.54 17.94
CA PHE B 686 8.58 3.86 17.60
C PHE B 686 9.74 4.84 17.48
N GLY B 687 10.91 4.52 18.03
CA GLY B 687 12.10 5.33 17.85
C GLY B 687 13.10 4.75 16.86
N SER B 688 12.78 3.62 16.27
CA SER B 688 13.67 2.95 15.37
C SER B 688 13.17 2.82 13.92
N HIS B 689 11.96 2.29 13.71
CA HIS B 689 11.39 2.16 12.41
C HIS B 689 11.26 3.59 11.79
N SER B 690 11.72 3.74 10.55
CA SER B 690 11.81 5.11 10.05
C SER B 690 10.45 5.73 9.78
N GLN B 691 9.42 4.95 9.46
CA GLN B 691 8.07 5.51 9.29
CA GLN B 691 8.07 5.50 9.30
C GLN B 691 7.37 5.74 10.64
N LEU B 692 7.48 4.78 11.56
CA LEU B 692 6.92 5.03 12.90
C LEU B 692 7.60 6.20 13.60
N ARG B 693 8.90 6.36 13.44
CA ARG B 693 9.57 7.44 14.13
C ARG B 693 9.11 8.79 13.52
N ALA B 694 8.84 8.81 12.22
CA ALA B 694 8.31 10.06 11.61
C ALA B 694 6.92 10.45 12.22
N LEU B 695 6.09 9.45 12.52
CA LEU B 695 4.85 9.69 13.23
C LEU B 695 5.07 10.13 14.67
N ALA B 696 5.93 9.45 15.40
CA ALA B 696 6.24 9.89 16.78
C ALA B 696 6.75 11.34 16.88
N GLU B 697 7.52 11.76 15.86
CA GLU B 697 7.99 13.12 15.79
C GLU B 697 6.90 14.16 15.75
N VAL B 698 5.81 13.89 14.99
CA VAL B 698 4.71 14.81 14.92
C VAL B 698 4.10 15.00 16.36
N TYR B 699 3.89 13.91 17.02
CA TYR B 699 3.24 13.98 18.37
C TYR B 699 4.17 14.42 19.45
N GLY B 700 5.50 14.34 19.24
CA GLY B 700 6.50 14.83 20.20
C GLY B 700 7.01 16.22 19.95
N SER B 701 6.41 16.95 19.05
CA SER B 701 6.77 18.31 18.76
C SER B 701 6.14 19.28 19.75
N ALA B 702 6.72 20.45 19.87
CA ALA B 702 6.28 21.44 20.85
C ALA B 702 4.92 22.03 20.60
N ASP B 703 4.38 21.92 19.47
CA ASP B 703 3.11 22.38 19.06
C ASP B 703 1.99 21.28 19.11
N ALA B 704 2.31 20.13 19.66
CA ALA B 704 1.43 19.02 19.40
C ALA B 704 0.63 18.53 20.61
N GLN B 705 0.69 19.21 21.72
CA GLN B 705 -0.02 18.65 22.92
C GLN B 705 -1.54 18.56 22.73
N GLU B 706 -2.14 19.60 22.18
CA GLU B 706 -3.58 19.59 21.95
C GLU B 706 -3.98 18.62 20.87
N LYS B 707 -3.21 18.55 19.82
CA LYS B 707 -3.40 17.59 18.79
C LYS B 707 -3.33 16.15 19.32
N PHE B 708 -2.31 15.86 20.13
CA PHE B 708 -2.19 14.56 20.74
C PHE B 708 -3.51 14.19 21.55
N VAL B 709 -3.99 15.10 22.37
CA VAL B 709 -5.15 14.84 23.24
C VAL B 709 -6.37 14.59 22.34
N ARG B 710 -6.59 15.40 21.32
CA ARG B 710 -7.74 15.22 20.48
C ARG B 710 -7.68 13.98 19.67
N ASP B 711 -6.55 13.68 19.08
CA ASP B 711 -6.37 12.47 18.36
C ASP B 711 -6.51 11.21 19.24
N PHE B 712 -6.02 11.26 20.46
CA PHE B 712 -6.15 10.12 21.39
C PHE B 712 -7.64 9.89 21.66
N VAL B 713 -8.37 10.96 21.99
CA VAL B 713 -9.84 10.83 22.27
C VAL B 713 -10.55 10.20 21.10
N ALA B 714 -10.22 10.60 19.86
CA ALA B 714 -10.86 10.07 18.73
C ALA B 714 -10.61 8.58 18.56
N VAL B 715 -9.38 8.17 18.69
CA VAL B 715 -8.99 6.76 18.50
C VAL B 715 -9.57 5.92 19.67
N TRP B 716 -9.56 6.45 20.91
CA TRP B 716 -10.21 5.75 22.05
C TRP B 716 -11.68 5.46 21.73
N ASN B 717 -12.38 6.51 21.24
CA ASN B 717 -13.79 6.39 20.90
C ASN B 717 -13.98 5.38 19.79
N LYS B 718 -13.12 5.42 18.76
CA LYS B 718 -13.17 4.46 17.75
C LYS B 718 -13.16 3.01 18.28
N VAL B 719 -12.19 2.71 19.13
CA VAL B 719 -12.05 1.37 19.65
C VAL B 719 -13.29 0.98 20.49
N MET B 720 -13.83 1.92 21.27
CA MET B 720 -15.02 1.67 22.10
C MET B 720 -16.20 1.30 21.21
N ASN B 721 -16.28 1.78 19.98
CA ASN B 721 -17.46 1.54 19.13
C ASN B 721 -17.22 0.50 18.01
N LEU B 722 -16.17 -0.30 18.03
CA LEU B 722 -15.84 -1.12 16.84
C LEU B 722 -16.97 -2.13 16.55
N ASP B 723 -17.62 -2.65 17.64
CA ASP B 723 -18.61 -3.69 17.44
C ASP B 723 -20.02 -3.10 17.34
N ARG B 724 -20.22 -1.77 17.17
CA ARG B 724 -21.53 -1.18 17.38
C ARG B 724 -22.33 -1.17 16.04
N PHE B 725 -22.58 -2.33 15.49
CA PHE B 725 -23.26 -2.45 14.22
C PHE B 725 -24.77 -2.13 14.41
N ASP B 726 -25.25 -2.16 15.65
CA ASP B 726 -26.61 -1.68 16.02
C ASP B 726 -26.79 -0.23 15.74
N LEU B 727 -25.74 0.57 15.57
CA LEU B 727 -25.83 1.99 15.32
C LEU B 727 -25.55 2.33 13.86
N ALA B 728 -24.91 1.39 13.11
CA ALA B 728 -24.46 1.57 11.69
C ALA B 728 -25.64 1.93 10.77
#